data_5GWI
#
_entry.id   5GWI
#
_cell.length_a   79.788
_cell.length_b   176.966
_cell.length_c   94.528
_cell.angle_alpha   90.00
_cell.angle_beta   112.30
_cell.angle_gamma   90.00
#
_symmetry.space_group_name_H-M   'P 1 21 1'
#
loop_
_entity.id
_entity.type
_entity.pdbx_description
1 polymer 'DNA topoisomerase 2-beta'
2 polymer "DNA (5'-D(P*AP*GP*CP*CP*GP*AP*GP*C)-3')"
3 polymer "DNA (5'-D(P*TP*GP*CP*AP*GP*CP*TP*CP*GP*GP*CP*T)-3')"
4 non-polymer "dichloro{4,5-di(amino-kappaN)-N-[9-(4-hydroxy-3,5-dimethoxyphenyl)-8-oxo-5,5a,6,8,8a,9-hexahydro-2H-furo[3',4':6,7]naphtho[2,3-d][1,3]dioxol-5-yl]pentanamide}platinum"
5 non-polymer "dichloro{4,5-di(amino-kappaN)-N-[9-(4-hydroxy-3,5-dimethoxyphenyl)-8-oxo-5,5a,6,8,8a,9-hexahydro-2H-furo[3',4':6,7]naphtho[2,3-d][1,3]dioxol-5-yl]pentanamide}platinum"
6 non-polymer 'MAGNESIUM ION'
7 water water
#
loop_
_entity_poly.entity_id
_entity_poly.type
_entity_poly.pdbx_seq_one_letter_code
_entity_poly.pdbx_strand_id
1 'polypeptide(L)'
;MASWSHPQFEKGADDDDKVPDPTSVDSVKYSKIKGIPKLDDANDAGGKHSLECTLILTEGDSAKSLAVSGLGVIGRDRYG
VFPLRGKILNVREASHKQIMENAEINNIIKIVGLQYKKSYDDAESLKTLRYGKIMIMTDQDQDGSHIKGLLINFIHHNWP
SLLKHGFLEEFITPIVKASKNKQELSFYSIPEFDEWKKHIENQKAWKIKYYKGLGTSTAKEAKEYFADMERHRILFRYAG
PEDDAAITLAFSKKKIDDRKEWLTNFMEDRRQRRLHGLPEQFLYGTATKHLTYNDFINKELILFSNSDNERSIPSLVDGF
KPGQRKVLFTCFKRNDKREVKVAQLAGSVAEMSAYHHGEQALMMTIVNLAQNFVGSNNINLLQPIGQFGTRLHGGKDAAS
PRYIFTMLSTLARLLFPAVDDNLLKFLYDDNQRVEPEWYIPIIPMVLINGAEGIGTGWACKLPNYDAREIVNNVRRMLDG
LDPHPMLPNYKNFKGTIQELGQNQYAVSGEIFVVDRNTVEITELPVRTWTQVYKEQVLEPMLNGTDKTPALISDYKEYHT
DTTVKFVVKMTEEKLAQAEAAGLHKVFKLQTTLTCNSMVLFDHMGCLKKYETVQDILKEFFDLRLSYYGLRKEWLVGMLG
AESTKLNNQARFILEKIQGKITIENRSKKDLIQMLVQRGYESDPVKAWKEAQEKAAEEDETQNQHDDSSSDSGTPSGPDF
NYILNMSLWSLTKEKVEELIKQRDAKGREVNDLKRKSPSDLWKEDLAAFVEELDKVESQEREDGAPGFSSISAHHHHHHH
HHH
;
A,B
2 'polydeoxyribonucleotide' (DA)(DG)(DC)(DC)(DG)(DA)(DG)(DC) C,E
3 'polydeoxyribonucleotide' (DT)(DG)(DC)(DA)(DG)(DC)(DT)(DC)(DG)(DG)(DC)(DT) D,F
#
loop_
_chem_comp.id
_chem_comp.type
_chem_comp.name
_chem_comp.formula
DA DNA linking 2'-DEOXYADENOSINE-5'-MONOPHOSPHATE 'C10 H14 N5 O6 P'
DC DNA linking 2'-DEOXYCYTIDINE-5'-MONOPHOSPHATE 'C9 H14 N3 O7 P'
DG DNA linking 2'-DEOXYGUANOSINE-5'-MONOPHOSPHATE 'C10 H14 N5 O7 P'
DT DNA linking THYMIDINE-5'-MONOPHOSPHATE 'C10 H15 N2 O8 P'
MG non-polymer 'MAGNESIUM ION' 'Mg 2'
N2N non-polymer dichloro{4,5-di(amino-kappaN)-N-[9-(4-hydroxy-3,5-dimethoxyphenyl)-8-oxo-5,5a,6,8,8a,9-hexahydro-2H-furo[3',4':6,7]naphtho[2,3-d][1,3]dioxol-5-yl]pentanamide}platinum 'C26 H31 Cl2 N3 O8 Pt'
N2R non-polymer dichloro{4,5-di(amino-kappaN)-N-[9-(4-hydroxy-3,5-dimethoxyphenyl)-8-oxo-5,5a,6,8,8a,9-hexahydro-2H-furo[3',4':6,7]naphtho[2,3-d][1,3]dioxol-5-yl]pentanamide}platinum 'C26 H31 Cl2 N3 O8 Pt'
#
# COMPACT_ATOMS: atom_id res chain seq x y z
N LYS A 34 -7.43 -11.97 36.04
CA LYS A 34 -7.51 -11.75 34.60
C LYS A 34 -6.20 -12.14 33.92
N GLY A 35 -5.73 -11.29 33.01
CA GLY A 35 -4.49 -11.54 32.30
C GLY A 35 -4.66 -11.63 30.81
N ILE A 36 -5.75 -11.08 30.29
CA ILE A 36 -6.03 -11.07 28.85
C ILE A 36 -6.13 -9.63 28.39
N PRO A 37 -5.19 -9.14 27.57
CA PRO A 37 -5.18 -7.71 27.20
C PRO A 37 -6.36 -7.30 26.33
N LYS A 38 -6.58 -7.99 25.22
CA LYS A 38 -7.58 -7.58 24.24
C LYS A 38 -9.01 -7.93 24.66
N LEU A 39 -9.23 -8.26 25.92
CA LEU A 39 -10.57 -8.63 26.41
C LEU A 39 -11.24 -7.43 27.06
N ASP A 40 -12.47 -7.16 26.67
CA ASP A 40 -13.33 -6.17 27.32
C ASP A 40 -14.41 -6.95 28.07
N ASP A 41 -14.03 -7.48 29.23
CA ASP A 41 -14.92 -8.34 29.99
C ASP A 41 -16.12 -7.55 30.51
N ALA A 42 -17.25 -8.25 30.63
CA ALA A 42 -18.46 -7.63 31.16
C ALA A 42 -18.32 -7.41 32.66
N ASN A 43 -19.01 -6.38 33.15
CA ASN A 43 -18.95 -6.04 34.57
C ASN A 43 -19.58 -7.14 35.42
N ASP A 44 -20.71 -7.69 34.98
CA ASP A 44 -21.42 -8.71 35.73
C ASP A 44 -20.90 -10.12 35.45
N ALA A 45 -19.86 -10.27 34.65
CA ALA A 45 -19.31 -11.58 34.35
C ALA A 45 -18.53 -12.10 35.55
N GLY A 46 -18.84 -13.33 35.97
CA GLY A 46 -18.19 -13.95 37.10
C GLY A 46 -18.98 -13.85 38.40
N GLY A 47 -19.93 -12.92 38.48
CA GLY A 47 -20.72 -12.73 39.67
C GLY A 47 -21.96 -13.60 39.73
N LYS A 48 -23.05 -13.05 40.25
CA LYS A 48 -24.30 -13.79 40.38
C LYS A 48 -25.15 -13.74 39.12
N HIS A 49 -24.87 -12.80 38.21
CA HIS A 49 -25.54 -12.71 36.92
C HIS A 49 -24.70 -13.29 35.78
N SER A 50 -23.88 -14.30 36.07
CA SER A 50 -22.99 -14.84 35.05
C SER A 50 -23.76 -15.50 33.91
N LEU A 51 -24.77 -16.29 34.24
CA LEU A 51 -25.55 -16.97 33.21
C LEU A 51 -26.40 -16.02 32.37
N GLU A 52 -26.53 -14.76 32.78
CA GLU A 52 -27.26 -13.76 32.01
C GLU A 52 -26.37 -12.90 31.14
N CYS A 53 -25.06 -13.15 31.14
CA CYS A 53 -24.11 -12.40 30.34
C CYS A 53 -23.81 -13.13 29.04
N THR A 54 -23.55 -12.36 27.99
CA THR A 54 -23.27 -12.90 26.66
C THR A 54 -21.89 -12.43 26.21
N LEU A 55 -21.06 -13.37 25.78
CA LEU A 55 -19.73 -13.08 25.27
C LEU A 55 -19.79 -12.91 23.76
N ILE A 56 -19.35 -11.75 23.27
CA ILE A 56 -19.36 -11.43 21.85
C ILE A 56 -17.98 -11.73 21.29
N LEU A 57 -17.88 -12.76 20.45
CA LEU A 57 -16.65 -13.09 19.75
C LEU A 57 -16.70 -12.48 18.35
N THR A 58 -15.79 -11.55 18.09
CA THR A 58 -15.79 -10.80 16.83
C THR A 58 -14.72 -11.33 15.88
N GLU A 59 -14.89 -11.00 14.60
CA GLU A 59 -13.94 -11.40 13.55
C GLU A 59 -12.92 -10.28 13.38
N GLY A 60 -11.88 -10.31 14.20
CA GLY A 60 -10.81 -9.34 14.12
C GLY A 60 -10.98 -8.20 15.11
N ASP A 61 -9.92 -7.40 15.20
CA ASP A 61 -9.93 -6.25 16.10
C ASP A 61 -10.78 -5.10 15.56
N SER A 62 -10.93 -5.00 14.24
CA SER A 62 -11.78 -3.97 13.67
C SER A 62 -13.23 -4.17 14.07
N ALA A 63 -13.70 -5.41 14.07
CA ALA A 63 -15.06 -5.70 14.52
C ALA A 63 -15.19 -5.54 16.02
N LYS A 64 -14.10 -5.71 16.77
CA LYS A 64 -14.14 -5.51 18.21
C LYS A 64 -14.37 -4.04 18.56
N SER A 65 -13.69 -3.13 17.86
CA SER A 65 -13.87 -1.71 18.12
C SER A 65 -15.27 -1.24 17.77
N LEU A 66 -15.92 -1.87 16.80
CA LEU A 66 -17.29 -1.52 16.46
C LEU A 66 -18.30 -2.16 17.40
N ALA A 67 -17.93 -3.23 18.11
CA ALA A 67 -18.85 -3.85 19.04
C ALA A 67 -18.90 -3.10 20.37
N VAL A 68 -17.76 -2.60 20.83
CA VAL A 68 -17.74 -1.86 22.09
C VAL A 68 -18.43 -0.51 21.93
N SER A 69 -18.26 0.14 20.79
CA SER A 69 -18.92 1.42 20.54
C SER A 69 -20.41 1.25 20.29
N GLY A 70 -20.85 0.06 19.87
CA GLY A 70 -22.27 -0.18 19.68
C GLY A 70 -22.99 -0.52 20.96
N LEU A 71 -22.30 -1.18 21.90
CA LEU A 71 -22.90 -1.48 23.19
C LEU A 71 -23.12 -0.22 24.00
N GLY A 72 -22.31 0.82 23.78
CA GLY A 72 -22.46 2.05 24.54
C GLY A 72 -22.09 1.85 25.99
N VAL A 73 -22.80 2.54 26.88
CA VAL A 73 -22.55 2.44 28.30
C VAL A 73 -23.38 1.32 28.93
N ILE A 74 -24.61 1.13 28.45
CA ILE A 74 -25.48 0.11 29.01
C ILE A 74 -25.05 -1.29 28.62
N GLY A 75 -24.33 -1.43 27.50
CA GLY A 75 -23.97 -2.75 27.02
C GLY A 75 -22.89 -3.43 27.83
N ARG A 76 -21.98 -2.66 28.42
CA ARG A 76 -20.85 -3.22 29.14
C ARG A 76 -21.25 -3.95 30.42
N ASP A 77 -22.52 -3.89 30.82
CA ASP A 77 -22.94 -4.55 32.05
C ASP A 77 -23.03 -6.06 31.86
N ARG A 78 -23.70 -6.51 30.80
CA ARG A 78 -23.94 -7.93 30.57
C ARG A 78 -23.53 -8.35 29.16
N TYR A 79 -22.51 -7.71 28.60
CA TYR A 79 -21.98 -8.10 27.30
C TYR A 79 -20.48 -7.90 27.29
N GLY A 80 -19.75 -8.97 26.96
CA GLY A 80 -18.30 -8.92 26.82
C GLY A 80 -17.91 -9.09 25.36
N VAL A 81 -16.80 -8.46 24.98
CA VAL A 81 -16.31 -8.47 23.61
C VAL A 81 -14.89 -9.01 23.61
N PHE A 82 -14.61 -9.96 22.72
CA PHE A 82 -13.29 -10.54 22.56
C PHE A 82 -13.04 -10.77 21.07
N PRO A 83 -11.88 -10.38 20.54
CA PRO A 83 -11.63 -10.53 19.11
C PRO A 83 -10.91 -11.81 18.75
N LEU A 84 -11.32 -12.41 17.64
CA LEU A 84 -10.68 -13.58 17.09
C LEU A 84 -9.80 -13.17 15.90
N ARG A 85 -8.61 -13.77 15.83
CA ARG A 85 -7.63 -13.42 14.79
C ARG A 85 -7.70 -14.42 13.63
N GLY A 86 -8.91 -14.54 13.07
CA GLY A 86 -9.09 -15.39 11.90
C GLY A 86 -9.65 -16.76 12.20
N LYS A 87 -9.32 -17.73 11.36
CA LYS A 87 -9.79 -19.10 11.55
C LYS A 87 -9.18 -19.70 12.81
N ILE A 88 -9.99 -20.46 13.53
CA ILE A 88 -9.55 -21.10 14.77
C ILE A 88 -9.25 -22.56 14.49
N LEU A 89 -8.63 -23.22 15.47
CA LEU A 89 -8.21 -24.60 15.32
C LEU A 89 -9.40 -25.54 15.24
N ASN A 90 -9.32 -26.52 14.34
CA ASN A 90 -10.31 -27.58 14.23
C ASN A 90 -9.94 -28.67 15.23
N VAL A 91 -10.55 -28.63 16.41
CA VAL A 91 -10.19 -29.50 17.53
C VAL A 91 -10.68 -30.92 17.40
N ARG A 92 -11.44 -31.25 16.35
CA ARG A 92 -12.00 -32.59 16.24
C ARG A 92 -10.91 -33.63 16.00
N GLU A 93 -10.07 -33.43 14.97
CA GLU A 93 -8.99 -34.34 14.67
C GLU A 93 -7.61 -33.73 14.88
N ALA A 94 -7.52 -32.67 15.67
CA ALA A 94 -6.22 -32.07 15.98
C ALA A 94 -5.53 -32.86 17.09
N SER A 95 -4.20 -32.76 17.09
CA SER A 95 -3.40 -33.47 18.09
C SER A 95 -3.62 -32.86 19.48
N HIS A 96 -3.41 -33.68 20.50
CA HIS A 96 -3.61 -33.21 21.88
C HIS A 96 -2.62 -32.12 22.25
N LYS A 97 -1.40 -32.18 21.70
CA LYS A 97 -0.41 -31.15 21.98
C LYS A 97 -0.79 -29.83 21.34
N GLN A 98 -1.35 -29.88 20.12
CA GLN A 98 -1.73 -28.65 19.43
C GLN A 98 -2.89 -27.96 20.10
N ILE A 99 -3.75 -28.71 20.79
CA ILE A 99 -4.92 -28.12 21.44
C ILE A 99 -4.50 -27.35 22.68
N MET A 100 -3.60 -27.93 23.50
CA MET A 100 -3.18 -27.28 24.73
C MET A 100 -2.34 -26.04 24.47
N GLU A 101 -1.67 -25.96 23.33
CA GLU A 101 -0.77 -24.85 23.02
C GLU A 101 -1.43 -23.79 22.14
N ASN A 102 -2.75 -23.84 21.96
CA ASN A 102 -3.46 -22.85 21.16
C ASN A 102 -3.86 -21.69 22.06
N ALA A 103 -3.23 -20.52 21.82
CA ALA A 103 -3.50 -19.37 22.66
C ALA A 103 -4.90 -18.83 22.48
N GLU A 104 -5.42 -18.88 21.24
CA GLU A 104 -6.74 -18.32 20.97
C GLU A 104 -7.84 -19.13 21.64
N ILE A 105 -7.73 -20.45 21.63
CA ILE A 105 -8.77 -21.29 22.21
C ILE A 105 -8.68 -21.28 23.74
N ASN A 106 -7.46 -21.29 24.28
CA ASN A 106 -7.30 -21.26 25.73
C ASN A 106 -7.83 -19.98 26.33
N ASN A 107 -7.80 -18.87 25.58
CA ASN A 107 -8.39 -17.62 26.07
C ASN A 107 -9.90 -17.74 26.16
N ILE A 108 -10.53 -18.36 25.17
CA ILE A 108 -11.99 -18.51 25.18
C ILE A 108 -12.42 -19.36 26.36
N ILE A 109 -11.64 -20.40 26.68
CA ILE A 109 -12.00 -21.28 27.79
C ILE A 109 -11.94 -20.54 29.12
N LYS A 110 -10.91 -19.72 29.32
CA LYS A 110 -10.75 -19.01 30.59
C LYS A 110 -11.79 -17.90 30.74
N ILE A 111 -12.17 -17.26 29.64
CA ILE A 111 -13.16 -16.18 29.71
C ILE A 111 -14.53 -16.75 30.09
N VAL A 112 -14.92 -17.85 29.44
CA VAL A 112 -16.22 -18.46 29.75
C VAL A 112 -16.15 -19.28 31.03
N GLY A 113 -15.00 -19.87 31.32
CA GLY A 113 -14.88 -20.73 32.48
C GLY A 113 -15.16 -22.19 32.22
N LEU A 114 -14.90 -22.67 31.00
CA LEU A 114 -15.19 -24.04 30.64
C LEU A 114 -14.12 -24.99 31.13
N GLN A 115 -14.47 -26.27 31.18
CA GLN A 115 -13.54 -27.33 31.59
C GLN A 115 -13.75 -28.54 30.69
N TYR A 116 -12.64 -29.14 30.27
CA TYR A 116 -12.71 -30.34 29.43
C TYR A 116 -13.28 -31.51 30.22
N LYS A 117 -13.92 -32.43 29.50
CA LYS A 117 -14.52 -33.65 30.04
C LYS A 117 -15.70 -33.36 30.96
N LYS A 118 -15.82 -32.13 31.44
CA LYS A 118 -16.92 -31.75 32.31
C LYS A 118 -18.23 -31.71 31.53
N SER A 119 -19.28 -32.29 32.12
CA SER A 119 -20.59 -32.33 31.48
C SER A 119 -21.45 -31.17 31.96
N TYR A 120 -22.36 -30.74 31.07
CA TYR A 120 -23.28 -29.64 31.32
C TYR A 120 -24.71 -30.09 30.98
N ASP A 121 -25.15 -31.18 31.62
CA ASP A 121 -26.44 -31.75 31.28
C ASP A 121 -27.60 -31.02 31.95
N ASP A 122 -27.45 -30.70 33.24
CA ASP A 122 -28.52 -30.05 33.98
C ASP A 122 -27.91 -28.85 34.71
N ALA A 123 -28.62 -28.33 35.70
CA ALA A 123 -28.12 -27.21 36.50
C ALA A 123 -27.07 -27.65 37.51
N GLU A 124 -26.61 -28.90 37.43
CA GLU A 124 -25.60 -29.41 38.35
C GLU A 124 -24.24 -28.77 38.13
N SER A 125 -24.00 -28.16 36.97
CA SER A 125 -22.69 -27.67 36.61
C SER A 125 -22.69 -26.35 35.85
N LEU A 126 -23.85 -25.74 35.60
CA LEU A 126 -23.90 -24.46 34.91
C LEU A 126 -23.51 -23.28 35.79
N LYS A 127 -23.33 -23.46 37.10
CA LYS A 127 -22.95 -22.35 37.96
C LYS A 127 -21.47 -22.02 37.89
N THR A 128 -20.65 -22.87 37.29
CA THR A 128 -19.22 -22.64 37.18
C THR A 128 -18.84 -21.83 35.94
N LEU A 129 -19.80 -21.37 35.15
CA LEU A 129 -19.53 -20.59 33.96
C LEU A 129 -19.67 -19.10 34.26
N ARG A 130 -18.76 -18.31 33.70
CA ARG A 130 -18.81 -16.86 33.85
C ARG A 130 -19.71 -16.20 32.81
N TYR A 131 -20.04 -16.90 31.73
CA TYR A 131 -20.94 -16.39 30.71
C TYR A 131 -22.00 -17.46 30.41
N GLY A 132 -23.18 -17.00 30.03
CA GLY A 132 -24.27 -17.90 29.72
C GLY A 132 -24.48 -18.11 28.24
N LYS A 133 -24.05 -17.15 27.43
CA LYS A 133 -24.22 -17.20 25.99
C LYS A 133 -22.95 -16.73 25.30
N ILE A 134 -22.70 -17.30 24.13
CA ILE A 134 -21.63 -16.85 23.23
C ILE A 134 -22.29 -16.45 21.92
N MET A 135 -22.11 -15.19 21.53
CA MET A 135 -22.69 -14.65 20.31
C MET A 135 -21.57 -14.39 19.32
N ILE A 136 -21.67 -15.00 18.13
CA ILE A 136 -20.64 -14.88 17.10
C ILE A 136 -21.03 -13.72 16.19
N MET A 137 -20.13 -12.74 16.07
CA MET A 137 -20.30 -11.62 15.16
C MET A 137 -19.16 -11.62 14.16
N THR A 138 -19.45 -12.02 12.93
CA THR A 138 -18.48 -12.03 11.84
C THR A 138 -19.05 -11.27 10.66
N ASP A 139 -18.25 -11.17 9.60
CA ASP A 139 -18.74 -10.59 8.35
C ASP A 139 -19.80 -11.47 7.72
N GLN A 140 -20.67 -10.85 6.94
CA GLN A 140 -21.72 -11.57 6.23
C GLN A 140 -21.24 -12.21 4.93
N ASP A 141 -19.99 -12.69 4.91
CA ASP A 141 -19.41 -13.34 3.75
C ASP A 141 -19.22 -14.84 4.05
N GLN A 142 -18.61 -15.53 3.08
CA GLN A 142 -18.41 -16.98 3.22
C GLN A 142 -17.40 -17.30 4.31
N ASP A 143 -16.30 -16.54 4.39
CA ASP A 143 -15.30 -16.80 5.41
C ASP A 143 -15.83 -16.56 6.81
N GLY A 144 -16.79 -15.63 6.96
CA GLY A 144 -17.44 -15.46 8.24
C GLY A 144 -18.22 -16.69 8.66
N SER A 145 -18.89 -17.34 7.70
CA SER A 145 -19.61 -18.57 7.99
C SER A 145 -18.66 -19.69 8.40
N HIS A 146 -17.46 -19.72 7.84
CA HIS A 146 -16.49 -20.75 8.23
C HIS A 146 -16.05 -20.57 9.67
N ILE A 147 -15.89 -19.33 10.12
CA ILE A 147 -15.49 -19.08 11.50
C ILE A 147 -16.62 -19.49 12.46
N LYS A 148 -17.88 -19.22 12.06
CA LYS A 148 -19.00 -19.68 12.87
C LYS A 148 -19.00 -21.19 13.01
N GLY A 149 -18.82 -21.91 11.90
CA GLY A 149 -18.82 -23.36 11.97
C GLY A 149 -17.66 -23.90 12.78
N LEU A 150 -16.49 -23.27 12.68
CA LEU A 150 -15.34 -23.71 13.46
C LEU A 150 -15.59 -23.52 14.95
N LEU A 151 -16.26 -22.44 15.33
CA LEU A 151 -16.62 -22.24 16.74
C LEU A 151 -17.72 -23.20 17.16
N ILE A 152 -18.68 -23.45 16.27
CA ILE A 152 -19.70 -24.47 16.54
C ILE A 152 -19.05 -25.84 16.68
N ASN A 153 -18.11 -26.15 15.78
CA ASN A 153 -17.40 -27.43 15.88
C ASN A 153 -16.57 -27.50 17.15
N PHE A 154 -16.08 -26.37 17.65
CA PHE A 154 -15.30 -26.38 18.89
C PHE A 154 -16.17 -26.70 20.08
N ILE A 155 -17.37 -26.11 20.16
CA ILE A 155 -18.26 -26.37 21.28
C ILE A 155 -18.90 -27.76 21.16
N HIS A 156 -19.26 -28.15 19.94
CA HIS A 156 -19.95 -29.43 19.74
C HIS A 156 -19.05 -30.61 20.11
N HIS A 157 -17.75 -30.50 19.82
CA HIS A 157 -16.84 -31.61 20.07
C HIS A 157 -16.53 -31.77 21.55
N ASN A 158 -16.38 -30.67 22.27
CA ASN A 158 -15.96 -30.73 23.67
C ASN A 158 -17.15 -30.75 24.63
N TRP A 159 -18.16 -29.93 24.38
CA TRP A 159 -19.32 -29.80 25.29
C TRP A 159 -20.60 -29.84 24.46
N PRO A 160 -21.01 -31.04 24.01
CA PRO A 160 -22.27 -31.13 23.26
C PRO A 160 -23.50 -30.86 24.11
N SER A 161 -23.42 -31.04 25.43
CA SER A 161 -24.55 -30.78 26.30
C SER A 161 -24.91 -29.29 26.36
N LEU A 162 -23.95 -28.41 26.08
CA LEU A 162 -24.24 -26.98 26.06
C LEU A 162 -25.07 -26.58 24.84
N LEU A 163 -25.04 -27.36 23.77
CA LEU A 163 -25.78 -26.99 22.57
C LEU A 163 -27.27 -27.15 22.74
N LYS A 164 -27.71 -28.15 23.52
CA LYS A 164 -29.14 -28.35 23.74
C LYS A 164 -29.75 -27.26 24.60
N HIS A 165 -28.94 -26.50 25.33
CA HIS A 165 -29.42 -25.37 26.11
C HIS A 165 -29.41 -24.06 25.33
N GLY A 166 -28.95 -24.06 24.09
CA GLY A 166 -28.91 -22.86 23.29
C GLY A 166 -27.78 -21.92 23.71
N PHE A 167 -26.55 -22.44 23.66
CA PHE A 167 -25.40 -21.70 24.17
C PHE A 167 -24.85 -20.73 23.12
N LEU A 168 -24.88 -21.11 21.85
CA LEU A 168 -24.28 -20.33 20.78
C LEU A 168 -25.35 -19.52 20.04
N GLU A 169 -25.01 -18.27 19.73
CA GLU A 169 -25.88 -17.39 18.96
C GLU A 169 -25.02 -16.61 17.98
N GLU A 170 -25.68 -15.84 17.11
CA GLU A 170 -24.97 -15.04 16.12
C GLU A 170 -25.64 -13.68 16.00
N PHE A 171 -24.86 -12.71 15.52
CA PHE A 171 -25.32 -11.34 15.30
C PHE A 171 -25.07 -11.00 13.83
N ILE A 172 -26.12 -11.04 13.02
CA ILE A 172 -25.99 -10.83 11.59
C ILE A 172 -26.08 -9.34 11.27
N THR A 173 -25.51 -8.96 10.15
CA THR A 173 -25.51 -7.57 9.70
C THR A 173 -25.95 -7.47 8.24
N LYS A 220 -21.70 5.43 15.57
CA LYS A 220 -21.71 4.90 14.21
C LYS A 220 -22.97 4.07 13.97
N GLU A 221 -23.00 3.34 12.86
CA GLU A 221 -24.11 2.45 12.55
C GLU A 221 -24.25 1.32 13.55
N ALA A 222 -23.20 1.03 14.32
CA ALA A 222 -23.26 -0.05 15.30
C ALA A 222 -24.29 0.24 16.40
N LYS A 223 -24.41 1.51 16.80
CA LYS A 223 -25.39 1.86 17.82
C LYS A 223 -26.81 1.61 17.35
N GLU A 224 -27.05 1.69 16.04
CA GLU A 224 -28.37 1.36 15.51
C GLU A 224 -28.61 -0.15 15.48
N TYR A 225 -27.55 -0.95 15.31
CA TYR A 225 -27.71 -2.39 15.28
C TYR A 225 -28.01 -2.95 16.66
N PHE A 226 -27.27 -2.52 17.67
CA PHE A 226 -27.48 -3.03 19.02
C PHE A 226 -28.78 -2.50 19.64
N ALA A 227 -29.23 -1.32 19.20
CA ALA A 227 -30.53 -0.83 19.65
C ALA A 227 -31.66 -1.68 19.11
N ASP A 228 -31.49 -2.24 17.91
CA ASP A 228 -32.45 -3.17 17.34
C ASP A 228 -31.85 -4.57 17.33
N MET A 229 -31.39 -5.03 18.49
CA MET A 229 -30.70 -6.31 18.56
C MET A 229 -31.62 -7.47 18.21
N GLU A 230 -32.89 -7.37 18.58
CA GLU A 230 -33.82 -8.49 18.36
C GLU A 230 -33.96 -8.81 16.89
N ARG A 231 -33.77 -7.83 16.01
CA ARG A 231 -33.82 -8.09 14.57
C ARG A 231 -32.53 -8.74 14.08
N HIS A 232 -31.40 -8.48 14.72
CA HIS A 232 -30.11 -8.98 14.29
C HIS A 232 -29.65 -10.20 15.07
N ARG A 233 -30.38 -10.62 16.10
CA ARG A 233 -29.98 -11.73 16.96
C ARG A 233 -30.68 -13.00 16.52
N ILE A 234 -29.91 -13.96 16.01
CA ILE A 234 -30.40 -15.27 15.60
C ILE A 234 -29.74 -16.33 16.46
N LEU A 235 -30.54 -17.25 17.00
CA LEU A 235 -30.07 -18.25 17.94
C LEU A 235 -30.01 -19.62 17.28
N PHE A 236 -28.92 -20.34 17.54
CA PHE A 236 -28.79 -21.71 17.06
C PHE A 236 -29.59 -22.66 17.93
N ARG A 237 -30.25 -23.63 17.29
CA ARG A 237 -31.11 -24.57 17.99
C ARG A 237 -30.74 -25.99 17.61
N TYR A 238 -30.58 -26.85 18.61
CA TYR A 238 -30.33 -28.27 18.39
C TYR A 238 -31.66 -29.00 18.24
N ALA A 239 -31.78 -29.80 17.16
CA ALA A 239 -33.04 -30.45 16.83
C ALA A 239 -32.96 -31.96 16.77
N GLY A 240 -31.79 -32.56 16.99
CA GLY A 240 -31.69 -34.00 16.99
C GLY A 240 -30.38 -34.51 16.42
N PRO A 241 -30.31 -35.81 16.10
CA PRO A 241 -29.06 -36.39 15.61
C PRO A 241 -28.65 -35.89 14.23
N GLU A 242 -29.57 -35.31 13.46
CA GLU A 242 -29.20 -34.75 12.16
C GLU A 242 -28.27 -33.56 12.30
N ASP A 243 -28.27 -32.89 13.46
CA ASP A 243 -27.34 -31.79 13.68
C ASP A 243 -25.93 -32.30 13.97
N ASP A 244 -25.82 -33.41 14.70
CA ASP A 244 -24.50 -33.99 14.97
C ASP A 244 -23.86 -34.50 13.70
N ALA A 245 -24.66 -35.05 12.78
CA ALA A 245 -24.12 -35.55 11.53
C ALA A 245 -23.69 -34.40 10.62
N ALA A 246 -24.45 -33.31 10.61
CA ALA A 246 -24.10 -32.17 9.76
C ALA A 246 -22.79 -31.52 10.21
N ILE A 247 -22.60 -31.37 11.52
CA ILE A 247 -21.35 -30.81 12.02
C ILE A 247 -20.19 -31.77 11.75
N THR A 248 -20.41 -33.07 11.97
CA THR A 248 -19.37 -34.05 11.67
C THR A 248 -19.06 -34.10 10.19
N LEU A 249 -20.08 -33.93 9.34
CA LEU A 249 -19.87 -33.94 7.90
C LEU A 249 -18.91 -32.83 7.46
N ALA A 250 -18.91 -31.69 8.16
CA ALA A 250 -18.17 -30.53 7.72
C ALA A 250 -16.74 -30.47 8.27
N PHE A 251 -16.48 -31.05 9.44
CA PHE A 251 -15.22 -30.85 10.11
C PHE A 251 -14.48 -32.12 10.53
N SER A 252 -15.00 -33.29 10.18
CA SER A 252 -14.31 -34.54 10.49
C SER A 252 -13.42 -34.94 9.32
N LYS A 253 -12.18 -35.31 9.62
CA LYS A 253 -11.25 -35.72 8.57
C LYS A 253 -11.60 -37.07 7.98
N LYS A 254 -12.46 -37.84 8.65
CA LYS A 254 -12.92 -39.12 8.11
C LYS A 254 -14.10 -38.96 7.16
N LYS A 255 -14.54 -37.72 6.89
CA LYS A 255 -15.68 -37.45 6.03
C LYS A 255 -15.28 -36.72 4.76
N ILE A 256 -14.06 -36.95 4.27
CA ILE A 256 -13.61 -36.29 3.05
C ILE A 256 -14.44 -36.73 1.86
N ASP A 257 -14.58 -38.06 1.68
CA ASP A 257 -15.38 -38.57 0.57
C ASP A 257 -16.84 -38.16 0.69
N ASP A 258 -17.35 -37.99 1.92
CA ASP A 258 -18.72 -37.55 2.11
C ASP A 258 -18.90 -36.09 1.68
N ARG A 259 -17.87 -35.25 1.88
CA ARG A 259 -17.95 -33.87 1.45
C ARG A 259 -17.94 -33.73 -0.07
N LYS A 260 -17.28 -34.66 -0.77
CA LYS A 260 -17.33 -34.65 -2.23
C LYS A 260 -18.76 -34.83 -2.73
N GLU A 261 -19.43 -35.88 -2.25
CA GLU A 261 -20.84 -36.08 -2.61
C GLU A 261 -21.71 -34.95 -2.08
N TRP A 262 -21.37 -34.42 -0.91
CA TRP A 262 -22.12 -33.30 -0.34
C TRP A 262 -22.02 -32.07 -1.23
N LEU A 263 -20.86 -31.83 -1.83
CA LEU A 263 -20.69 -30.70 -2.73
C LEU A 263 -21.08 -31.03 -4.16
N THR A 264 -20.99 -32.31 -4.56
CA THR A 264 -21.44 -32.69 -5.90
C THR A 264 -22.94 -32.52 -6.04
N ASN A 265 -23.70 -32.90 -5.02
CA ASN A 265 -25.15 -32.68 -5.05
C ASN A 265 -25.48 -31.20 -5.04
N PHE A 266 -24.65 -30.38 -4.38
CA PHE A 266 -24.89 -28.94 -4.36
C PHE A 266 -24.66 -28.33 -5.74
N MET A 267 -23.51 -28.62 -6.35
CA MET A 267 -23.22 -28.07 -7.67
C MET A 267 -24.20 -28.58 -8.72
N GLU A 268 -24.69 -29.80 -8.56
CA GLU A 268 -25.69 -30.32 -9.50
C GLU A 268 -27.03 -29.62 -9.30
N ASP A 269 -27.52 -29.59 -8.06
CA ASP A 269 -28.81 -28.94 -7.79
C ASP A 269 -28.74 -27.44 -8.07
N ARG A 270 -27.57 -26.83 -7.91
CA ARG A 270 -27.43 -25.41 -8.19
C ARG A 270 -27.65 -25.12 -9.67
N ARG A 271 -27.19 -26.01 -10.54
CA ARG A 271 -27.37 -25.82 -11.97
C ARG A 271 -28.76 -26.22 -12.43
N GLN A 272 -29.47 -27.06 -11.68
CA GLN A 272 -30.86 -27.36 -11.96
C GLN A 272 -31.80 -26.27 -11.47
N ARG A 273 -31.29 -25.28 -10.74
CA ARG A 273 -32.08 -24.13 -10.30
C ARG A 273 -31.94 -22.93 -11.21
N ARG A 274 -30.86 -22.84 -11.99
CA ARG A 274 -30.69 -21.73 -12.91
C ARG A 274 -31.74 -21.71 -14.00
N LEU A 275 -32.35 -22.86 -14.30
CA LEU A 275 -33.47 -22.88 -15.23
C LEU A 275 -34.67 -22.15 -14.66
N HIS A 276 -34.81 -22.14 -13.34
CA HIS A 276 -35.87 -21.39 -12.67
C HIS A 276 -35.32 -20.08 -12.12
N GLY A 277 -35.05 -20.05 -10.81
CA GLY A 277 -34.52 -18.85 -10.18
C GLY A 277 -34.29 -19.00 -8.70
N LEU A 278 -33.31 -18.27 -8.17
CA LEU A 278 -32.97 -18.28 -6.75
C LEU A 278 -32.65 -19.68 -6.25
N LYS A 289 -35.17 -15.01 15.68
CA LYS A 289 -35.51 -16.19 14.90
C LYS A 289 -34.49 -17.30 15.12
N HIS A 290 -34.95 -18.55 15.08
CA HIS A 290 -34.09 -19.69 15.34
C HIS A 290 -33.49 -20.23 14.05
N LEU A 291 -32.33 -20.89 14.18
CA LEU A 291 -31.63 -21.48 13.04
C LEU A 291 -31.01 -22.79 13.50
N THR A 292 -31.40 -23.89 12.86
CA THR A 292 -30.87 -25.19 13.23
C THR A 292 -29.43 -25.34 12.74
N TYR A 293 -28.66 -26.18 13.44
CA TYR A 293 -27.29 -26.43 13.03
C TYR A 293 -27.24 -27.14 11.68
N ASN A 294 -28.20 -28.03 11.42
CA ASN A 294 -28.26 -28.72 10.14
C ASN A 294 -28.54 -27.74 9.00
N ASP A 295 -29.41 -26.75 9.25
CA ASP A 295 -29.70 -25.75 8.23
C ASP A 295 -28.52 -24.80 8.04
N PHE A 296 -27.73 -24.58 9.10
CA PHE A 296 -26.54 -23.73 8.95
C PHE A 296 -25.48 -24.41 8.11
N ILE A 297 -25.28 -25.72 8.30
CA ILE A 297 -24.24 -26.42 7.57
C ILE A 297 -24.63 -26.59 6.10
N ASN A 298 -25.86 -26.99 5.84
CA ASN A 298 -26.30 -27.36 4.49
C ASN A 298 -26.83 -26.18 3.68
N LYS A 299 -26.95 -24.99 4.28
CA LYS A 299 -27.42 -23.82 3.55
C LYS A 299 -26.56 -22.58 3.70
N GLU A 300 -25.67 -22.53 4.68
CA GLU A 300 -24.78 -21.38 4.84
C GLU A 300 -23.31 -21.74 4.73
N LEU A 301 -22.85 -22.75 5.48
CA LEU A 301 -21.45 -23.14 5.40
C LEU A 301 -21.11 -23.75 4.05
N ILE A 302 -22.07 -24.40 3.40
CA ILE A 302 -21.83 -25.00 2.10
C ILE A 302 -21.49 -23.95 1.05
N LEU A 303 -21.93 -22.71 1.25
CA LEU A 303 -21.56 -21.64 0.33
C LEU A 303 -20.07 -21.30 0.42
N PHE A 304 -19.49 -21.43 1.61
CA PHE A 304 -18.05 -21.23 1.75
C PHE A 304 -17.28 -22.38 1.11
N SER A 305 -17.70 -23.62 1.39
CA SER A 305 -16.99 -24.78 0.86
C SER A 305 -16.97 -24.77 -0.67
N ASN A 306 -18.06 -24.33 -1.29
CA ASN A 306 -18.07 -24.19 -2.75
C ASN A 306 -17.22 -23.02 -3.19
N SER A 307 -17.27 -21.90 -2.48
CA SER A 307 -16.43 -20.76 -2.83
CA SER A 307 -16.44 -20.76 -2.82
C SER A 307 -14.96 -21.03 -2.52
N ASP A 308 -14.69 -21.88 -1.53
CA ASP A 308 -13.30 -22.22 -1.23
C ASP A 308 -12.68 -23.01 -2.38
N ASN A 309 -13.46 -23.87 -3.03
CA ASN A 309 -12.96 -24.58 -4.21
C ASN A 309 -12.80 -23.63 -5.39
N GLU A 310 -13.75 -22.72 -5.57
CA GLU A 310 -13.68 -21.77 -6.69
C GLU A 310 -12.50 -20.82 -6.57
N ARG A 311 -12.00 -20.59 -5.35
CA ARG A 311 -10.87 -19.69 -5.15
C ARG A 311 -9.53 -20.41 -5.05
N SER A 312 -9.53 -21.72 -4.84
CA SER A 312 -8.31 -22.48 -4.62
C SER A 312 -8.00 -23.50 -5.70
N ILE A 313 -9.00 -23.97 -6.45
CA ILE A 313 -8.80 -24.97 -7.49
C ILE A 313 -8.58 -24.22 -8.80
N PRO A 314 -7.47 -24.45 -9.49
CA PRO A 314 -7.17 -23.67 -10.71
C PRO A 314 -8.04 -24.10 -11.87
N SER A 315 -7.98 -23.31 -12.94
CA SER A 315 -8.67 -23.59 -14.18
C SER A 315 -7.74 -24.29 -15.16
N LEU A 316 -8.30 -25.19 -15.96
CA LEU A 316 -7.50 -25.90 -16.95
C LEU A 316 -7.05 -24.99 -18.08
N VAL A 317 -7.84 -23.97 -18.41
CA VAL A 317 -7.59 -23.17 -19.61
C VAL A 317 -6.30 -22.36 -19.45
N ASP A 318 -6.22 -21.54 -18.41
CA ASP A 318 -5.07 -20.66 -18.21
C ASP A 318 -4.21 -21.03 -17.01
N GLY A 319 -4.62 -22.04 -16.23
CA GLY A 319 -3.85 -22.39 -15.06
C GLY A 319 -3.93 -21.40 -13.92
N PHE A 320 -4.92 -20.51 -13.95
CA PHE A 320 -5.06 -19.45 -12.97
C PHE A 320 -6.22 -19.74 -12.01
N LYS A 321 -6.15 -19.10 -10.86
CA LYS A 321 -7.25 -18.96 -9.93
C LYS A 321 -7.82 -17.55 -10.04
N PRO A 322 -9.06 -17.33 -9.58
CA PRO A 322 -9.65 -15.98 -9.71
C PRO A 322 -8.81 -14.87 -9.13
N GLY A 323 -8.11 -15.12 -8.02
CA GLY A 323 -7.23 -14.11 -7.48
C GLY A 323 -6.03 -13.84 -8.37
N GLN A 324 -5.42 -14.91 -8.89
CA GLN A 324 -4.29 -14.74 -9.81
C GLN A 324 -4.71 -14.06 -11.10
N ARG A 325 -5.92 -14.37 -11.59
CA ARG A 325 -6.37 -13.79 -12.84
C ARG A 325 -6.66 -12.30 -12.71
N LYS A 326 -7.06 -11.85 -11.52
CA LYS A 326 -7.28 -10.42 -11.31
C LYS A 326 -5.96 -9.65 -11.36
N VAL A 327 -4.89 -10.26 -10.87
CA VAL A 327 -3.57 -9.61 -10.91
C VAL A 327 -3.13 -9.42 -12.36
N LEU A 328 -3.28 -10.47 -13.18
CA LEU A 328 -2.86 -10.38 -14.57
C LEU A 328 -3.74 -9.43 -15.37
N PHE A 329 -5.04 -9.36 -15.05
CA PHE A 329 -5.91 -8.39 -15.72
C PHE A 329 -5.44 -6.97 -15.45
N THR A 330 -5.12 -6.66 -14.19
CA THR A 330 -4.68 -5.32 -13.84
C THR A 330 -3.35 -4.98 -14.53
N CYS A 331 -2.39 -5.91 -14.49
CA CYS A 331 -1.11 -5.66 -15.14
C CYS A 331 -1.29 -5.47 -16.65
N PHE A 332 -2.22 -6.20 -17.25
CA PHE A 332 -2.48 -6.04 -18.68
C PHE A 332 -3.15 -4.71 -18.99
N LYS A 333 -4.05 -4.27 -18.11
CA LYS A 333 -4.78 -3.03 -18.34
C LYS A 333 -3.91 -1.81 -18.07
N ARG A 334 -3.06 -1.87 -17.05
CA ARG A 334 -2.19 -0.75 -16.75
C ARG A 334 -1.03 -0.66 -17.74
N ASN A 335 -0.47 -1.81 -18.14
CA ASN A 335 0.63 -1.89 -19.09
C ASN A 335 1.83 -1.08 -18.58
N ASP A 336 2.32 -1.47 -17.41
CA ASP A 336 3.43 -0.77 -16.78
C ASP A 336 4.74 -1.06 -17.52
N LYS A 337 5.41 0.00 -17.96
CA LYS A 337 6.75 -0.10 -18.53
C LYS A 337 7.83 0.22 -17.51
N ARG A 338 7.45 0.48 -16.26
CA ARG A 338 8.37 0.82 -15.20
C ARG A 338 8.13 -0.08 -13.99
N GLU A 339 9.16 -0.19 -13.16
CA GLU A 339 9.05 -0.98 -11.93
C GLU A 339 7.94 -0.42 -11.04
N VAL A 340 7.12 -1.31 -10.50
CA VAL A 340 5.99 -0.93 -9.66
C VAL A 340 6.08 -1.68 -8.34
N LYS A 341 5.87 -0.97 -7.23
CA LYS A 341 5.90 -1.58 -5.92
C LYS A 341 4.78 -2.61 -5.79
N VAL A 342 5.09 -3.72 -5.11
CA VAL A 342 4.12 -4.81 -4.97
C VAL A 342 2.89 -4.34 -4.19
N ALA A 343 3.12 -3.68 -3.06
CA ALA A 343 2.00 -3.18 -2.26
C ALA A 343 1.17 -2.16 -3.04
N GLN A 344 1.84 -1.34 -3.86
CA GLN A 344 1.11 -0.40 -4.70
C GLN A 344 0.31 -1.13 -5.78
N LEU A 345 0.87 -2.22 -6.32
CA LEU A 345 0.16 -3.00 -7.32
C LEU A 345 -1.04 -3.71 -6.71
N ALA A 346 -0.91 -4.23 -5.50
CA ALA A 346 -2.02 -4.92 -4.85
C ALA A 346 -3.20 -3.98 -4.64
N GLY A 347 -2.92 -2.73 -4.27
CA GLY A 347 -4.00 -1.76 -4.14
C GLY A 347 -4.66 -1.45 -5.47
N SER A 348 -3.88 -1.43 -6.55
CA SER A 348 -4.46 -1.17 -7.87
C SER A 348 -5.29 -2.35 -8.37
N VAL A 349 -4.93 -3.58 -7.98
CA VAL A 349 -5.70 -4.73 -8.39
C VAL A 349 -7.08 -4.74 -7.73
N ALA A 350 -7.14 -4.38 -6.44
CA ALA A 350 -8.40 -4.38 -5.72
C ALA A 350 -9.39 -3.38 -6.31
N GLU A 351 -8.88 -2.24 -6.80
CA GLU A 351 -9.77 -1.23 -7.36
C GLU A 351 -10.20 -1.59 -8.78
N MET A 352 -9.25 -1.98 -9.62
CA MET A 352 -9.54 -2.19 -11.04
C MET A 352 -10.16 -3.55 -11.32
N SER A 353 -10.08 -4.50 -10.40
CA SER A 353 -10.62 -5.83 -10.62
C SER A 353 -11.61 -6.28 -9.56
N ALA A 354 -11.94 -5.41 -8.59
CA ALA A 354 -12.91 -5.71 -7.54
C ALA A 354 -12.51 -6.95 -6.73
N TYR A 355 -11.33 -6.87 -6.12
CA TYR A 355 -10.86 -7.91 -5.22
C TYR A 355 -11.45 -7.68 -3.83
N HIS A 356 -12.30 -8.60 -3.38
CA HIS A 356 -13.08 -8.43 -2.16
C HIS A 356 -12.46 -9.14 -0.95
N HIS A 357 -11.14 -9.23 -0.90
CA HIS A 357 -10.45 -9.86 0.21
C HIS A 357 -9.31 -8.96 0.68
N GLY A 358 -8.60 -9.40 1.71
CA GLY A 358 -7.52 -8.59 2.25
C GLY A 358 -6.34 -8.50 1.30
N GLU A 359 -5.58 -7.42 1.45
CA GLU A 359 -4.41 -7.21 0.60
C GLU A 359 -3.25 -8.13 0.96
N GLN A 360 -3.23 -8.69 2.17
CA GLN A 360 -2.16 -9.59 2.55
C GLN A 360 -2.17 -10.84 1.67
N ALA A 361 -3.35 -11.41 1.42
CA ALA A 361 -3.44 -12.55 0.53
C ALA A 361 -3.11 -12.16 -0.91
N LEU A 362 -3.48 -10.94 -1.31
CA LEU A 362 -3.19 -10.49 -2.67
C LEU A 362 -1.70 -10.26 -2.87
N MET A 363 -1.02 -9.68 -1.87
CA MET A 363 0.43 -9.51 -1.96
C MET A 363 1.15 -10.85 -1.92
N MET A 364 0.56 -11.85 -1.25
CA MET A 364 1.11 -13.20 -1.28
C MET A 364 1.12 -13.77 -2.69
N THR A 365 0.01 -13.57 -3.42
CA THR A 365 -0.09 -14.13 -4.77
C THR A 365 0.90 -13.48 -5.73
N ILE A 366 1.04 -12.15 -5.65
CA ILE A 366 1.95 -11.44 -6.55
C ILE A 366 3.38 -11.92 -6.34
N VAL A 367 3.78 -12.14 -5.08
CA VAL A 367 5.10 -12.68 -4.80
C VAL A 367 5.22 -14.09 -5.35
N ASN A 368 4.18 -14.91 -5.18
CA ASN A 368 4.21 -16.28 -5.67
C ASN A 368 4.26 -16.31 -7.20
N LEU A 369 3.60 -15.37 -7.86
CA LEU A 369 3.60 -15.30 -9.31
C LEU A 369 4.93 -14.79 -9.87
N ALA A 370 5.80 -14.21 -9.05
CA ALA A 370 7.05 -13.64 -9.52
C ALA A 370 8.28 -14.47 -9.19
N GLN A 371 8.18 -15.43 -8.28
CA GLN A 371 9.34 -16.23 -7.90
C GLN A 371 9.84 -17.05 -9.08
N ASN A 372 11.17 -17.21 -9.17
CA ASN A 372 11.77 -17.91 -10.30
C ASN A 372 12.91 -18.83 -9.88
N PHE A 373 13.03 -19.16 -8.60
CA PHE A 373 14.09 -20.08 -8.17
C PHE A 373 13.69 -21.51 -8.47
N VAL A 374 14.66 -22.43 -8.29
CA VAL A 374 14.43 -23.82 -8.61
C VAL A 374 13.36 -24.39 -7.69
N GLY A 375 12.24 -24.80 -8.28
CA GLY A 375 11.12 -25.33 -7.54
C GLY A 375 9.86 -24.48 -7.59
N SER A 376 9.95 -23.26 -8.12
CA SER A 376 8.78 -22.39 -8.19
C SER A 376 8.15 -22.45 -9.59
N ASN A 377 8.29 -21.36 -10.35
CA ASN A 377 7.69 -21.26 -11.67
C ASN A 377 8.71 -21.59 -12.75
N ASN A 378 8.28 -22.34 -13.76
CA ASN A 378 9.12 -22.54 -14.94
C ASN A 378 9.17 -21.29 -15.81
N ILE A 379 8.06 -20.56 -15.88
CA ILE A 379 7.99 -19.27 -16.58
C ILE A 379 7.25 -18.32 -15.64
N ASN A 380 7.99 -17.47 -14.95
CA ASN A 380 7.38 -16.49 -14.07
C ASN A 380 6.81 -15.34 -14.89
N LEU A 381 5.51 -15.09 -14.75
CA LEU A 381 4.85 -14.04 -15.51
C LEU A 381 5.10 -12.65 -14.96
N LEU A 382 5.61 -12.54 -13.73
CA LEU A 382 5.98 -11.27 -13.13
C LEU A 382 7.46 -11.27 -12.81
N GLN A 383 8.09 -10.10 -12.92
CA GLN A 383 9.53 -10.11 -12.69
C GLN A 383 9.83 -9.91 -11.20
N PRO A 384 10.88 -10.65 -10.66
CA PRO A 384 11.27 -10.50 -9.24
C PRO A 384 12.31 -9.39 -9.04
N ILE A 385 11.82 -8.15 -9.08
CA ILE A 385 12.69 -6.98 -8.92
CA ILE A 385 12.69 -6.98 -8.92
C ILE A 385 12.79 -6.73 -7.42
N GLY A 386 13.74 -7.41 -6.78
CA GLY A 386 13.95 -7.30 -5.36
C GLY A 386 14.14 -8.68 -4.75
N GLN A 387 14.07 -8.74 -3.43
CA GLN A 387 14.23 -9.99 -2.70
C GLN A 387 12.88 -10.69 -2.63
N PHE A 388 12.64 -11.60 -3.58
CA PHE A 388 11.43 -12.39 -3.62
C PHE A 388 11.62 -13.80 -3.08
N GLY A 389 12.74 -14.06 -2.43
CA GLY A 389 13.01 -15.37 -1.89
C GLY A 389 13.94 -16.19 -2.76
N THR A 390 14.74 -17.03 -2.12
CA THR A 390 15.72 -17.88 -2.79
C THR A 390 15.42 -19.34 -2.48
N ARG A 391 16.19 -20.24 -3.10
CA ARG A 391 16.05 -21.66 -2.81
C ARG A 391 16.64 -22.04 -1.47
N LEU A 392 17.29 -21.10 -0.76
CA LEU A 392 17.83 -21.40 0.56
C LEU A 392 16.71 -21.63 1.56
N HIS A 393 15.62 -20.88 1.45
CA HIS A 393 14.49 -21.01 2.36
C HIS A 393 13.16 -21.24 1.64
N GLY A 394 13.19 -21.46 0.33
CA GLY A 394 11.97 -21.70 -0.41
C GLY A 394 11.05 -20.52 -0.51
N GLY A 395 11.60 -19.32 -0.70
CA GLY A 395 10.81 -18.11 -0.78
C GLY A 395 10.41 -17.50 0.53
N LYS A 396 10.60 -18.21 1.65
CA LYS A 396 10.26 -17.65 2.96
C LYS A 396 11.16 -16.48 3.35
N ASP A 397 12.35 -16.40 2.76
CA ASP A 397 13.28 -15.30 3.03
C ASP A 397 13.03 -14.09 2.14
N ALA A 398 11.81 -13.93 1.62
CA ALA A 398 11.48 -12.78 0.81
C ALA A 398 11.31 -11.54 1.67
N ALA A 399 11.67 -10.39 1.11
CA ALA A 399 11.55 -9.13 1.82
C ALA A 399 10.07 -8.74 1.93
N SER A 400 9.81 -7.64 2.63
CA SER A 400 8.45 -7.17 2.80
C SER A 400 7.89 -6.69 1.46
N PRO A 401 6.59 -6.89 1.20
CA PRO A 401 6.01 -6.43 -0.07
C PRO A 401 6.04 -4.93 -0.25
N ARG A 402 6.44 -4.17 0.77
CA ARG A 402 6.57 -2.72 0.65
C ARG A 402 7.91 -2.28 0.10
N TYR A 403 8.87 -3.20 -0.04
CA TYR A 403 10.21 -2.85 -0.50
C TYR A 403 10.64 -3.59 -1.76
N ILE A 404 9.76 -4.39 -2.36
CA ILE A 404 10.08 -5.15 -3.56
C ILE A 404 9.18 -4.69 -4.70
N PHE A 405 9.75 -4.69 -5.90
CA PHE A 405 9.05 -4.24 -7.10
C PHE A 405 8.81 -5.42 -8.03
N THR A 406 7.90 -5.22 -8.98
CA THR A 406 7.58 -6.25 -9.96
C THR A 406 7.04 -5.59 -11.22
N MET A 407 6.96 -6.38 -12.28
CA MET A 407 6.49 -5.91 -13.58
C MET A 407 6.23 -7.13 -14.45
N LEU A 408 5.45 -6.92 -15.51
CA LEU A 408 5.14 -8.01 -16.42
C LEU A 408 6.40 -8.50 -17.11
N SER A 409 6.52 -9.83 -17.24
CA SER A 409 7.58 -10.41 -18.02
C SER A 409 7.30 -10.19 -19.51
N THR A 410 8.37 -10.17 -20.30
CA THR A 410 8.21 -10.02 -21.75
C THR A 410 7.51 -11.20 -22.37
N LEU A 411 7.44 -12.34 -21.67
CA LEU A 411 6.76 -13.52 -22.16
C LEU A 411 5.26 -13.53 -21.85
N ALA A 412 4.79 -12.59 -21.01
CA ALA A 412 3.40 -12.60 -20.60
C ALA A 412 2.47 -12.35 -21.79
N ARG A 413 2.67 -11.23 -22.50
CA ARG A 413 1.82 -10.91 -23.63
C ARG A 413 2.04 -11.84 -24.81
N LEU A 414 3.21 -12.51 -24.87
CA LEU A 414 3.42 -13.52 -25.90
C LEU A 414 2.68 -14.81 -25.59
N LEU A 415 2.53 -15.15 -24.30
CA LEU A 415 1.72 -16.30 -23.92
C LEU A 415 0.23 -15.97 -23.97
N PHE A 416 -0.14 -14.74 -23.64
CA PHE A 416 -1.53 -14.28 -23.64
C PHE A 416 -1.63 -13.15 -24.65
N PRO A 417 -1.85 -13.46 -25.92
CA PRO A 417 -1.89 -12.41 -26.95
C PRO A 417 -3.03 -11.43 -26.69
N ALA A 418 -2.73 -10.14 -26.89
CA ALA A 418 -3.71 -9.09 -26.63
C ALA A 418 -4.90 -9.19 -27.59
N VAL A 419 -4.67 -9.69 -28.81
CA VAL A 419 -5.76 -9.80 -29.77
C VAL A 419 -6.80 -10.81 -29.31
N ASP A 420 -6.39 -11.79 -28.49
CA ASP A 420 -7.33 -12.78 -27.98
C ASP A 420 -8.26 -12.23 -26.91
N ASP A 421 -7.98 -11.04 -26.37
CA ASP A 421 -8.87 -10.45 -25.37
C ASP A 421 -10.24 -10.14 -25.95
N ASN A 422 -10.32 -9.92 -27.27
CA ASN A 422 -11.60 -9.65 -27.92
C ASN A 422 -12.49 -10.87 -28.02
N LEU A 423 -11.99 -12.05 -27.64
CA LEU A 423 -12.76 -13.29 -27.69
C LEU A 423 -13.19 -13.78 -26.32
N LEU A 424 -12.80 -13.09 -25.25
CA LEU A 424 -13.06 -13.55 -23.89
C LEU A 424 -14.39 -13.00 -23.37
N LYS A 425 -14.93 -13.69 -22.37
CA LYS A 425 -16.17 -13.29 -21.70
C LYS A 425 -15.79 -12.62 -20.38
N PHE A 426 -15.77 -11.29 -20.38
CA PHE A 426 -15.39 -10.55 -19.19
C PHE A 426 -16.54 -10.49 -18.20
N LEU A 427 -16.22 -10.72 -16.93
CA LEU A 427 -17.22 -10.72 -15.87
C LEU A 427 -17.48 -9.30 -15.39
N TYR A 428 -18.59 -9.14 -14.67
CA TYR A 428 -19.00 -7.85 -14.13
C TYR A 428 -19.21 -7.95 -12.63
N ASP A 429 -18.72 -6.94 -11.91
CA ASP A 429 -18.92 -6.82 -10.47
C ASP A 429 -19.55 -5.45 -10.21
N ASP A 430 -20.87 -5.42 -10.09
CA ASP A 430 -21.64 -4.18 -9.90
C ASP A 430 -21.38 -3.21 -11.05
N ASN A 431 -21.80 -3.63 -12.25
CA ASN A 431 -21.71 -2.85 -13.48
C ASN A 431 -20.30 -2.48 -13.87
N GLN A 432 -19.29 -3.11 -13.28
CA GLN A 432 -17.89 -2.85 -13.58
C GLN A 432 -17.28 -4.10 -14.21
N ARG A 433 -16.77 -3.97 -15.44
CA ARG A 433 -16.06 -5.06 -16.08
C ARG A 433 -14.74 -5.27 -15.36
N VAL A 434 -14.52 -6.49 -14.83
CA VAL A 434 -13.45 -6.76 -13.88
C VAL A 434 -12.42 -7.73 -14.44
N GLU A 435 -12.86 -8.82 -15.04
CA GLU A 435 -11.96 -9.88 -15.46
C GLU A 435 -12.74 -10.87 -16.32
N PRO A 436 -12.05 -11.63 -17.16
CA PRO A 436 -12.72 -12.69 -17.92
C PRO A 436 -12.87 -13.96 -17.08
N GLU A 437 -13.75 -14.84 -17.55
CA GLU A 437 -13.90 -16.15 -16.92
C GLU A 437 -12.58 -16.90 -16.91
N TRP A 438 -11.84 -16.82 -18.00
CA TRP A 438 -10.48 -17.33 -18.08
C TRP A 438 -9.79 -16.72 -19.29
N TYR A 439 -8.46 -16.68 -19.22
CA TYR A 439 -7.65 -16.34 -20.38
C TYR A 439 -7.36 -17.60 -21.19
N ILE A 440 -6.99 -17.40 -22.45
CA ILE A 440 -6.71 -18.53 -23.33
C ILE A 440 -5.27 -18.40 -23.84
N PRO A 441 -4.31 -19.01 -23.17
CA PRO A 441 -2.91 -18.87 -23.58
C PRO A 441 -2.59 -19.77 -24.77
N ILE A 442 -1.42 -19.52 -25.37
CA ILE A 442 -1.00 -20.29 -26.53
C ILE A 442 -0.54 -21.70 -26.13
N ILE A 443 -0.14 -21.90 -24.89
CA ILE A 443 0.25 -23.22 -24.40
C ILE A 443 -0.43 -23.46 -23.05
N PRO A 444 -0.64 -24.72 -22.65
CA PRO A 444 -1.29 -24.97 -21.35
C PRO A 444 -0.43 -24.52 -20.17
N MET A 445 -0.69 -23.31 -19.67
CA MET A 445 0.07 -22.80 -18.54
C MET A 445 -0.19 -23.57 -17.25
N VAL A 446 -1.28 -24.35 -17.20
CA VAL A 446 -1.56 -25.16 -16.02
C VAL A 446 -0.49 -26.22 -15.81
N LEU A 447 0.24 -26.59 -16.87
CA LEU A 447 1.31 -27.56 -16.77
C LEU A 447 2.69 -26.95 -16.64
N ILE A 448 2.86 -25.67 -17.01
CA ILE A 448 4.17 -25.06 -17.00
C ILE A 448 4.63 -24.79 -15.57
N ASN A 449 3.84 -24.05 -14.81
CA ASN A 449 4.21 -23.63 -13.46
C ASN A 449 3.63 -24.53 -12.38
N GLY A 450 2.96 -25.61 -12.76
CA GLY A 450 2.44 -26.56 -11.80
C GLY A 450 1.37 -25.99 -10.89
N ALA A 451 0.14 -25.93 -11.38
CA ALA A 451 -0.95 -25.41 -10.59
C ALA A 451 -1.27 -26.34 -9.42
N GLU A 452 -1.54 -25.75 -8.27
CA GLU A 452 -1.82 -26.53 -7.07
C GLU A 452 -2.66 -25.69 -6.11
N GLY A 453 -3.58 -26.34 -5.41
CA GLY A 453 -4.46 -25.65 -4.48
C GLY A 453 -5.25 -26.58 -3.60
N ILE A 454 -5.62 -26.11 -2.41
CA ILE A 454 -6.36 -26.91 -1.43
C ILE A 454 -7.70 -26.24 -1.18
N GLY A 455 -8.78 -26.95 -1.47
CA GLY A 455 -10.11 -26.45 -1.22
C GLY A 455 -10.86 -27.28 -0.19
N THR A 456 -12.15 -27.47 -0.39
CA THR A 456 -12.98 -28.32 0.46
C THR A 456 -13.49 -29.49 -0.37
N GLY A 457 -13.28 -30.69 0.13
CA GLY A 457 -13.64 -31.90 -0.61
C GLY A 457 -12.58 -32.36 -1.58
N TRP A 458 -12.12 -31.47 -2.45
CA TRP A 458 -11.11 -31.79 -3.45
C TRP A 458 -9.85 -30.97 -3.22
N ALA A 459 -8.77 -31.40 -3.88
CA ALA A 459 -7.51 -30.68 -3.86
C ALA A 459 -6.81 -30.89 -5.20
N CYS A 460 -5.94 -29.97 -5.55
CA CYS A 460 -5.23 -30.01 -6.82
C CYS A 460 -3.72 -29.97 -6.58
N LYS A 461 -2.99 -30.75 -7.37
CA LYS A 461 -1.54 -30.74 -7.33
C LYS A 461 -1.01 -31.16 -8.69
N LEU A 462 -0.25 -30.28 -9.34
CA LEU A 462 0.38 -30.56 -10.61
C LEU A 462 1.85 -30.18 -10.54
N PRO A 463 2.73 -30.96 -11.15
CA PRO A 463 4.15 -30.59 -11.21
C PRO A 463 4.41 -29.69 -12.41
N ASN A 464 5.64 -29.18 -12.46
CA ASN A 464 6.04 -28.34 -13.58
C ASN A 464 6.45 -29.22 -14.77
N TYR A 465 6.20 -28.69 -15.96
CA TYR A 465 6.56 -29.37 -17.20
C TYR A 465 7.31 -28.39 -18.11
N ASP A 466 8.20 -28.96 -18.93
CA ASP A 466 9.06 -28.14 -19.77
C ASP A 466 8.25 -27.41 -20.83
N ALA A 467 8.48 -26.11 -20.97
CA ALA A 467 7.72 -25.31 -21.93
C ALA A 467 8.03 -25.73 -23.37
N ARG A 468 9.31 -25.93 -23.69
CA ARG A 468 9.67 -26.29 -25.06
C ARG A 468 9.11 -27.66 -25.44
N GLU A 469 9.07 -28.59 -24.50
CA GLU A 469 8.45 -29.88 -24.78
CA GLU A 469 8.45 -29.88 -24.78
C GLU A 469 6.94 -29.76 -24.96
N ILE A 470 6.32 -28.80 -24.26
CA ILE A 470 4.90 -28.55 -24.45
C ILE A 470 4.64 -27.96 -25.84
N VAL A 471 5.50 -27.03 -26.27
CA VAL A 471 5.36 -26.43 -27.59
C VAL A 471 5.52 -27.49 -28.67
N ASN A 472 6.45 -28.43 -28.48
CA ASN A 472 6.68 -29.46 -29.48
C ASN A 472 5.48 -30.37 -29.63
N ASN A 473 4.85 -30.76 -28.51
CA ASN A 473 3.64 -31.57 -28.59
C ASN A 473 2.49 -30.81 -29.24
N VAL A 474 2.41 -29.50 -29.02
CA VAL A 474 1.40 -28.70 -29.68
C VAL A 474 1.62 -28.70 -31.19
N ARG A 475 2.88 -28.58 -31.62
CA ARG A 475 3.19 -28.62 -33.04
C ARG A 475 2.87 -29.99 -33.64
N ARG A 476 3.09 -31.06 -32.86
CA ARG A 476 2.77 -32.40 -33.35
C ARG A 476 1.27 -32.58 -33.50
N MET A 477 0.48 -32.10 -32.54
CA MET A 477 -0.97 -32.24 -32.62
C MET A 477 -1.58 -31.37 -33.73
N LEU A 478 -0.90 -30.29 -34.11
CA LEU A 478 -1.38 -29.49 -35.24
C LEU A 478 -1.18 -30.21 -36.56
N ASP A 479 -0.20 -31.12 -36.63
CA ASP A 479 0.05 -31.90 -37.84
C ASP A 479 -0.69 -33.23 -37.84
N GLY A 480 -1.57 -33.45 -36.86
CA GLY A 480 -2.34 -34.67 -36.80
C GLY A 480 -1.63 -35.85 -36.17
N LEU A 481 -0.50 -35.64 -35.52
CA LEU A 481 0.24 -36.72 -34.89
C LEU A 481 -0.13 -36.85 -33.42
N ASP A 482 0.28 -37.97 -32.83
CA ASP A 482 0.04 -38.22 -31.42
C ASP A 482 1.12 -37.54 -30.57
N PRO A 483 0.74 -36.88 -29.48
CA PRO A 483 1.75 -36.22 -28.63
C PRO A 483 2.57 -37.22 -27.85
N HIS A 484 3.85 -36.92 -27.69
CA HIS A 484 4.74 -37.76 -26.92
C HIS A 484 4.44 -37.65 -25.43
N PRO A 485 4.70 -38.69 -24.65
CA PRO A 485 4.52 -38.60 -23.20
C PRO A 485 5.48 -37.59 -22.58
N MET A 486 5.06 -36.98 -21.49
CA MET A 486 5.81 -35.92 -20.83
C MET A 486 6.04 -36.28 -19.37
N LEU A 487 7.29 -36.13 -18.92
CA LEU A 487 7.66 -36.24 -17.53
C LEU A 487 7.82 -34.86 -16.90
N PRO A 488 7.56 -34.75 -15.60
CA PRO A 488 7.77 -33.47 -14.91
C PRO A 488 9.16 -32.92 -15.16
N ASN A 489 9.23 -31.60 -15.36
CA ASN A 489 10.50 -30.93 -15.64
C ASN A 489 10.50 -29.59 -14.94
N TYR A 490 11.56 -29.31 -14.19
CA TYR A 490 11.74 -28.06 -13.47
C TYR A 490 12.94 -27.32 -14.03
N LYS A 491 12.78 -26.02 -14.28
CA LYS A 491 13.85 -25.23 -14.86
C LYS A 491 15.06 -25.19 -13.94
N ASN A 492 16.25 -25.33 -14.53
CA ASN A 492 17.53 -25.26 -13.84
C ASN A 492 17.70 -26.36 -12.80
N PHE A 493 16.88 -27.40 -12.84
CA PHE A 493 17.01 -28.54 -11.94
C PHE A 493 18.01 -29.52 -12.54
N LYS A 494 19.09 -29.77 -11.82
CA LYS A 494 20.18 -30.61 -12.31
C LYS A 494 20.01 -32.08 -11.95
N GLY A 495 18.93 -32.45 -11.27
CA GLY A 495 18.69 -33.82 -10.89
C GLY A 495 17.96 -34.59 -11.97
N THR A 496 17.45 -35.76 -11.58
CA THR A 496 16.73 -36.65 -12.48
C THR A 496 15.34 -36.93 -11.92
N ILE A 497 14.38 -37.10 -12.83
CA ILE A 497 13.00 -37.43 -12.47
C ILE A 497 12.63 -38.68 -13.28
N GLN A 498 12.59 -39.83 -12.62
CA GLN A 498 12.28 -41.10 -13.26
C GLN A 498 10.85 -41.53 -12.93
N GLU A 499 10.17 -42.10 -13.92
CA GLU A 499 8.79 -42.55 -13.74
C GLU A 499 8.80 -43.93 -13.10
N LEU A 500 8.21 -44.02 -11.90
CA LEU A 500 8.02 -45.30 -11.24
C LEU A 500 6.71 -45.97 -11.59
N GLY A 501 5.73 -45.20 -12.06
CA GLY A 501 4.44 -45.75 -12.39
C GLY A 501 3.51 -44.66 -12.88
N GLN A 502 2.23 -45.00 -12.99
CA GLN A 502 1.24 -44.02 -13.43
C GLN A 502 1.08 -42.95 -12.35
N ASN A 503 1.43 -41.71 -12.70
CA ASN A 503 1.29 -40.56 -11.81
C ASN A 503 2.15 -40.70 -10.56
N GLN A 504 3.26 -41.42 -10.66
CA GLN A 504 4.19 -41.58 -9.55
C GLN A 504 5.62 -41.50 -10.09
N TYR A 505 6.43 -40.63 -9.50
CA TYR A 505 7.76 -40.34 -10.01
C TYR A 505 8.75 -40.30 -8.86
N ALA A 506 10.02 -40.52 -9.20
CA ALA A 506 11.12 -40.46 -8.25
C ALA A 506 12.02 -39.29 -8.61
N VAL A 507 12.09 -38.30 -7.72
CA VAL A 507 12.91 -37.11 -7.92
C VAL A 507 14.16 -37.26 -7.08
N SER A 508 15.33 -37.22 -7.73
CA SER A 508 16.60 -37.47 -7.06
C SER A 508 17.56 -36.32 -7.32
N GLY A 509 18.37 -36.01 -6.32
CA GLY A 509 19.42 -35.02 -6.44
C GLY A 509 20.68 -35.62 -7.03
N GLU A 510 21.80 -34.96 -6.79
CA GLU A 510 23.10 -35.40 -7.29
C GLU A 510 24.09 -35.53 -6.15
N ILE A 511 24.71 -36.70 -6.03
CA ILE A 511 25.78 -36.94 -5.06
C ILE A 511 26.76 -37.93 -5.68
N PHE A 512 28.05 -37.64 -5.55
CA PHE A 512 29.08 -38.49 -6.12
C PHE A 512 30.28 -38.51 -5.18
N VAL A 513 31.07 -39.58 -5.30
CA VAL A 513 32.23 -39.79 -4.45
C VAL A 513 33.42 -39.06 -5.04
N VAL A 514 34.13 -38.31 -4.20
CA VAL A 514 35.35 -37.62 -4.62
C VAL A 514 36.53 -38.54 -4.32
N ASP A 515 36.74 -38.82 -3.03
CA ASP A 515 37.76 -39.77 -2.62
C ASP A 515 37.18 -40.72 -1.58
N ARG A 516 38.02 -41.55 -0.96
CA ARG A 516 37.54 -42.50 0.04
C ARG A 516 37.14 -41.83 1.35
N ASN A 517 37.20 -40.49 1.43
CA ASN A 517 36.80 -39.79 2.64
C ASN A 517 35.93 -38.56 2.35
N THR A 518 35.51 -38.35 1.12
CA THR A 518 34.78 -37.14 0.75
C THR A 518 33.69 -37.47 -0.26
N VAL A 519 32.50 -36.93 -0.03
CA VAL A 519 31.41 -36.96 -1.00
C VAL A 519 30.96 -35.53 -1.26
N GLU A 520 30.42 -35.29 -2.45
CA GLU A 520 29.99 -33.96 -2.86
C GLU A 520 28.53 -34.00 -3.28
N ILE A 521 27.74 -33.07 -2.75
CA ILE A 521 26.32 -32.94 -3.07
C ILE A 521 26.16 -31.65 -3.86
N THR A 522 25.83 -31.77 -5.15
CA THR A 522 25.72 -30.62 -6.03
C THR A 522 24.28 -30.28 -6.38
N GLU A 523 23.31 -31.09 -5.94
CA GLU A 523 21.91 -30.81 -6.25
C GLU A 523 21.03 -31.53 -5.24
N LEU A 524 19.99 -30.83 -4.78
CA LEU A 524 18.97 -31.36 -3.91
C LEU A 524 17.70 -31.63 -4.69
N PRO A 525 16.87 -32.57 -4.24
CA PRO A 525 15.59 -32.84 -4.92
C PRO A 525 14.72 -31.59 -4.96
N VAL A 526 13.74 -31.62 -5.87
CA VAL A 526 12.87 -30.47 -6.06
C VAL A 526 12.12 -30.15 -4.78
N ARG A 527 12.06 -28.86 -4.44
CA ARG A 527 11.40 -28.33 -3.24
C ARG A 527 12.04 -28.83 -1.95
N THR A 528 13.30 -29.25 -2.02
CA THR A 528 14.12 -29.49 -0.83
C THR A 528 15.06 -28.30 -0.70
N TRP A 529 14.76 -27.40 0.24
CA TRP A 529 15.48 -26.14 0.33
C TRP A 529 16.81 -26.32 1.06
N THR A 530 17.75 -25.42 0.77
CA THR A 530 19.12 -25.61 1.21
C THR A 530 19.25 -25.52 2.72
N GLN A 531 18.66 -24.49 3.33
CA GLN A 531 18.79 -24.34 4.78
C GLN A 531 18.04 -25.43 5.52
N VAL A 532 16.90 -25.89 4.97
CA VAL A 532 16.15 -26.96 5.61
C VAL A 532 16.92 -28.27 5.51
N TYR A 533 17.54 -28.54 4.36
CA TYR A 533 18.34 -29.75 4.22
C TYR A 533 19.57 -29.71 5.12
N LYS A 534 20.15 -28.53 5.31
CA LYS A 534 21.33 -28.41 6.18
C LYS A 534 20.97 -28.68 7.63
N GLU A 535 19.85 -28.13 8.11
CA GLU A 535 19.50 -28.25 9.52
C GLU A 535 18.87 -29.59 9.87
N GLN A 536 18.12 -30.18 8.94
CA GLN A 536 17.37 -31.40 9.24
C GLN A 536 18.06 -32.67 8.77
N VAL A 537 19.11 -32.58 7.97
CA VAL A 537 19.78 -33.77 7.45
C VAL A 537 21.26 -33.76 7.81
N LEU A 538 21.97 -32.70 7.40
CA LEU A 538 23.42 -32.67 7.58
C LEU A 538 23.80 -32.43 9.03
N GLU A 539 23.09 -31.54 9.72
CA GLU A 539 23.40 -31.29 11.12
C GLU A 539 23.18 -32.52 12.01
N PRO A 540 22.07 -33.27 11.89
CA PRO A 540 21.99 -34.53 12.65
C PRO A 540 23.03 -35.55 12.24
N MET A 541 23.46 -35.56 10.98
CA MET A 541 24.53 -36.46 10.58
C MET A 541 25.87 -36.05 11.20
N LEU A 542 26.09 -34.76 11.41
CA LEU A 542 27.35 -34.30 11.97
C LEU A 542 27.41 -34.47 13.48
N ASN A 543 26.33 -34.16 14.19
CA ASN A 543 26.31 -34.17 15.64
C ASN A 543 25.61 -35.38 16.24
N GLY A 544 24.64 -35.95 15.54
CA GLY A 544 23.84 -37.01 16.10
C GLY A 544 22.70 -36.47 16.95
N THR A 545 21.68 -37.30 17.13
CA THR A 545 20.52 -36.95 17.92
C THR A 545 20.40 -37.90 19.11
N ASP A 546 19.30 -37.76 19.86
CA ASP A 546 19.04 -38.67 20.96
C ASP A 546 18.72 -40.08 20.47
N LYS A 547 18.40 -40.24 19.19
CA LYS A 547 18.06 -41.53 18.61
C LYS A 547 19.09 -42.00 17.60
N THR A 548 19.36 -41.17 16.55
CA THR A 548 20.27 -41.54 15.48
C THR A 548 21.70 -41.14 15.81
N PRO A 549 22.69 -41.94 15.43
CA PRO A 549 24.09 -41.61 15.68
C PRO A 549 24.63 -40.70 14.58
N ALA A 550 25.87 -40.25 14.77
CA ALA A 550 26.53 -39.43 13.77
C ALA A 550 27.06 -40.29 12.63
N LEU A 551 27.16 -39.69 11.46
CA LEU A 551 27.61 -40.40 10.27
C LEU A 551 28.78 -39.72 9.58
N ILE A 552 28.81 -38.40 9.56
CA ILE A 552 29.84 -37.65 8.85
C ILE A 552 30.76 -36.96 9.85
N SER A 553 31.97 -36.63 9.38
CA SER A 553 32.97 -36.01 10.22
C SER A 553 32.93 -34.49 10.14
N ASP A 554 32.67 -33.94 8.96
CA ASP A 554 32.60 -32.49 8.76
C ASP A 554 32.01 -32.22 7.39
N TYR A 555 31.46 -31.02 7.23
CA TYR A 555 30.92 -30.60 5.95
C TYR A 555 31.12 -29.10 5.77
N LYS A 556 31.33 -28.70 4.51
CA LYS A 556 31.49 -27.30 4.14
C LYS A 556 30.42 -26.92 3.13
N GLU A 557 30.17 -25.62 3.03
CA GLU A 557 29.15 -25.07 2.14
C GLU A 557 29.80 -24.13 1.13
N TYR A 558 29.40 -24.27 -0.13
CA TYR A 558 29.88 -23.41 -1.20
C TYR A 558 28.72 -23.03 -2.12
N HIS A 559 27.60 -22.63 -1.51
CA HIS A 559 26.39 -22.33 -2.27
C HIS A 559 26.44 -20.93 -2.85
N THR A 560 25.64 -20.73 -3.88
CA THR A 560 25.28 -19.41 -4.38
C THR A 560 23.80 -19.18 -4.13
N ASP A 561 23.24 -18.12 -4.72
CA ASP A 561 21.82 -17.87 -4.56
C ASP A 561 20.95 -18.83 -5.37
N THR A 562 21.54 -19.57 -6.31
CA THR A 562 20.78 -20.46 -7.16
C THR A 562 21.37 -21.86 -7.28
N THR A 563 22.52 -22.13 -6.68
CA THR A 563 23.16 -23.43 -6.77
C THR A 563 23.46 -23.98 -5.38
N VAL A 564 23.69 -25.28 -5.31
CA VAL A 564 23.98 -25.99 -4.07
C VAL A 564 25.27 -26.77 -4.24
N LYS A 565 26.16 -26.68 -3.25
CA LYS A 565 27.42 -27.43 -3.29
C LYS A 565 27.83 -27.73 -1.84
N PHE A 566 27.63 -28.98 -1.43
CA PHE A 566 28.06 -29.47 -0.14
C PHE A 566 29.27 -30.38 -0.32
N VAL A 567 30.31 -30.16 0.48
CA VAL A 567 31.48 -31.02 0.51
C VAL A 567 31.53 -31.65 1.89
N VAL A 568 31.31 -32.96 1.95
CA VAL A 568 31.12 -33.68 3.21
C VAL A 568 32.30 -34.62 3.42
N LYS A 569 32.84 -34.64 4.63
CA LYS A 569 33.94 -35.50 5.00
C LYS A 569 33.43 -36.68 5.82
N MET A 570 33.90 -37.87 5.50
CA MET A 570 33.51 -39.09 6.20
C MET A 570 34.73 -39.98 6.38
N THR A 571 34.60 -40.97 7.27
CA THR A 571 35.63 -41.98 7.42
C THR A 571 35.45 -43.07 6.35
N GLU A 572 36.51 -43.86 6.17
CA GLU A 572 36.47 -44.92 5.17
C GLU A 572 35.40 -45.97 5.51
N GLU A 573 35.23 -46.27 6.80
CA GLU A 573 34.23 -47.26 7.21
C GLU A 573 32.82 -46.74 7.00
N LYS A 574 32.56 -45.51 7.43
CA LYS A 574 31.21 -44.95 7.30
C LYS A 574 30.84 -44.74 5.83
N LEU A 575 31.80 -44.39 4.97
CA LEU A 575 31.49 -44.19 3.56
C LEU A 575 31.16 -45.50 2.87
N ALA A 576 31.85 -46.59 3.24
CA ALA A 576 31.56 -47.88 2.64
C ALA A 576 30.15 -48.35 2.98
N GLN A 577 29.71 -48.10 4.22
CA GLN A 577 28.35 -48.48 4.61
C GLN A 577 27.31 -47.60 3.93
N ALA A 578 27.63 -46.33 3.69
CA ALA A 578 26.69 -45.45 3.01
C ALA A 578 26.50 -45.85 1.55
N GLU A 579 27.58 -46.25 0.89
CA GLU A 579 27.47 -46.71 -0.50
C GLU A 579 26.70 -48.00 -0.60
N ALA A 580 26.82 -48.89 0.40
CA ALA A 580 26.10 -50.16 0.37
C ALA A 580 24.59 -49.94 0.48
N ALA A 581 24.18 -48.99 1.31
CA ALA A 581 22.76 -48.70 1.49
C ALA A 581 22.23 -47.74 0.43
N GLY A 582 23.10 -47.08 -0.33
CA GLY A 582 22.68 -46.11 -1.31
C GLY A 582 22.90 -44.68 -0.86
N LEU A 583 23.78 -43.96 -1.55
CA LEU A 583 24.10 -42.59 -1.15
C LEU A 583 22.88 -41.68 -1.24
N HIS A 584 22.07 -41.85 -2.27
CA HIS A 584 20.86 -41.04 -2.40
C HIS A 584 19.84 -41.40 -1.33
N LYS A 585 19.82 -42.66 -0.88
CA LYS A 585 18.89 -43.06 0.17
C LYS A 585 19.34 -42.50 1.52
N VAL A 586 20.63 -42.65 1.84
CA VAL A 586 21.13 -42.26 3.15
C VAL A 586 21.04 -40.75 3.34
N PHE A 587 21.55 -39.99 2.36
CA PHE A 587 21.60 -38.54 2.47
C PHE A 587 20.27 -37.86 2.14
N LYS A 588 19.18 -38.63 2.03
CA LYS A 588 17.85 -38.09 1.81
C LYS A 588 17.80 -37.20 0.56
N LEU A 589 18.37 -37.70 -0.53
CA LEU A 589 18.43 -36.96 -1.78
C LEU A 589 17.47 -37.51 -2.82
N GLN A 590 16.44 -38.23 -2.38
CA GLN A 590 15.41 -38.76 -3.27
C GLN A 590 14.05 -38.62 -2.60
N THR A 591 13.09 -38.06 -3.32
CA THR A 591 11.73 -37.90 -2.84
C THR A 591 10.76 -38.43 -3.89
N THR A 592 9.60 -38.89 -3.42
CA THR A 592 8.58 -39.45 -4.30
C THR A 592 7.57 -38.38 -4.66
N LEU A 593 7.14 -38.37 -5.92
CA LEU A 593 6.17 -37.41 -6.43
C LEU A 593 4.96 -38.18 -6.95
N THR A 594 3.83 -38.02 -6.27
CA THR A 594 2.58 -38.69 -6.64
C THR A 594 1.56 -37.65 -7.04
N CYS A 595 0.92 -37.86 -8.19
CA CYS A 595 0.00 -36.88 -8.78
C CYS A 595 -1.31 -37.58 -9.15
N ASN A 596 -2.03 -38.06 -8.15
CA ASN A 596 -3.33 -38.68 -8.34
C ASN A 596 -4.49 -37.75 -7.98
N SER A 597 -4.24 -36.44 -7.94
CA SER A 597 -5.26 -35.47 -7.59
C SER A 597 -5.21 -34.28 -8.54
N MET A 598 -5.23 -34.56 -9.85
CA MET A 598 -5.21 -33.50 -10.87
C MET A 598 -6.64 -33.05 -11.16
N VAL A 599 -7.18 -32.28 -10.21
CA VAL A 599 -8.55 -31.78 -10.27
C VAL A 599 -8.51 -30.34 -10.75
N LEU A 600 -9.27 -30.04 -11.79
CA LEU A 600 -9.30 -28.71 -12.38
C LEU A 600 -10.71 -28.36 -12.82
N PHE A 601 -10.93 -27.08 -13.09
CA PHE A 601 -12.17 -26.61 -13.71
C PHE A 601 -11.99 -26.61 -15.22
N ASP A 602 -12.96 -27.19 -15.93
CA ASP A 602 -12.89 -27.22 -17.39
C ASP A 602 -13.34 -25.88 -17.95
N HIS A 603 -13.53 -25.80 -19.27
CA HIS A 603 -13.90 -24.55 -19.90
C HIS A 603 -15.33 -24.15 -19.54
N MET A 604 -16.20 -25.12 -19.27
CA MET A 604 -17.58 -24.83 -18.90
C MET A 604 -17.74 -24.51 -17.42
N GLY A 605 -16.66 -24.49 -16.65
CA GLY A 605 -16.74 -24.23 -15.23
C GLY A 605 -17.02 -25.44 -14.37
N CYS A 606 -17.03 -26.64 -14.94
CA CYS A 606 -17.31 -27.85 -14.19
C CYS A 606 -16.03 -28.40 -13.57
N LEU A 607 -16.15 -28.93 -12.36
CA LEU A 607 -15.02 -29.54 -11.69
C LEU A 607 -14.82 -30.96 -12.23
N LYS A 608 -13.59 -31.27 -12.62
CA LYS A 608 -13.30 -32.55 -13.28
C LYS A 608 -11.94 -33.05 -12.82
N LYS A 609 -11.84 -34.36 -12.60
CA LYS A 609 -10.60 -35.01 -12.22
C LYS A 609 -9.96 -35.62 -13.45
N TYR A 610 -8.67 -35.34 -13.65
CA TYR A 610 -7.92 -35.83 -14.80
C TYR A 610 -6.92 -36.89 -14.37
N GLU A 611 -6.84 -37.98 -15.12
CA GLU A 611 -6.00 -39.11 -14.76
C GLU A 611 -4.59 -39.01 -15.34
N THR A 612 -4.44 -38.42 -16.53
CA THR A 612 -3.14 -38.25 -17.15
C THR A 612 -2.97 -36.81 -17.61
N VAL A 613 -1.71 -36.42 -17.78
CA VAL A 613 -1.41 -35.07 -18.28
C VAL A 613 -1.79 -34.96 -19.76
N GLN A 614 -1.72 -36.06 -20.51
CA GLN A 614 -2.10 -36.03 -21.91
CA GLN A 614 -2.10 -36.02 -21.91
C GLN A 614 -3.58 -35.67 -22.07
N ASP A 615 -4.41 -36.03 -21.11
CA ASP A 615 -5.83 -35.66 -21.16
C ASP A 615 -6.00 -34.15 -20.97
N ILE A 616 -5.16 -33.55 -20.13
CA ILE A 616 -5.21 -32.10 -19.94
C ILE A 616 -4.74 -31.39 -21.21
N LEU A 617 -3.67 -31.89 -21.83
CA LEU A 617 -3.16 -31.27 -23.04
C LEU A 617 -4.15 -31.38 -24.20
N LYS A 618 -4.87 -32.51 -24.27
CA LYS A 618 -5.80 -32.72 -25.37
C LYS A 618 -7.01 -31.79 -25.25
N GLU A 619 -7.58 -31.70 -24.04
CA GLU A 619 -8.74 -30.84 -23.85
C GLU A 619 -8.39 -29.36 -24.06
N PHE A 620 -7.18 -28.97 -23.67
CA PHE A 620 -6.73 -27.60 -23.94
C PHE A 620 -6.53 -27.38 -25.43
N PHE A 621 -6.02 -28.38 -26.15
CA PHE A 621 -5.70 -28.21 -27.56
C PHE A 621 -6.96 -27.94 -28.38
N ASP A 622 -8.03 -28.70 -28.13
CA ASP A 622 -9.25 -28.53 -28.91
C ASP A 622 -9.87 -27.15 -28.66
N LEU A 623 -9.82 -26.66 -27.42
CA LEU A 623 -10.38 -25.35 -27.11
C LEU A 623 -9.53 -24.23 -27.71
N ARG A 624 -8.21 -24.32 -27.56
CA ARG A 624 -7.33 -23.28 -28.09
C ARG A 624 -7.37 -23.24 -29.61
N LEU A 625 -7.44 -24.40 -30.26
CA LEU A 625 -7.55 -24.43 -31.70
C LEU A 625 -8.87 -23.82 -32.16
N SER A 626 -9.94 -24.04 -31.40
CA SER A 626 -11.23 -23.45 -31.73
C SER A 626 -11.21 -21.93 -31.60
N TYR A 627 -10.44 -21.41 -30.65
CA TYR A 627 -10.36 -19.96 -30.47
C TYR A 627 -9.43 -19.29 -31.46
N TYR A 628 -8.48 -20.02 -32.05
CA TYR A 628 -7.71 -19.45 -33.14
C TYR A 628 -8.56 -19.26 -34.38
N GLY A 629 -9.58 -20.12 -34.57
CA GLY A 629 -10.57 -19.86 -35.59
C GLY A 629 -11.44 -18.66 -35.25
N LEU A 630 -11.70 -18.44 -33.96
CA LEU A 630 -12.44 -17.26 -33.54
C LEU A 630 -11.62 -16.00 -33.74
N ARG A 631 -10.31 -16.08 -33.53
CA ARG A 631 -9.45 -14.91 -33.74
C ARG A 631 -9.44 -14.49 -35.20
N LYS A 632 -9.27 -15.46 -36.11
CA LYS A 632 -9.29 -15.15 -37.54
C LYS A 632 -10.64 -14.61 -37.95
N GLU A 633 -11.73 -15.25 -37.48
CA GLU A 633 -13.06 -14.77 -37.78
C GLU A 633 -13.27 -13.35 -37.26
N TRP A 634 -12.63 -13.01 -36.13
CA TRP A 634 -12.70 -11.66 -35.61
C TRP A 634 -11.80 -10.71 -36.39
N LEU A 635 -10.60 -11.17 -36.78
CA LEU A 635 -9.67 -10.31 -37.50
C LEU A 635 -10.15 -10.02 -38.92
N VAL A 636 -10.86 -10.96 -39.54
CA VAL A 636 -11.39 -10.72 -40.88
C VAL A 636 -12.42 -9.60 -40.85
N GLY A 637 -13.29 -9.61 -39.84
CA GLY A 637 -14.30 -8.56 -39.73
C GLY A 637 -13.72 -7.22 -39.31
N MET A 638 -12.77 -7.23 -38.38
CA MET A 638 -12.18 -5.98 -37.92
C MET A 638 -11.30 -5.34 -39.00
N LEU A 639 -10.36 -6.11 -39.55
CA LEU A 639 -9.53 -5.57 -40.63
C LEU A 639 -10.35 -5.20 -41.84
N GLY A 640 -11.43 -5.95 -42.11
CA GLY A 640 -12.31 -5.56 -43.20
C GLY A 640 -13.04 -4.27 -42.92
N ALA A 641 -13.43 -4.04 -41.67
CA ALA A 641 -14.05 -2.78 -41.29
C ALA A 641 -13.06 -1.63 -41.36
N GLU A 642 -11.82 -1.86 -40.93
CA GLU A 642 -10.79 -0.83 -41.03
C GLU A 642 -10.46 -0.54 -42.49
N SER A 643 -10.51 -1.54 -43.36
CA SER A 643 -10.27 -1.31 -44.78
C SER A 643 -11.40 -0.48 -45.38
N THR A 644 -12.65 -0.74 -44.99
CA THR A 644 -13.76 0.05 -45.50
C THR A 644 -13.69 1.48 -45.00
N LYS A 645 -13.22 1.68 -43.77
CA LYS A 645 -13.07 3.04 -43.25
C LYS A 645 -12.06 3.83 -44.07
N LEU A 646 -10.89 3.25 -44.32
CA LEU A 646 -9.88 3.93 -45.11
C LEU A 646 -10.34 4.17 -46.55
N ASN A 647 -11.21 3.30 -47.06
CA ASN A 647 -11.74 3.51 -48.41
C ASN A 647 -12.59 4.77 -48.48
N ASN A 648 -13.46 4.99 -47.49
CA ASN A 648 -14.29 6.19 -47.48
C ASN A 648 -13.45 7.44 -47.18
N GLN A 649 -12.48 7.32 -46.29
CA GLN A 649 -11.63 8.46 -45.97
C GLN A 649 -10.77 8.86 -47.17
N ALA A 650 -10.21 7.88 -47.88
CA ALA A 650 -9.42 8.19 -49.06
C ALA A 650 -10.29 8.75 -50.18
N ARG A 651 -11.51 8.23 -50.31
CA ARG A 651 -12.42 8.73 -51.35
C ARG A 651 -12.81 10.18 -51.08
N PHE A 652 -13.09 10.52 -49.82
CA PHE A 652 -13.49 11.88 -49.49
C PHE A 652 -12.37 12.87 -49.75
N ILE A 653 -11.14 12.51 -49.39
CA ILE A 653 -10.01 13.40 -49.60
C ILE A 653 -9.75 13.60 -51.09
N LEU A 654 -9.84 12.52 -51.88
CA LEU A 654 -9.62 12.64 -53.31
C LEU A 654 -10.73 13.43 -53.98
N GLU A 655 -11.98 13.23 -53.54
CA GLU A 655 -13.09 13.99 -54.11
C GLU A 655 -13.07 15.45 -53.69
N LYS A 656 -12.40 15.78 -52.57
CA LYS A 656 -12.35 17.16 -52.12
C LYS A 656 -11.26 17.96 -52.83
N ILE A 657 -10.08 17.34 -53.03
CA ILE A 657 -8.97 18.02 -53.69
C ILE A 657 -9.20 18.17 -55.18
N GLN A 658 -10.27 17.60 -55.71
CA GLN A 658 -10.59 17.72 -57.13
C GLN A 658 -11.81 18.59 -57.38
N GLY A 659 -12.43 19.13 -56.33
CA GLY A 659 -13.60 19.96 -56.47
C GLY A 659 -14.91 19.22 -56.60
N LYS A 660 -14.90 17.89 -56.54
CA LYS A 660 -16.12 17.12 -56.69
C LYS A 660 -17.07 17.27 -55.50
N ILE A 661 -16.56 17.69 -54.35
CA ILE A 661 -17.39 17.89 -53.16
C ILE A 661 -16.80 19.03 -52.35
N THR A 662 -17.67 19.85 -51.76
CA THR A 662 -17.25 20.96 -50.92
C THR A 662 -18.01 20.90 -49.60
N ILE A 663 -17.34 21.37 -48.54
CA ILE A 663 -17.93 21.40 -47.21
C ILE A 663 -17.90 22.78 -46.58
N GLU A 664 -17.39 23.79 -47.27
CA GLU A 664 -17.19 25.11 -46.68
C GLU A 664 -18.52 25.81 -46.45
N ASN A 665 -18.74 26.23 -45.20
CA ASN A 665 -19.89 27.07 -44.80
C ASN A 665 -21.22 26.38 -45.09
N ARG A 666 -21.25 25.06 -45.09
CA ARG A 666 -22.50 24.33 -45.28
C ARG A 666 -22.95 23.71 -43.96
N SER A 667 -24.26 23.62 -43.77
CA SER A 667 -24.82 23.17 -42.51
C SER A 667 -24.47 21.71 -42.24
N LYS A 668 -24.56 21.34 -40.96
CA LYS A 668 -24.30 19.96 -40.56
C LYS A 668 -25.33 19.01 -41.16
N LYS A 669 -26.61 19.40 -41.14
CA LYS A 669 -27.65 18.56 -41.70
C LYS A 669 -27.50 18.41 -43.21
N ASP A 670 -27.19 19.52 -43.90
CA ASP A 670 -26.99 19.45 -45.34
C ASP A 670 -25.75 18.66 -45.72
N LEU A 671 -24.74 18.66 -44.86
CA LEU A 671 -23.52 17.91 -45.16
C LEU A 671 -23.70 16.43 -44.93
N ILE A 672 -24.43 16.05 -43.87
CA ILE A 672 -24.69 14.63 -43.62
C ILE A 672 -25.62 14.07 -44.69
N GLN A 673 -26.66 14.82 -45.04
CA GLN A 673 -27.60 14.36 -46.06
C GLN A 673 -26.93 14.23 -47.42
N MET A 674 -25.91 15.05 -47.70
CA MET A 674 -25.20 14.94 -48.96
C MET A 674 -24.25 13.76 -48.98
N LEU A 675 -23.68 13.41 -47.83
CA LEU A 675 -22.78 12.26 -47.78
C LEU A 675 -23.55 10.96 -47.97
N VAL A 676 -24.76 10.86 -47.39
CA VAL A 676 -25.58 9.68 -47.60
C VAL A 676 -26.05 9.61 -49.04
N GLN A 677 -26.24 10.77 -49.68
CA GLN A 677 -26.67 10.79 -51.08
C GLN A 677 -25.55 10.35 -52.02
N ARG A 678 -24.29 10.63 -51.64
CA ARG A 678 -23.14 10.26 -52.46
C ARG A 678 -22.59 8.88 -52.12
N GLY A 679 -23.36 8.07 -51.42
CA GLY A 679 -22.93 6.70 -51.14
C GLY A 679 -21.84 6.54 -50.12
N TYR A 680 -21.68 7.52 -49.22
CA TYR A 680 -20.70 7.39 -48.15
C TYR A 680 -21.28 6.60 -47.00
N GLU A 681 -20.49 5.67 -46.46
CA GLU A 681 -20.94 4.75 -45.43
C GLU A 681 -20.67 5.31 -44.05
N SER A 682 -21.58 4.99 -43.12
CA SER A 682 -21.35 5.29 -41.71
C SER A 682 -20.13 4.53 -41.21
N ASP A 683 -19.62 4.95 -40.05
CA ASP A 683 -18.41 4.42 -39.44
C ASP A 683 -18.41 2.89 -39.45
N PRO A 684 -17.62 2.26 -40.33
CA PRO A 684 -17.68 0.79 -40.43
C PRO A 684 -17.09 0.08 -39.23
N VAL A 685 -16.01 0.61 -38.64
CA VAL A 685 -15.41 -0.01 -37.48
C VAL A 685 -16.38 -0.01 -36.31
N LYS A 686 -17.04 1.13 -36.07
CA LYS A 686 -18.05 1.20 -35.01
C LYS A 686 -19.25 0.34 -35.34
N ALA A 687 -19.69 0.34 -36.60
CA ALA A 687 -20.84 -0.47 -37.00
C ALA A 687 -20.55 -1.96 -36.85
N TRP A 688 -19.31 -2.36 -37.12
CA TRP A 688 -18.97 -3.78 -36.99
C TRP A 688 -18.91 -4.21 -35.53
N LYS A 689 -18.38 -3.34 -34.66
CA LYS A 689 -18.35 -3.67 -33.24
C LYS A 689 -19.73 -3.65 -32.62
N GLU A 690 -20.64 -2.81 -33.13
CA GLU A 690 -22.01 -2.83 -32.65
C GLU A 690 -22.73 -4.11 -33.06
N ALA A 691 -22.37 -4.69 -34.21
CA ALA A 691 -22.96 -5.94 -34.64
C ALA A 691 -22.52 -7.11 -33.78
N GLN A 692 -21.41 -6.99 -33.07
CA GLN A 692 -20.92 -8.06 -32.21
C GLN A 692 -21.59 -8.03 -30.84
N GLU A 693 -22.80 -7.47 -30.78
CA GLU A 693 -23.54 -7.39 -29.53
C GLU A 693 -24.99 -7.84 -29.73
N GLY A 717 -28.39 7.71 -36.06
CA GLY A 717 -28.20 8.28 -37.38
C GLY A 717 -26.85 7.96 -37.98
N PRO A 718 -26.64 8.39 -39.22
CA PRO A 718 -25.34 8.12 -39.88
C PRO A 718 -24.21 8.84 -39.15
N ASP A 719 -23.08 8.15 -39.04
CA ASP A 719 -21.90 8.64 -38.33
C ASP A 719 -20.77 8.82 -39.33
N PHE A 720 -20.50 10.08 -39.70
CA PHE A 720 -19.41 10.42 -40.59
C PHE A 720 -18.29 11.17 -39.88
N ASN A 721 -18.24 11.07 -38.54
CA ASN A 721 -17.20 11.77 -37.79
C ASN A 721 -15.81 11.27 -38.14
N TYR A 722 -15.68 9.99 -38.50
CA TYR A 722 -14.37 9.46 -38.86
C TYR A 722 -13.82 10.11 -40.12
N ILE A 723 -14.67 10.76 -40.90
CA ILE A 723 -14.23 11.51 -42.08
C ILE A 723 -13.94 12.96 -41.75
N LEU A 724 -14.84 13.61 -41.01
CA LEU A 724 -14.74 15.04 -40.77
C LEU A 724 -13.90 15.40 -39.56
N ASN A 725 -13.51 14.43 -38.72
CA ASN A 725 -12.58 14.71 -37.64
C ASN A 725 -11.13 14.70 -38.10
N MET A 726 -10.87 14.43 -39.37
CA MET A 726 -9.51 14.48 -39.88
C MET A 726 -9.02 15.92 -39.93
N SER A 727 -7.73 16.10 -39.67
CA SER A 727 -7.15 17.42 -39.63
C SER A 727 -7.10 18.05 -41.03
N LEU A 728 -6.89 19.37 -41.05
CA LEU A 728 -6.72 20.07 -42.32
C LEU A 728 -5.45 19.65 -43.04
N TRP A 729 -4.49 19.04 -42.33
CA TRP A 729 -3.30 18.50 -42.97
C TRP A 729 -3.66 17.45 -44.01
N SER A 730 -4.77 16.73 -43.80
CA SER A 730 -5.15 15.63 -44.69
C SER A 730 -5.32 16.09 -46.13
N LEU A 731 -5.59 17.37 -46.36
CA LEU A 731 -5.75 17.89 -47.72
C LEU A 731 -4.42 18.24 -48.37
N THR A 732 -3.31 18.21 -47.64
CA THR A 732 -2.01 18.54 -48.21
C THR A 732 -1.51 17.39 -49.10
N LYS A 733 -0.45 17.69 -49.85
CA LYS A 733 0.05 16.73 -50.84
C LYS A 733 0.58 15.47 -50.17
N GLU A 734 1.47 15.63 -49.19
CA GLU A 734 2.10 14.47 -48.56
C GLU A 734 1.09 13.61 -47.80
N LYS A 735 0.05 14.23 -47.24
CA LYS A 735 -0.94 13.46 -46.49
C LYS A 735 -1.89 12.70 -47.41
N VAL A 736 -2.11 13.19 -48.63
CA VAL A 736 -2.91 12.44 -49.59
C VAL A 736 -2.17 11.18 -50.02
N GLU A 737 -0.88 11.30 -50.30
CA GLU A 737 -0.08 10.13 -50.68
C GLU A 737 0.05 9.16 -49.53
N GLU A 738 0.18 9.67 -48.30
CA GLU A 738 0.28 8.79 -47.14
C GLU A 738 -1.02 8.05 -46.87
N LEU A 739 -2.15 8.73 -47.05
CA LEU A 739 -3.44 8.10 -46.81
C LEU A 739 -3.72 6.99 -47.83
N ILE A 740 -3.30 7.19 -49.08
CA ILE A 740 -3.50 6.18 -50.11
C ILE A 740 -2.67 4.94 -49.81
N LYS A 741 -1.43 5.14 -49.33
CA LYS A 741 -0.59 4.00 -49.01
C LYS A 741 -1.16 3.20 -47.83
N GLN A 742 -1.69 3.89 -46.82
CA GLN A 742 -2.30 3.18 -45.69
C GLN A 742 -3.53 2.41 -46.14
N ARG A 743 -4.32 2.97 -47.07
CA ARG A 743 -5.49 2.27 -47.58
C ARG A 743 -5.09 1.00 -48.33
N ASP A 744 -4.05 1.10 -49.16
CA ASP A 744 -3.60 -0.07 -49.91
C ASP A 744 -2.93 -1.09 -49.00
N ALA A 745 -2.21 -0.62 -47.98
CA ALA A 745 -1.56 -1.53 -47.05
C ALA A 745 -2.58 -2.30 -46.22
N LYS A 746 -3.66 -1.63 -45.82
CA LYS A 746 -4.71 -2.32 -45.07
C LYS A 746 -5.41 -3.38 -45.92
N GLY A 747 -5.61 -3.08 -47.21
CA GLY A 747 -6.21 -4.07 -48.09
C GLY A 747 -5.34 -5.30 -48.25
N ARG A 748 -4.03 -5.11 -48.39
CA ARG A 748 -3.12 -6.25 -48.43
C ARG A 748 -3.04 -6.94 -47.08
N GLU A 749 -3.30 -6.20 -45.99
CA GLU A 749 -3.29 -6.83 -44.67
C GLU A 749 -4.50 -7.74 -44.48
N VAL A 750 -5.64 -7.40 -45.09
CA VAL A 750 -6.81 -8.27 -45.00
C VAL A 750 -6.58 -9.54 -45.80
N ASN A 751 -6.04 -9.43 -47.01
CA ASN A 751 -5.79 -10.60 -47.83
C ASN A 751 -4.74 -11.51 -47.22
N ASP A 752 -3.66 -10.92 -46.69
CA ASP A 752 -2.62 -11.73 -46.06
C ASP A 752 -3.14 -12.47 -44.83
N LEU A 753 -4.17 -11.94 -44.18
CA LEU A 753 -4.73 -12.62 -43.02
C LEU A 753 -5.68 -13.74 -43.44
N LYS A 754 -6.48 -13.51 -44.49
CA LYS A 754 -7.39 -14.54 -44.97
C LYS A 754 -6.63 -15.74 -45.52
N ARG A 755 -5.42 -15.52 -46.03
CA ARG A 755 -4.63 -16.62 -46.57
C ARG A 755 -4.03 -17.49 -45.48
N LYS A 756 -3.97 -16.99 -44.25
CA LYS A 756 -3.44 -17.77 -43.13
C LYS A 756 -4.54 -18.60 -42.50
N SER A 757 -4.16 -19.74 -41.94
CA SER A 757 -5.08 -20.63 -41.26
C SER A 757 -4.97 -20.44 -39.75
N PRO A 758 -5.98 -20.87 -38.99
CA PRO A 758 -5.84 -20.85 -37.53
C PRO A 758 -4.62 -21.60 -37.03
N SER A 759 -4.18 -22.63 -37.75
CA SER A 759 -2.93 -23.29 -37.41
C SER A 759 -1.73 -22.41 -37.73
N ASP A 760 -1.79 -21.67 -38.84
CA ASP A 760 -0.70 -20.76 -39.19
C ASP A 760 -0.55 -19.65 -38.15
N LEU A 761 -1.68 -19.08 -37.72
CA LEU A 761 -1.63 -18.04 -36.69
C LEU A 761 -1.07 -18.58 -35.38
N TRP A 762 -1.38 -19.84 -35.07
CA TRP A 762 -0.85 -20.46 -33.86
C TRP A 762 0.65 -20.68 -33.96
N LYS A 763 1.13 -21.17 -35.12
CA LYS A 763 2.55 -21.41 -35.29
C LYS A 763 3.35 -20.12 -35.25
N GLU A 764 2.77 -18.99 -35.68
CA GLU A 764 3.45 -17.71 -35.57
C GLU A 764 3.63 -17.31 -34.12
N ASP A 765 2.59 -17.51 -33.30
CA ASP A 765 2.69 -17.18 -31.88
C ASP A 765 3.66 -18.10 -31.17
N LEU A 766 3.69 -19.38 -31.55
CA LEU A 766 4.63 -20.32 -30.93
C LEU A 766 6.07 -19.98 -31.29
N ALA A 767 6.32 -19.61 -32.54
CA ALA A 767 7.68 -19.25 -32.95
C ALA A 767 8.13 -17.96 -32.27
N ALA A 768 7.23 -16.98 -32.16
CA ALA A 768 7.58 -15.72 -31.49
C ALA A 768 7.83 -15.92 -29.99
N PHE A 769 7.12 -16.87 -29.37
CA PHE A 769 7.32 -17.14 -27.95
C PHE A 769 8.65 -17.85 -27.71
N VAL A 770 8.98 -18.84 -28.53
CA VAL A 770 10.21 -19.59 -28.34
C VAL A 770 11.43 -18.68 -28.56
N GLU A 771 11.33 -17.76 -29.52
CA GLU A 771 12.45 -16.86 -29.78
C GLU A 771 12.75 -15.98 -28.58
N GLU A 772 11.72 -15.43 -27.95
CA GLU A 772 11.92 -14.60 -26.77
C GLU A 772 12.25 -15.44 -25.55
N LEU A 773 11.72 -16.67 -25.47
CA LEU A 773 12.06 -17.54 -24.35
C LEU A 773 13.55 -17.88 -24.37
N ASP A 774 14.13 -18.05 -25.56
CA ASP A 774 15.56 -18.34 -25.64
C ASP A 774 16.38 -17.13 -25.21
N LYS A 775 15.95 -15.92 -25.58
CA LYS A 775 16.70 -14.72 -25.19
C LYS A 775 16.59 -14.45 -23.70
N VAL A 776 15.39 -14.60 -23.14
CA VAL A 776 15.20 -14.33 -21.71
C VAL A 776 15.99 -15.33 -20.87
N GLU A 777 15.88 -16.62 -21.19
CA GLU A 777 16.59 -17.62 -20.41
C GLU A 777 18.10 -17.53 -20.61
N SER A 778 18.55 -17.00 -21.75
CA SER A 778 19.98 -16.78 -21.93
C SER A 778 20.47 -15.60 -21.12
N GLN A 779 19.67 -14.53 -21.07
CA GLN A 779 20.05 -13.37 -20.27
C GLN A 779 20.01 -13.67 -18.77
N GLU A 780 19.13 -14.57 -18.35
CA GLU A 780 19.07 -14.93 -16.93
C GLU A 780 20.33 -15.66 -16.50
N ARG A 781 20.88 -16.51 -17.36
CA ARG A 781 22.12 -17.20 -17.02
C ARG A 781 23.30 -16.22 -16.98
N GLU A 782 23.26 -15.16 -17.78
CA GLU A 782 24.33 -14.17 -17.78
C GLU A 782 24.20 -13.22 -16.58
N ASP A 783 22.99 -12.73 -16.31
CA ASP A 783 22.74 -11.82 -15.20
C ASP A 783 22.98 -12.49 -13.85
N SER B 31 29.62 -17.94 28.81
CA SER B 31 28.78 -16.76 28.70
C SER B 31 28.18 -16.63 27.31
N LYS B 32 26.86 -16.77 27.21
CA LYS B 32 26.16 -16.63 25.94
C LYS B 32 24.73 -16.20 26.21
N ILE B 33 24.24 -15.24 25.44
CA ILE B 33 22.92 -14.67 25.67
C ILE B 33 21.85 -15.65 25.21
N LYS B 34 20.73 -15.70 25.93
CA LYS B 34 19.65 -16.63 25.64
C LYS B 34 18.30 -15.96 25.42
N GLY B 35 18.04 -14.82 26.05
CA GLY B 35 16.72 -14.23 26.03
C GLY B 35 16.51 -13.11 25.03
N ILE B 36 17.35 -13.05 24.00
CA ILE B 36 17.20 -12.02 22.97
C ILE B 36 16.97 -12.68 21.62
N PRO B 37 15.78 -12.56 21.04
CA PRO B 37 15.46 -13.28 19.80
C PRO B 37 16.24 -12.77 18.59
N LYS B 38 16.17 -11.47 18.33
CA LYS B 38 16.72 -10.86 17.12
C LYS B 38 18.24 -10.73 17.14
N LEU B 39 18.94 -11.40 18.05
CA LEU B 39 20.39 -11.30 18.14
C LEU B 39 21.04 -12.48 17.42
N ASP B 40 21.99 -12.17 16.55
CA ASP B 40 22.85 -13.17 15.91
C ASP B 40 24.24 -13.03 16.52
N ASP B 41 24.40 -13.60 17.71
CA ASP B 41 25.63 -13.44 18.47
C ASP B 41 26.79 -14.12 17.76
N ALA B 42 27.99 -13.57 17.94
CA ALA B 42 29.19 -14.15 17.37
C ALA B 42 29.57 -15.43 18.11
N ASN B 43 30.22 -16.34 17.38
CA ASN B 43 30.60 -17.62 17.98
C ASN B 43 31.63 -17.45 19.08
N ASP B 44 32.62 -16.59 18.86
CA ASP B 44 33.68 -16.36 19.84
C ASP B 44 33.32 -15.30 20.87
N ALA B 45 32.09 -14.79 20.85
CA ALA B 45 31.67 -13.77 21.80
C ALA B 45 31.43 -14.38 23.17
N GLY B 46 32.00 -13.75 24.20
CA GLY B 46 31.87 -14.19 25.57
C GLY B 46 33.05 -14.94 26.12
N GLY B 47 33.92 -15.48 25.26
CA GLY B 47 35.09 -16.22 25.69
C GLY B 47 36.29 -15.32 25.91
N LYS B 48 37.47 -15.86 25.60
CA LYS B 48 38.71 -15.11 25.75
C LYS B 48 39.06 -14.28 24.52
N HIS B 49 38.42 -14.55 23.37
CA HIS B 49 38.59 -13.73 22.18
C HIS B 49 37.47 -12.72 22.02
N SER B 50 36.88 -12.29 23.14
CA SER B 50 35.76 -11.35 23.09
C SER B 50 36.20 -9.98 22.58
N LEU B 51 37.36 -9.50 23.03
CA LEU B 51 37.85 -8.18 22.64
C LEU B 51 38.22 -8.10 21.16
N GLU B 52 38.29 -9.23 20.47
CA GLU B 52 38.52 -9.25 19.03
C GLU B 52 37.23 -9.36 18.22
N CYS B 53 36.08 -9.41 18.89
CA CYS B 53 34.79 -9.50 18.24
C CYS B 53 34.16 -8.11 18.14
N THR B 54 33.40 -7.91 17.07
CA THR B 54 32.74 -6.64 16.79
C THR B 54 31.23 -6.86 16.71
N LEU B 55 30.49 -6.03 17.45
CA LEU B 55 29.03 -6.10 17.42
C LEU B 55 28.52 -5.07 16.40
N ILE B 56 27.76 -5.56 15.43
CA ILE B 56 27.23 -4.71 14.36
C ILE B 56 25.81 -4.34 14.72
N LEU B 57 25.59 -3.06 15.02
CA LEU B 57 24.25 -2.53 15.28
C LEU B 57 23.72 -1.91 13.99
N THR B 58 22.64 -2.47 13.46
CA THR B 58 22.08 -2.07 12.18
C THR B 58 20.85 -1.18 12.38
N GLU B 59 20.51 -0.45 11.32
CA GLU B 59 19.32 0.41 11.32
C GLU B 59 18.16 -0.38 10.74
N GLY B 60 17.50 -1.14 11.60
CA GLY B 60 16.33 -1.92 11.20
C GLY B 60 16.67 -3.36 10.91
N ASP B 61 15.61 -4.16 10.74
CA ASP B 61 15.78 -5.58 10.44
C ASP B 61 16.21 -5.82 9.01
N SER B 62 15.86 -4.91 8.09
CA SER B 62 16.30 -5.06 6.70
C SER B 62 17.81 -4.93 6.60
N ALA B 63 18.40 -4.01 7.37
CA ALA B 63 19.86 -3.90 7.40
C ALA B 63 20.50 -5.08 8.11
N LYS B 64 19.77 -5.73 9.01
CA LYS B 64 20.30 -6.91 9.68
C LYS B 64 20.48 -8.07 8.69
N SER B 65 19.48 -8.30 7.84
CA SER B 65 19.58 -9.37 6.86
C SER B 65 20.68 -9.09 5.84
N LEU B 66 20.90 -7.82 5.49
CA LEU B 66 21.97 -7.48 4.57
CA LEU B 66 21.97 -7.46 4.57
C LEU B 66 23.34 -7.66 5.20
N ALA B 67 23.44 -7.59 6.52
CA ALA B 67 24.71 -7.79 7.20
C ALA B 67 25.01 -9.27 7.43
N VAL B 68 23.97 -10.06 7.73
CA VAL B 68 24.18 -11.49 7.96
C VAL B 68 24.56 -12.18 6.66
N SER B 69 23.92 -11.80 5.54
CA SER B 69 24.26 -12.38 4.25
C SER B 69 25.61 -11.88 3.75
N GLY B 70 26.06 -10.71 4.20
CA GLY B 70 27.36 -10.20 3.79
C GLY B 70 28.51 -10.79 4.58
N LEU B 71 28.28 -11.14 5.85
CA LEU B 71 29.34 -11.75 6.64
C LEU B 71 29.68 -13.15 6.14
N GLY B 72 28.72 -13.84 5.53
CA GLY B 72 28.98 -15.18 5.03
C GLY B 72 29.22 -16.15 6.16
N VAL B 73 30.12 -17.10 5.92
CA VAL B 73 30.46 -18.10 6.92
C VAL B 73 31.60 -17.62 7.82
N ILE B 74 32.57 -16.89 7.25
CA ILE B 74 33.72 -16.45 8.04
C ILE B 74 33.33 -15.34 9.00
N GLY B 75 32.27 -14.59 8.68
CA GLY B 75 31.92 -13.45 9.51
C GLY B 75 31.30 -13.81 10.84
N ARG B 76 30.57 -14.93 10.89
CA ARG B 76 29.86 -15.29 12.11
C ARG B 76 30.79 -15.70 13.25
N ASP B 77 32.09 -15.80 13.01
CA ASP B 77 33.02 -16.19 14.07
C ASP B 77 33.27 -15.04 15.03
N ARG B 78 33.61 -13.86 14.51
CA ARG B 78 33.96 -12.72 15.33
C ARG B 78 33.19 -11.46 14.96
N TYR B 79 31.95 -11.63 14.52
CA TYR B 79 31.06 -10.51 14.22
C TYR B 79 29.64 -10.87 14.62
N GLY B 80 29.04 -10.03 15.46
CA GLY B 80 27.65 -10.19 15.86
C GLY B 80 26.80 -9.09 15.27
N VAL B 81 25.53 -9.41 14.98
CA VAL B 81 24.60 -8.48 14.36
C VAL B 81 23.38 -8.36 15.25
N PHE B 82 22.96 -7.12 15.53
CA PHE B 82 21.78 -6.84 16.32
C PHE B 82 21.08 -5.62 15.70
N PRO B 83 19.77 -5.69 15.50
CA PRO B 83 19.07 -4.57 14.84
C PRO B 83 18.48 -3.57 15.82
N LEU B 84 18.56 -2.30 15.45
CA LEU B 84 17.95 -1.22 16.20
C LEU B 84 16.68 -0.78 15.49
N ARG B 85 15.62 -0.54 16.26
CA ARG B 85 14.32 -0.17 15.71
C ARG B 85 14.12 1.34 15.74
N GLY B 86 15.06 2.05 15.11
CA GLY B 86 14.95 3.49 14.99
C GLY B 86 15.80 4.25 16.00
N LYS B 87 15.36 5.46 16.34
CA LYS B 87 16.10 6.29 17.28
C LYS B 87 16.09 5.64 18.67
N ILE B 88 17.22 5.75 19.35
CA ILE B 88 17.38 5.17 20.68
C ILE B 88 17.25 6.28 21.72
N LEU B 89 17.14 5.89 22.99
CA LEU B 89 16.92 6.86 24.05
C LEU B 89 18.15 7.74 24.25
N ASN B 90 17.91 9.02 24.46
CA ASN B 90 18.96 9.98 24.80
C ASN B 90 19.16 9.93 26.30
N VAL B 91 20.16 9.16 26.75
CA VAL B 91 20.33 8.94 28.19
C VAL B 91 20.92 10.13 28.92
N ARG B 92 21.34 11.17 28.19
CA ARG B 92 21.90 12.35 28.83
C ARG B 92 20.78 13.11 29.53
N GLU B 93 20.88 13.23 30.85
CA GLU B 93 19.89 13.93 31.68
C GLU B 93 18.51 13.29 31.60
N ALA B 94 18.44 12.02 31.22
CA ALA B 94 17.18 11.29 31.18
C ALA B 94 16.82 10.79 32.58
N SER B 95 15.53 10.54 32.79
CA SER B 95 15.07 10.08 34.09
C SER B 95 15.56 8.67 34.38
N HIS B 96 15.69 8.36 35.67
CA HIS B 96 16.20 7.06 36.08
C HIS B 96 15.25 5.93 35.72
N LYS B 97 13.95 6.18 35.75
CA LYS B 97 12.98 5.14 35.41
C LYS B 97 12.99 4.83 33.93
N GLN B 98 13.12 5.86 33.08
CA GLN B 98 13.08 5.64 31.64
C GLN B 98 14.32 4.90 31.15
N ILE B 99 15.46 5.06 31.84
CA ILE B 99 16.68 4.40 31.40
C ILE B 99 16.65 2.91 31.72
N MET B 100 16.20 2.54 32.93
CA MET B 100 16.19 1.13 33.31
C MET B 100 15.12 0.35 32.55
N GLU B 101 14.07 1.03 32.08
CA GLU B 101 12.96 0.36 31.41
C GLU B 101 13.06 0.44 29.89
N ASN B 102 14.21 0.83 29.35
CA ASN B 102 14.41 0.90 27.91
C ASN B 102 14.88 -0.46 27.41
N ALA B 103 14.04 -1.12 26.62
CA ALA B 103 14.37 -2.47 26.15
C ALA B 103 15.53 -2.45 25.17
N GLU B 104 15.64 -1.42 24.34
CA GLU B 104 16.69 -1.38 23.32
C GLU B 104 18.06 -1.22 23.97
N ILE B 105 18.16 -0.37 24.99
CA ILE B 105 19.44 -0.12 25.63
C ILE B 105 19.84 -1.29 26.52
N ASN B 106 18.88 -1.87 27.25
CA ASN B 106 19.18 -3.02 28.10
C ASN B 106 19.67 -4.20 27.29
N ASN B 107 19.21 -4.33 26.04
CA ASN B 107 19.72 -5.40 25.18
C ASN B 107 21.17 -5.16 24.81
N ILE B 108 21.54 -3.91 24.49
CA ILE B 108 22.93 -3.62 24.14
C ILE B 108 23.86 -3.88 25.32
N ILE B 109 23.40 -3.57 26.53
CA ILE B 109 24.23 -3.76 27.71
C ILE B 109 24.47 -5.25 27.96
N LYS B 110 23.42 -6.07 27.81
CA LYS B 110 23.57 -7.49 28.07
C LYS B 110 24.40 -8.18 26.99
N ILE B 111 24.26 -7.74 25.74
CA ILE B 111 25.02 -8.34 24.65
C ILE B 111 26.50 -8.04 24.79
N VAL B 112 26.84 -6.78 25.07
CA VAL B 112 28.24 -6.40 25.21
C VAL B 112 28.78 -6.81 26.56
N GLY B 113 27.95 -6.81 27.60
CA GLY B 113 28.43 -7.10 28.94
C GLY B 113 28.86 -5.89 29.72
N LEU B 114 28.26 -4.73 29.45
CA LEU B 114 28.63 -3.49 30.11
C LEU B 114 28.02 -3.40 31.50
N GLN B 115 28.58 -2.52 32.32
CA GLN B 115 28.10 -2.27 33.67
C GLN B 115 28.11 -0.78 33.94
N TYR B 116 27.05 -0.28 34.56
CA TYR B 116 26.99 1.12 34.93
C TYR B 116 28.00 1.43 36.03
N LYS B 117 28.49 2.67 36.03
CA LYS B 117 29.43 3.17 37.03
C LYS B 117 30.74 2.38 37.05
N LYS B 118 31.09 1.73 35.95
CA LYS B 118 32.34 0.98 35.85
C LYS B 118 33.22 1.61 34.78
N SER B 119 34.49 1.80 35.12
CA SER B 119 35.48 2.37 34.20
C SER B 119 36.27 1.26 33.53
N TYR B 120 36.76 1.55 32.33
CA TYR B 120 37.56 0.60 31.56
C TYR B 120 38.86 1.27 31.11
N ASP B 121 39.56 1.88 32.05
CA ASP B 121 40.77 2.64 31.76
C ASP B 121 42.04 1.78 31.82
N ASP B 122 42.16 0.92 32.83
CA ASP B 122 43.39 0.17 33.10
C ASP B 122 43.57 -1.05 32.21
N ALA B 123 42.98 -1.10 31.02
CA ALA B 123 43.09 -2.24 30.12
C ALA B 123 42.57 -3.52 30.78
N GLU B 124 43.00 -3.78 32.01
CA GLU B 124 42.30 -4.70 32.88
C GLU B 124 40.84 -4.27 33.05
N SER B 125 40.00 -5.22 33.41
CA SER B 125 38.54 -5.13 33.51
C SER B 125 37.88 -5.10 32.13
N LEU B 126 38.64 -5.16 31.05
CA LEU B 126 38.07 -5.32 29.72
C LEU B 126 37.68 -6.76 29.43
N LYS B 127 38.04 -7.69 30.32
CA LYS B 127 37.72 -9.10 30.15
C LYS B 127 36.27 -9.42 30.50
N THR B 128 35.56 -8.48 31.13
CA THR B 128 34.16 -8.67 31.46
C THR B 128 33.23 -8.29 30.32
N LEU B 129 33.78 -7.89 29.18
CA LEU B 129 33.00 -7.52 28.00
C LEU B 129 32.93 -8.71 27.04
N ARG B 130 31.75 -8.90 26.45
CA ARG B 130 31.58 -9.96 25.47
C ARG B 130 31.99 -9.53 24.07
N TYR B 131 32.07 -8.22 23.82
CA TYR B 131 32.53 -7.68 22.54
C TYR B 131 33.57 -6.59 22.80
N GLY B 132 34.48 -6.44 21.85
CA GLY B 132 35.53 -5.45 21.97
C GLY B 132 35.26 -4.19 21.18
N LYS B 133 34.43 -4.29 20.14
CA LYS B 133 34.11 -3.17 19.27
C LYS B 133 32.62 -3.16 18.96
N ILE B 134 32.08 -1.96 18.76
CA ILE B 134 30.71 -1.78 18.29
C ILE B 134 30.78 -1.02 16.97
N MET B 135 30.25 -1.63 15.91
CA MET B 135 30.26 -1.05 14.58
C MET B 135 28.84 -0.64 14.20
N ILE B 136 28.65 0.65 13.92
CA ILE B 136 27.34 1.18 13.55
C ILE B 136 27.25 1.21 12.04
N MET B 137 26.26 0.50 11.48
CA MET B 137 25.96 0.58 10.05
C MET B 137 24.52 1.04 9.88
N THR B 138 24.36 2.27 9.43
CA THR B 138 23.05 2.85 9.17
C THR B 138 23.03 3.37 7.73
N ASP B 139 21.88 3.92 7.34
CA ASP B 139 21.80 4.56 6.03
C ASP B 139 22.70 5.80 6.00
N GLN B 140 23.15 6.14 4.81
CA GLN B 140 23.99 7.33 4.62
C GLN B 140 23.16 8.59 4.41
N ASP B 141 22.06 8.71 5.14
CA ASP B 141 21.21 9.89 5.13
C ASP B 141 21.33 10.62 6.46
N GLN B 142 20.52 11.66 6.62
CA GLN B 142 20.60 12.47 7.84
C GLN B 142 20.14 11.69 9.07
N ASP B 143 19.05 10.93 8.93
CA ASP B 143 18.55 10.16 10.07
C ASP B 143 19.53 9.08 10.50
N GLY B 144 20.31 8.54 9.56
CA GLY B 144 21.34 7.60 9.93
C GLY B 144 22.43 8.23 10.79
N SER B 145 22.80 9.48 10.48
CA SER B 145 23.79 10.18 11.29
C SER B 145 23.27 10.46 12.70
N HIS B 146 21.95 10.70 12.83
CA HIS B 146 21.38 10.95 14.15
C HIS B 146 21.47 9.71 15.03
N ILE B 147 21.25 8.53 14.44
CA ILE B 147 21.36 7.29 15.21
C ILE B 147 22.80 7.05 15.66
N LYS B 148 23.76 7.38 14.79
CA LYS B 148 25.17 7.28 15.18
C LYS B 148 25.46 8.16 16.37
N GLY B 149 25.02 9.42 16.32
CA GLY B 149 25.28 10.34 17.43
C GLY B 149 24.61 9.92 18.72
N LEU B 150 23.38 9.39 18.62
CA LEU B 150 22.68 8.95 19.82
C LEU B 150 23.39 7.78 20.48
N LEU B 151 23.96 6.88 19.68
CA LEU B 151 24.75 5.79 20.24
C LEU B 151 26.08 6.30 20.79
N ILE B 152 26.70 7.26 20.11
CA ILE B 152 27.91 7.89 20.63
C ILE B 152 27.61 8.60 21.94
N ASN B 153 26.48 9.31 22.00
CA ASN B 153 26.09 9.97 23.24
C ASN B 153 25.79 8.94 24.33
N PHE B 154 25.31 7.76 23.96
CA PHE B 154 25.02 6.73 24.95
C PHE B 154 26.31 6.19 25.57
N ILE B 155 27.33 5.96 24.76
CA ILE B 155 28.59 5.45 25.29
C ILE B 155 29.35 6.56 26.00
N HIS B 156 29.31 7.78 25.47
CA HIS B 156 30.05 8.89 26.06
C HIS B 156 29.53 9.25 27.45
N HIS B 157 28.21 9.15 27.63
CA HIS B 157 27.63 9.57 28.91
C HIS B 157 27.90 8.55 30.01
N ASN B 158 27.85 7.26 29.69
CA ASN B 158 27.97 6.22 30.71
C ASN B 158 29.41 5.72 30.86
N TRP B 159 30.13 5.52 29.76
CA TRP B 159 31.48 4.97 29.78
C TRP B 159 32.38 5.80 28.87
N PRO B 160 32.80 6.98 29.32
CA PRO B 160 33.72 7.79 28.51
C PRO B 160 35.10 7.17 28.36
N SER B 161 35.51 6.30 29.27
CA SER B 161 36.81 5.65 29.17
C SER B 161 36.90 4.71 27.97
N LEU B 162 35.76 4.20 27.49
CA LEU B 162 35.76 3.35 26.31
C LEU B 162 36.03 4.15 25.04
N LEU B 163 35.74 5.46 25.05
CA LEU B 163 35.93 6.27 23.86
C LEU B 163 37.39 6.55 23.58
N LYS B 164 38.23 6.66 24.62
CA LYS B 164 39.65 6.91 24.41
C LYS B 164 40.34 5.73 23.76
N HIS B 165 39.73 4.54 23.82
CA HIS B 165 40.24 3.38 23.11
C HIS B 165 39.64 3.36 21.70
N GLY B 166 39.51 2.17 21.13
CA GLY B 166 38.91 2.05 19.81
C GLY B 166 37.63 1.25 19.85
N PHE B 167 36.67 1.72 20.66
CA PHE B 167 35.47 0.93 20.89
C PHE B 167 34.41 1.13 19.81
N LEU B 168 34.24 2.37 19.33
CA LEU B 168 33.19 2.68 18.36
C LEU B 168 33.79 2.82 16.97
N GLU B 169 33.14 2.21 15.99
CA GLU B 169 33.49 2.35 14.58
C GLU B 169 32.21 2.37 13.76
N GLU B 170 32.34 2.61 12.46
CA GLU B 170 31.18 2.66 11.59
C GLU B 170 31.49 1.96 10.27
N PHE B 171 30.44 1.52 9.60
CA PHE B 171 30.53 0.83 8.31
C PHE B 171 29.67 1.62 7.31
N ILE B 172 30.32 2.40 6.45
CA ILE B 172 29.61 3.25 5.51
C ILE B 172 29.34 2.47 4.23
N THR B 173 28.32 2.89 3.50
CA THR B 173 27.91 2.28 2.25
C THR B 173 27.69 3.36 1.19
N PRO B 174 27.83 3.01 -0.10
CA PRO B 174 27.56 4.01 -1.15
C PRO B 174 26.07 4.19 -1.42
N ALA B 219 21.96 -7.83 -1.38
CA ALA B 219 22.39 -9.20 -1.11
C ALA B 219 23.73 -9.48 -1.78
N LYS B 220 23.76 -9.32 -3.11
CA LYS B 220 25.01 -9.52 -3.84
C LYS B 220 26.02 -8.43 -3.52
N GLU B 221 25.57 -7.17 -3.45
CA GLU B 221 26.48 -6.07 -3.17
C GLU B 221 26.96 -6.07 -1.72
N ALA B 222 26.22 -6.72 -0.82
CA ALA B 222 26.65 -6.79 0.57
C ALA B 222 27.91 -7.63 0.72
N LYS B 223 28.00 -8.73 -0.02
CA LYS B 223 29.18 -9.60 0.06
C LYS B 223 30.43 -8.89 -0.45
N GLU B 224 30.26 -7.95 -1.38
CA GLU B 224 31.39 -7.16 -1.86
C GLU B 224 31.80 -6.10 -0.85
N TYR B 225 30.86 -5.62 -0.03
CA TYR B 225 31.20 -4.61 0.97
C TYR B 225 32.01 -5.21 2.11
N PHE B 226 31.57 -6.36 2.62
CA PHE B 226 32.29 -6.99 3.73
C PHE B 226 33.62 -7.59 3.27
N ALA B 227 33.73 -7.98 2.00
CA ALA B 227 35.02 -8.43 1.48
C ALA B 227 36.02 -7.28 1.41
N ASP B 228 35.54 -6.07 1.15
CA ASP B 228 36.39 -4.89 1.17
C ASP B 228 36.01 -4.03 2.37
N MET B 229 36.03 -4.64 3.56
CA MET B 229 35.57 -3.95 4.76
C MET B 229 36.45 -2.76 5.10
N GLU B 230 37.76 -2.88 4.88
CA GLU B 230 38.68 -1.81 5.27
C GLU B 230 38.39 -0.51 4.53
N ARG B 231 37.81 -0.58 3.34
CA ARG B 231 37.42 0.64 2.64
C ARG B 231 36.16 1.25 3.23
N HIS B 232 35.28 0.42 3.80
CA HIS B 232 34.02 0.89 4.35
C HIS B 232 34.05 1.05 5.86
N ARG B 233 35.16 0.67 6.51
CA ARG B 233 35.27 0.67 7.97
C ARG B 233 35.98 1.95 8.40
N ILE B 234 35.26 2.83 9.09
CA ILE B 234 35.81 4.07 9.63
C ILE B 234 35.68 4.02 11.14
N LEU B 235 36.77 4.35 11.84
CA LEU B 235 36.82 4.28 13.30
C LEU B 235 36.76 5.68 13.89
N PHE B 236 35.94 5.83 14.93
CA PHE B 236 35.88 7.09 15.66
C PHE B 236 37.07 7.21 16.60
N ARG B 237 37.64 8.42 16.67
CA ARG B 237 38.82 8.67 17.46
C ARG B 237 38.58 9.85 18.40
N TYR B 238 38.93 9.66 19.68
CA TYR B 238 38.84 10.72 20.67
C TYR B 238 40.13 11.54 20.63
N ALA B 239 40.01 12.86 20.52
CA ALA B 239 41.16 13.73 20.32
C ALA B 239 41.32 14.78 21.41
N GLY B 240 40.43 14.84 22.39
CA GLY B 240 40.56 15.80 23.47
C GLY B 240 39.22 16.34 23.95
N PRO B 241 39.28 17.44 24.71
CA PRO B 241 38.03 17.99 25.28
C PRO B 241 37.10 18.59 24.24
N GLU B 242 37.58 18.88 23.03
CA GLU B 242 36.70 19.39 21.98
C GLU B 242 35.68 18.34 21.55
N ASP B 243 35.96 17.06 21.76
CA ASP B 243 34.98 16.02 21.45
C ASP B 243 33.88 15.96 22.49
N ASP B 244 34.24 16.15 23.77
CA ASP B 244 33.23 16.15 24.83
C ASP B 244 32.29 17.35 24.69
N ALA B 245 32.82 18.49 24.26
CA ALA B 245 31.97 19.67 24.09
C ALA B 245 31.04 19.51 22.89
N ALA B 246 31.54 18.90 21.81
CA ALA B 246 30.71 18.71 20.62
C ALA B 246 29.55 17.76 20.90
N ILE B 247 29.81 16.67 21.62
CA ILE B 247 28.74 15.75 21.98
C ILE B 247 27.75 16.40 22.94
N THR B 248 28.25 17.16 23.92
CA THR B 248 27.37 17.87 24.83
C THR B 248 26.55 18.92 24.10
N LEU B 249 27.15 19.58 23.10
CA LEU B 249 26.43 20.58 22.33
C LEU B 249 25.21 20.01 21.63
N ALA B 250 25.27 18.73 21.23
CA ALA B 250 24.23 18.14 20.40
C ALA B 250 23.12 17.46 21.21
N PHE B 251 23.43 16.96 22.41
CA PHE B 251 22.48 16.10 23.11
C PHE B 251 22.17 16.51 24.54
N SER B 252 22.70 17.63 25.03
CA SER B 252 22.40 18.10 26.37
C SER B 252 21.21 19.05 26.34
N LYS B 253 20.28 18.85 27.27
CA LYS B 253 19.12 19.73 27.37
C LYS B 253 19.51 21.15 27.78
N LYS B 254 20.67 21.33 28.38
CA LYS B 254 21.14 22.64 28.81
C LYS B 254 21.84 23.41 27.69
N LYS B 255 21.92 22.86 26.49
CA LYS B 255 22.60 23.48 25.36
C LYS B 255 21.64 23.85 24.23
N ILE B 256 20.39 24.16 24.57
CA ILE B 256 19.42 24.52 23.53
C ILE B 256 19.80 25.86 22.90
N ASP B 257 20.09 26.87 23.72
CA ASP B 257 20.48 28.17 23.18
C ASP B 257 21.79 28.06 22.39
N ASP B 258 22.68 27.15 22.78
CA ASP B 258 23.91 26.96 22.03
C ASP B 258 23.64 26.34 20.65
N ARG B 259 22.62 25.49 20.55
CA ARG B 259 22.30 24.90 19.25
C ARG B 259 21.74 25.91 18.28
N LYS B 260 21.05 26.94 18.78
CA LYS B 260 20.60 28.02 17.91
C LYS B 260 21.78 28.73 17.26
N GLU B 261 22.74 29.16 18.08
CA GLU B 261 23.95 29.76 17.54
C GLU B 261 24.74 28.76 16.70
N TRP B 262 24.74 27.49 17.11
CA TRP B 262 25.43 26.46 16.35
C TRP B 262 24.81 26.27 14.97
N LEU B 263 23.49 26.37 14.88
CA LEU B 263 22.80 26.23 13.60
C LEU B 263 22.69 27.55 12.84
N THR B 264 22.70 28.69 13.54
CA THR B 264 22.66 29.97 12.85
C THR B 264 23.94 30.19 12.04
N ASN B 265 25.10 29.84 12.61
CA ASN B 265 26.34 29.96 11.87
C ASN B 265 26.39 29.01 10.68
N PHE B 266 25.77 27.84 10.80
CA PHE B 266 25.75 26.91 9.67
C PHE B 266 24.87 27.43 8.55
N MET B 267 23.63 27.84 8.86
CA MET B 267 22.74 28.35 7.84
C MET B 267 23.28 29.62 7.20
N GLU B 268 24.03 30.42 7.96
CA GLU B 268 24.65 31.62 7.39
C GLU B 268 25.77 31.25 6.44
N ASP B 269 26.72 30.43 6.91
CA ASP B 269 27.85 30.05 6.07
C ASP B 269 27.41 29.25 4.85
N ARG B 270 26.34 28.48 4.95
CA ARG B 270 25.87 27.71 3.81
C ARG B 270 25.37 28.62 2.69
N ARG B 271 24.62 29.67 3.03
CA ARG B 271 24.10 30.59 2.03
C ARG B 271 25.10 31.67 1.62
N GLN B 272 26.11 31.93 2.44
CA GLN B 272 27.18 32.85 2.06
C GLN B 272 28.17 32.23 1.08
N ARG B 273 28.00 30.97 0.72
CA ARG B 273 28.86 30.31 -0.27
C ARG B 273 28.26 30.43 -1.68
N ARG B 274 27.81 31.64 -2.02
CA ARG B 274 27.39 31.90 -3.40
C ARG B 274 28.56 31.81 -4.36
N LEU B 275 29.78 32.02 -3.88
CA LEU B 275 30.98 31.86 -4.69
C LEU B 275 31.32 30.37 -4.79
N HIS B 276 31.42 29.87 -6.01
CA HIS B 276 31.70 28.46 -6.27
C HIS B 276 30.67 27.56 -5.60
N GLY B 277 31.10 26.80 -4.60
CA GLY B 277 30.21 25.90 -3.89
C GLY B 277 30.90 25.10 -2.81
N THR B 288 40.41 8.85 3.75
CA THR B 288 40.49 8.96 5.20
C THR B 288 40.12 7.64 5.87
N LYS B 289 40.58 7.48 7.11
CA LYS B 289 40.32 6.27 7.89
C LYS B 289 39.75 6.56 9.27
N HIS B 290 40.28 7.56 9.97
CA HIS B 290 39.81 7.95 11.28
C HIS B 290 38.94 9.20 11.18
N LEU B 291 38.03 9.33 12.15
CA LEU B 291 37.12 10.47 12.20
C LEU B 291 36.92 10.87 13.66
N THR B 292 37.28 12.10 13.99
CA THR B 292 37.11 12.59 15.35
C THR B 292 35.63 12.86 15.63
N TYR B 293 35.26 12.78 16.91
CA TYR B 293 33.89 13.07 17.30
C TYR B 293 33.52 14.53 17.03
N ASN B 294 34.47 15.45 17.19
CA ASN B 294 34.20 16.85 16.91
C ASN B 294 33.90 17.06 15.43
N ASP B 295 34.62 16.37 14.55
CA ASP B 295 34.35 16.50 13.12
C ASP B 295 33.04 15.82 12.73
N PHE B 296 32.64 14.77 13.46
CA PHE B 296 31.37 14.13 13.19
C PHE B 296 30.20 15.02 13.59
N ILE B 297 30.32 15.71 14.72
CA ILE B 297 29.22 16.55 15.20
C ILE B 297 29.06 17.79 14.33
N ASN B 298 30.17 18.46 14.03
CA ASN B 298 30.14 19.76 13.37
C ASN B 298 30.15 19.67 11.85
N LYS B 299 30.29 18.48 11.27
CA LYS B 299 30.27 18.33 9.82
C LYS B 299 29.34 17.25 9.31
N GLU B 300 28.87 16.34 10.15
CA GLU B 300 27.94 15.29 9.72
C GLU B 300 26.61 15.36 10.46
N LEU B 301 26.63 15.39 11.79
CA LEU B 301 25.38 15.46 12.55
C LEU B 301 24.65 16.78 12.34
N ILE B 302 25.40 17.85 12.09
CA ILE B 302 24.78 19.15 11.87
C ILE B 302 23.91 19.15 10.62
N LEU B 303 24.19 18.26 9.67
CA LEU B 303 23.34 18.15 8.49
C LEU B 303 21.96 17.61 8.85
N PHE B 304 21.88 16.74 9.85
CA PHE B 304 20.57 16.27 10.32
C PHE B 304 19.83 17.37 11.05
N SER B 305 20.52 18.08 11.95
CA SER B 305 19.88 19.13 12.73
C SER B 305 19.28 20.21 11.83
N ASN B 306 19.97 20.54 10.73
CA ASN B 306 19.41 21.50 9.78
C ASN B 306 18.26 20.88 8.99
N SER B 307 18.43 19.64 8.53
CA SER B 307 17.35 18.97 7.80
C SER B 307 16.15 18.71 8.70
N ASP B 308 16.38 18.50 10.00
CA ASP B 308 15.27 18.33 10.94
C ASP B 308 14.43 19.58 11.03
N ASN B 309 15.07 20.76 10.99
CA ASN B 309 14.33 22.01 10.99
C ASN B 309 13.60 22.22 9.66
N GLU B 310 14.25 21.88 8.56
CA GLU B 310 13.63 22.05 7.24
C GLU B 310 12.44 21.14 7.04
N ARG B 311 12.36 20.02 7.75
CA ARG B 311 11.24 19.10 7.62
C ARG B 311 10.16 19.28 8.68
N SER B 312 10.46 19.98 9.77
CA SER B 312 9.53 20.11 10.89
C SER B 312 9.03 21.52 11.13
N ILE B 313 9.74 22.55 10.68
CA ILE B 313 9.32 23.94 10.86
C ILE B 313 8.53 24.35 9.63
N PRO B 314 7.27 24.78 9.78
CA PRO B 314 6.45 25.10 8.61
C PRO B 314 6.89 26.40 7.94
N SER B 315 6.31 26.64 6.77
CA SER B 315 6.55 27.86 6.01
C SER B 315 5.44 28.87 6.30
N LEU B 316 5.81 30.15 6.29
CA LEU B 316 4.82 31.19 6.53
C LEU B 316 3.85 31.34 5.37
N VAL B 317 4.29 31.04 4.15
CA VAL B 317 3.48 31.32 2.97
C VAL B 317 2.24 30.43 2.94
N ASP B 318 2.43 29.11 2.97
CA ASP B 318 1.34 28.17 2.86
C ASP B 318 1.06 27.40 4.14
N GLY B 319 1.87 27.57 5.19
CA GLY B 319 1.66 26.83 6.41
C GLY B 319 2.01 25.36 6.32
N PHE B 320 2.76 24.97 5.30
CA PHE B 320 3.08 23.58 5.04
C PHE B 320 4.53 23.27 5.40
N LYS B 321 4.78 22.00 5.61
CA LYS B 321 6.10 21.40 5.66
C LYS B 321 6.36 20.65 4.36
N PRO B 322 7.63 20.38 4.01
CA PRO B 322 7.91 19.71 2.73
C PRO B 322 7.16 18.41 2.54
N GLY B 323 6.96 17.62 3.60
CA GLY B 323 6.18 16.42 3.47
C GLY B 323 4.71 16.69 3.20
N GLN B 324 4.13 17.66 3.92
CA GLN B 324 2.74 18.01 3.69
C GLN B 324 2.53 18.59 2.31
N ARG B 325 3.50 19.37 1.82
CA ARG B 325 3.36 19.99 0.49
C ARG B 325 3.43 18.95 -0.62
N LYS B 326 4.18 17.86 -0.41
CA LYS B 326 4.23 16.79 -1.41
C LYS B 326 2.89 16.07 -1.51
N VAL B 327 2.19 15.90 -0.38
CA VAL B 327 0.90 15.24 -0.39
C VAL B 327 -0.11 16.05 -1.20
N LEU B 328 -0.15 17.36 -0.98
CA LEU B 328 -1.11 18.20 -1.69
C LEU B 328 -0.74 18.36 -3.16
N PHE B 329 0.56 18.36 -3.47
CA PHE B 329 0.97 18.40 -4.87
C PHE B 329 0.47 17.18 -5.63
N THR B 330 0.61 16.00 -5.04
CA THR B 330 0.15 14.78 -5.70
C THR B 330 -1.36 14.80 -5.88
N CYS B 331 -2.10 15.19 -4.84
CA CYS B 331 -3.55 15.26 -4.94
C CYS B 331 -3.99 16.24 -6.02
N PHE B 332 -3.25 17.34 -6.19
CA PHE B 332 -3.60 18.31 -7.22
C PHE B 332 -3.36 17.76 -8.62
N LYS B 333 -2.29 16.99 -8.81
CA LYS B 333 -1.98 16.47 -10.13
C LYS B 333 -2.89 15.31 -10.52
N ARG B 334 -3.23 14.45 -9.55
CA ARG B 334 -4.11 13.32 -9.86
C ARG B 334 -5.56 13.76 -10.01
N ASN B 335 -6.01 14.69 -9.16
CA ASN B 335 -7.38 15.22 -9.21
C ASN B 335 -8.40 14.09 -9.08
N ASP B 336 -8.32 13.37 -7.97
CA ASP B 336 -9.21 12.24 -7.72
C ASP B 336 -10.62 12.73 -7.41
N LYS B 337 -11.60 12.26 -8.17
CA LYS B 337 -13.01 12.54 -7.90
C LYS B 337 -13.68 11.40 -7.14
N ARG B 338 -12.93 10.36 -6.78
CA ARG B 338 -13.46 9.20 -6.07
C ARG B 338 -12.60 8.96 -4.84
N GLU B 339 -13.17 8.25 -3.86
CA GLU B 339 -12.43 7.91 -2.66
C GLU B 339 -11.19 7.10 -3.00
N VAL B 340 -10.08 7.46 -2.38
CA VAL B 340 -8.79 6.81 -2.61
C VAL B 340 -8.24 6.34 -1.27
N LYS B 341 -7.77 5.10 -1.23
CA LYS B 341 -7.20 4.55 0.00
C LYS B 341 -5.96 5.34 0.41
N VAL B 342 -5.79 5.54 1.72
CA VAL B 342 -4.68 6.34 2.22
C VAL B 342 -3.35 5.68 1.89
N ALA B 343 -3.24 4.37 2.12
CA ALA B 343 -2.01 3.66 1.79
C ALA B 343 -1.74 3.70 0.29
N GLN B 344 -2.79 3.65 -0.52
CA GLN B 344 -2.62 3.76 -1.96
C GLN B 344 -2.17 5.17 -2.35
N LEU B 345 -2.70 6.18 -1.68
CA LEU B 345 -2.29 7.56 -1.97
C LEU B 345 -0.84 7.80 -1.53
N ALA B 346 -0.44 7.24 -0.38
CA ALA B 346 0.93 7.41 0.09
C ALA B 346 1.93 6.85 -0.91
N GLY B 347 1.61 5.71 -1.52
CA GLY B 347 2.48 5.17 -2.54
C GLY B 347 2.56 6.07 -3.77
N SER B 348 1.45 6.71 -4.12
CA SER B 348 1.44 7.62 -5.26
C SER B 348 2.22 8.90 -4.96
N VAL B 349 2.22 9.34 -3.70
CA VAL B 349 2.97 10.55 -3.34
C VAL B 349 4.47 10.29 -3.44
N ALA B 350 4.92 9.12 -2.99
CA ALA B 350 6.35 8.82 -2.99
C ALA B 350 6.92 8.80 -4.41
N GLU B 351 6.13 8.33 -5.38
CA GLU B 351 6.60 8.25 -6.75
C GLU B 351 6.55 9.61 -7.44
N MET B 352 5.41 10.30 -7.32
CA MET B 352 5.20 11.53 -8.08
C MET B 352 5.89 12.75 -7.47
N SER B 353 6.29 12.68 -6.19
CA SER B 353 6.91 13.81 -5.52
C SER B 353 8.28 13.50 -4.93
N ALA B 354 8.80 12.29 -5.14
CA ALA B 354 10.11 11.87 -4.66
C ALA B 354 10.21 12.01 -3.14
N TYR B 355 9.35 11.27 -2.45
CA TYR B 355 9.37 11.22 -0.99
C TYR B 355 10.39 10.17 -0.56
N HIS B 356 11.46 10.62 0.10
CA HIS B 356 12.60 9.77 0.42
C HIS B 356 12.57 9.28 1.87
N HIS B 357 11.38 9.04 2.41
CA HIS B 357 11.24 8.56 3.79
C HIS B 357 10.27 7.39 3.81
N GLY B 358 10.05 6.85 5.01
CA GLY B 358 9.20 5.70 5.17
C GLY B 358 7.73 6.02 4.95
N GLU B 359 6.97 4.98 4.61
CA GLU B 359 5.56 5.15 4.34
C GLU B 359 4.75 5.40 5.60
N GLN B 360 5.25 5.00 6.77
CA GLN B 360 4.53 5.24 8.01
C GLN B 360 4.40 6.73 8.30
N ALA B 361 5.48 7.48 8.12
CA ALA B 361 5.42 8.92 8.33
C ALA B 361 4.53 9.60 7.31
N LEU B 362 4.53 9.10 6.07
CA LEU B 362 3.70 9.72 5.04
C LEU B 362 2.22 9.44 5.27
N MET B 363 1.88 8.22 5.68
CA MET B 363 0.50 7.92 6.02
C MET B 363 0.05 8.65 7.29
N MET B 364 0.98 8.90 8.21
CA MET B 364 0.67 9.72 9.37
C MET B 364 0.29 11.13 8.95
N THR B 365 1.02 11.70 7.99
CA THR B 365 0.76 13.06 7.56
C THR B 365 -0.59 13.18 6.88
N ILE B 366 -0.93 12.21 6.02
CA ILE B 366 -2.21 12.23 5.31
C ILE B 366 -3.38 12.19 6.28
N VAL B 367 -3.26 11.37 7.33
CA VAL B 367 -4.30 11.32 8.36
C VAL B 367 -4.39 12.65 9.08
N ASN B 368 -3.24 13.26 9.40
CA ASN B 368 -3.24 14.53 10.11
C ASN B 368 -3.87 15.63 9.27
N LEU B 369 -3.67 15.59 7.95
CA LEU B 369 -4.26 16.58 7.07
C LEU B 369 -5.77 16.40 6.88
N ALA B 370 -6.32 15.25 7.28
CA ALA B 370 -7.73 14.96 7.07
C ALA B 370 -8.58 15.04 8.32
N GLN B 371 -7.97 15.04 9.50
CA GLN B 371 -8.75 15.07 10.74
C GLN B 371 -9.54 16.37 10.85
N ASN B 372 -10.75 16.27 11.41
CA ASN B 372 -11.63 17.43 11.50
C ASN B 372 -12.38 17.51 12.83
N PHE B 373 -11.94 16.78 13.85
CA PHE B 373 -12.59 16.86 15.14
C PHE B 373 -12.17 18.12 15.88
N VAL B 374 -12.84 18.39 17.00
CA VAL B 374 -12.58 19.61 17.75
C VAL B 374 -11.16 19.55 18.31
N GLY B 375 -10.32 20.47 17.86
CA GLY B 375 -8.93 20.53 18.27
C GLY B 375 -7.92 20.25 17.18
N SER B 376 -8.37 19.80 16.00
CA SER B 376 -7.47 19.49 14.91
C SER B 376 -7.42 20.64 13.91
N ASN B 377 -7.99 20.44 12.72
CA ASN B 377 -7.95 21.43 11.66
C ASN B 377 -9.24 22.23 11.63
N ASN B 378 -9.11 23.55 11.43
CA ASN B 378 -10.29 24.38 11.19
C ASN B 378 -10.83 24.16 9.78
N ILE B 379 -9.94 23.94 8.81
CA ILE B 379 -10.31 23.61 7.44
C ILE B 379 -9.42 22.45 7.03
N ASN B 380 -9.95 21.23 7.06
CA ASN B 380 -9.20 20.06 6.62
C ASN B 380 -9.18 20.03 5.10
N LEU B 381 -7.98 20.00 4.52
CA LEU B 381 -7.84 20.00 3.07
C LEU B 381 -8.09 18.64 2.45
N LEU B 382 -8.10 17.58 3.26
CA LEU B 382 -8.45 16.24 2.80
C LEU B 382 -9.68 15.75 3.54
N GLN B 383 -10.50 14.94 2.86
CA GLN B 383 -11.72 14.52 3.53
C GLN B 383 -11.47 13.26 4.35
N PRO B 384 -12.11 13.16 5.61
CA PRO B 384 -11.95 11.96 6.47
C PRO B 384 -12.99 10.88 6.15
N ILE B 385 -12.82 10.26 5.00
CA ILE B 385 -13.75 9.21 4.55
C ILE B 385 -13.39 7.91 5.24
N GLY B 386 -13.88 7.74 6.46
CA GLY B 386 -13.59 6.58 7.28
C GLY B 386 -13.32 6.99 8.70
N GLN B 387 -12.77 6.06 9.48
CA GLN B 387 -12.44 6.31 10.88
C GLN B 387 -11.05 6.92 10.95
N PHE B 388 -10.99 8.25 11.00
CA PHE B 388 -9.74 8.98 11.11
C PHE B 388 -9.46 9.44 12.53
N GLY B 389 -10.20 8.95 13.51
CA GLY B 389 -9.99 9.36 14.88
C GLY B 389 -11.02 10.38 15.34
N THR B 390 -11.35 10.31 16.62
CA THR B 390 -12.34 11.20 17.22
C THR B 390 -11.70 11.99 18.36
N ARG B 391 -12.47 12.90 18.94
CA ARG B 391 -12.02 13.66 20.10
C ARG B 391 -12.02 12.83 21.37
N LEU B 392 -12.53 11.60 21.32
CA LEU B 392 -12.53 10.75 22.51
CA LEU B 392 -12.53 10.76 22.52
C LEU B 392 -11.11 10.38 22.93
N HIS B 393 -10.24 10.10 21.96
CA HIS B 393 -8.85 9.76 22.23
C HIS B 393 -7.87 10.68 21.53
N GLY B 394 -8.35 11.77 20.94
CA GLY B 394 -7.47 12.71 20.25
C GLY B 394 -6.83 12.17 18.99
N GLY B 395 -7.59 11.42 18.19
CA GLY B 395 -7.08 10.86 16.96
C GLY B 395 -6.32 9.56 17.12
N LYS B 396 -6.00 9.14 18.34
CA LYS B 396 -5.30 7.87 18.55
C LYS B 396 -6.18 6.68 18.22
N ASP B 397 -7.50 6.84 18.23
CA ASP B 397 -8.43 5.77 17.90
C ASP B 397 -8.72 5.70 16.40
N ALA B 398 -7.81 6.19 15.57
CA ALA B 398 -8.01 6.12 14.13
C ALA B 398 -7.76 4.70 13.63
N ALA B 399 -8.50 4.31 12.60
CA ALA B 399 -8.35 2.98 12.02
C ALA B 399 -7.03 2.90 11.26
N SER B 400 -6.72 1.70 10.79
CA SER B 400 -5.50 1.50 10.03
C SER B 400 -5.56 2.24 8.70
N PRO B 401 -4.44 2.79 8.22
CA PRO B 401 -4.46 3.49 6.93
C PRO B 401 -4.80 2.60 5.74
N ARG B 402 -4.92 1.28 5.95
CA ARG B 402 -5.29 0.37 4.88
C ARG B 402 -6.80 0.26 4.70
N TYR B 403 -7.60 0.83 5.61
CA TYR B 403 -9.04 0.71 5.55
C TYR B 403 -9.76 2.06 5.49
N ILE B 404 -9.04 3.17 5.40
CA ILE B 404 -9.65 4.49 5.35
C ILE B 404 -9.32 5.14 4.02
N PHE B 405 -10.26 5.92 3.52
CA PHE B 405 -10.13 6.60 2.24
C PHE B 405 -10.08 8.11 2.46
N THR B 406 -9.60 8.82 1.44
CA THR B 406 -9.54 10.27 1.50
C THR B 406 -9.53 10.83 0.09
N MET B 407 -9.75 12.14 0.00
CA MET B 407 -9.78 12.86 -1.27
C MET B 407 -9.74 14.35 -0.97
N LEU B 408 -9.43 15.13 -1.99
CA LEU B 408 -9.35 16.58 -1.82
C LEU B 408 -10.70 17.16 -1.43
N SER B 409 -10.67 18.09 -0.49
CA SER B 409 -11.86 18.86 -0.16
C SER B 409 -12.17 19.85 -1.28
N THR B 410 -13.44 20.22 -1.39
CA THR B 410 -13.84 21.21 -2.39
C THR B 410 -13.25 22.59 -2.12
N LEU B 411 -12.76 22.83 -0.90
CA LEU B 411 -12.13 24.09 -0.54
C LEU B 411 -10.65 24.16 -0.90
N ALA B 412 -10.05 23.04 -1.30
CA ALA B 412 -8.61 23.01 -1.55
C ALA B 412 -8.22 23.95 -2.70
N ARG B 413 -8.80 23.74 -3.88
CA ARG B 413 -8.45 24.57 -5.03
C ARG B 413 -8.99 25.99 -4.90
N LEU B 414 -10.00 26.21 -4.07
CA LEU B 414 -10.44 27.58 -3.82
C LEU B 414 -9.44 28.34 -2.96
N LEU B 415 -8.78 27.64 -2.03
CA LEU B 415 -7.70 28.25 -1.26
C LEU B 415 -6.42 28.32 -2.07
N PHE B 416 -6.16 27.31 -2.91
CA PHE B 416 -4.96 27.24 -3.75
C PHE B 416 -5.41 27.24 -5.21
N PRO B 417 -5.62 28.42 -5.80
CA PRO B 417 -6.09 28.47 -7.19
C PRO B 417 -5.09 27.84 -8.16
N ALA B 418 -5.61 27.08 -9.12
CA ALA B 418 -4.74 26.39 -10.07
C ALA B 418 -3.98 27.37 -10.95
N VAL B 419 -4.55 28.55 -11.21
CA VAL B 419 -3.87 29.54 -12.05
C VAL B 419 -2.60 30.04 -11.37
N ASP B 420 -2.55 30.00 -10.03
CA ASP B 420 -1.37 30.45 -9.31
C ASP B 420 -0.20 29.47 -9.43
N ASP B 421 -0.44 28.25 -9.92
CA ASP B 421 0.65 27.29 -10.10
C ASP B 421 1.65 27.79 -11.13
N ASN B 422 1.21 28.63 -12.07
CA ASN B 422 2.10 29.17 -13.08
C ASN B 422 3.06 30.21 -12.52
N LEU B 423 2.92 30.59 -11.25
CA LEU B 423 3.79 31.57 -10.61
C LEU B 423 4.74 30.95 -9.61
N LEU B 424 4.67 29.64 -9.39
CA LEU B 424 5.46 28.98 -8.36
C LEU B 424 6.79 28.49 -8.94
N LYS B 425 7.76 28.31 -8.05
CA LYS B 425 9.08 27.79 -8.40
C LYS B 425 9.13 26.33 -8.01
N PHE B 426 8.92 25.44 -8.98
CA PHE B 426 8.89 24.01 -8.72
C PHE B 426 10.30 23.46 -8.61
N LEU B 427 10.52 22.63 -7.60
CA LEU B 427 11.82 22.02 -7.35
C LEU B 427 12.01 20.77 -8.20
N TYR B 428 13.25 20.32 -8.30
CA TYR B 428 13.61 19.15 -9.07
C TYR B 428 14.37 18.15 -8.20
N ASP B 429 14.02 16.88 -8.33
CA ASP B 429 14.70 15.78 -7.65
C ASP B 429 15.16 14.79 -8.72
N ASP B 430 16.43 14.91 -9.12
CA ASP B 430 17.00 14.08 -10.17
C ASP B 430 16.21 14.23 -11.49
N ASN B 431 16.23 15.46 -12.01
CA ASN B 431 15.61 15.83 -13.28
C ASN B 431 14.10 15.63 -13.29
N GLN B 432 13.48 15.44 -12.13
CA GLN B 432 12.04 15.25 -12.02
C GLN B 432 11.43 16.41 -11.25
N ARG B 433 10.50 17.11 -11.89
CA ARG B 433 9.76 18.17 -11.21
C ARG B 433 8.86 17.55 -10.14
N VAL B 434 9.05 17.95 -8.88
CA VAL B 434 8.49 17.24 -7.74
C VAL B 434 7.48 18.10 -6.98
N GLU B 435 7.82 19.35 -6.71
CA GLU B 435 7.00 20.20 -5.84
C GLU B 435 7.54 21.62 -5.92
N PRO B 436 6.69 22.61 -5.63
CA PRO B 436 7.16 23.99 -5.56
C PRO B 436 7.82 24.30 -4.21
N GLU B 437 8.57 25.39 -4.19
CA GLU B 437 9.16 25.85 -2.93
C GLU B 437 8.08 26.11 -1.89
N TRP B 438 6.97 26.71 -2.32
CA TRP B 438 5.79 26.86 -1.47
C TRP B 438 4.60 27.18 -2.36
N TYR B 439 3.41 26.88 -1.86
CA TYR B 439 2.18 27.34 -2.47
C TYR B 439 1.82 28.72 -1.93
N ILE B 440 0.99 29.44 -2.67
CA ILE B 440 0.59 30.78 -2.27
C ILE B 440 -0.94 30.80 -2.14
N PRO B 441 -1.48 30.55 -0.95
CA PRO B 441 -2.93 30.51 -0.79
C PRO B 441 -3.52 31.91 -0.71
N ILE B 442 -4.85 31.97 -0.82
CA ILE B 442 -5.53 33.26 -0.77
C ILE B 442 -5.61 33.82 0.64
N ILE B 443 -5.50 32.96 1.66
CA ILE B 443 -5.48 33.40 3.06
C ILE B 443 -4.34 32.68 3.75
N PRO B 444 -3.81 33.27 4.84
CA PRO B 444 -2.72 32.61 5.56
C PRO B 444 -3.14 31.30 6.21
N MET B 445 -2.89 30.18 5.52
CA MET B 445 -3.23 28.87 6.06
C MET B 445 -2.40 28.50 7.28
N VAL B 446 -1.26 29.19 7.49
CA VAL B 446 -0.45 28.93 8.67
C VAL B 446 -1.19 29.27 9.95
N LEU B 447 -2.21 30.13 9.86
CA LEU B 447 -3.00 30.52 11.01
C LEU B 447 -4.31 29.74 11.12
N ILE B 448 -4.77 29.13 10.03
CA ILE B 448 -6.07 28.46 10.04
C ILE B 448 -5.99 27.16 10.83
N ASN B 449 -5.09 26.26 10.44
CA ASN B 449 -4.99 24.94 11.02
C ASN B 449 -3.94 24.84 12.12
N GLY B 450 -3.34 25.95 12.50
CA GLY B 450 -2.38 25.95 13.59
C GLY B 450 -1.13 25.14 13.30
N ALA B 451 -0.19 25.75 12.60
CA ALA B 451 1.07 25.08 12.27
C ALA B 451 1.86 24.78 13.53
N GLU B 452 2.46 23.59 13.59
CA GLU B 452 3.20 23.16 14.76
C GLU B 452 4.25 22.14 14.35
N GLY B 453 5.42 22.22 14.96
CA GLY B 453 6.50 21.31 14.66
C GLY B 453 7.69 21.43 15.60
N ILE B 454 8.42 20.34 15.79
CA ILE B 454 9.57 20.30 16.69
C ILE B 454 10.80 19.96 15.86
N GLY B 455 11.78 20.86 15.85
CA GLY B 455 13.02 20.60 15.14
C GLY B 455 14.21 20.52 16.08
N THR B 456 15.35 21.05 15.65
CA THR B 456 16.55 21.14 16.47
C THR B 456 16.88 22.61 16.69
N GLY B 457 17.07 22.98 17.94
CA GLY B 457 17.31 24.38 18.29
C GLY B 457 16.04 25.20 18.46
N TRP B 458 15.15 25.17 17.48
CA TRP B 458 13.92 25.93 17.51
C TRP B 458 12.71 24.99 17.50
N ALA B 459 11.55 25.56 17.83
CA ALA B 459 10.29 24.84 17.75
C ALA B 459 9.20 25.84 17.41
N CYS B 460 8.12 25.33 16.82
CA CYS B 460 7.00 26.15 16.40
C CYS B 460 5.70 25.64 16.99
N LYS B 461 4.85 26.56 17.40
CA LYS B 461 3.52 26.22 17.89
C LYS B 461 2.59 27.40 17.64
N LEU B 462 1.54 27.17 16.84
CA LEU B 462 0.55 28.18 16.55
C LEU B 462 -0.85 27.60 16.78
N PRO B 463 -1.77 28.39 17.33
CA PRO B 463 -3.14 27.93 17.48
C PRO B 463 -3.94 28.15 16.21
N ASN B 464 -5.16 27.63 16.21
CA ASN B 464 -6.06 27.81 15.09
C ASN B 464 -6.74 29.18 15.16
N TYR B 465 -7.02 29.74 14.00
CA TYR B 465 -7.69 31.02 13.89
C TYR B 465 -8.87 30.91 12.94
N ASP B 466 -9.89 31.73 13.17
CA ASP B 466 -11.12 31.64 12.41
C ASP B 466 -10.88 32.06 10.96
N ALA B 467 -11.38 31.25 10.02
CA ALA B 467 -11.18 31.52 8.61
C ALA B 467 -11.92 32.79 8.17
N ARG B 468 -13.19 32.92 8.60
CA ARG B 468 -13.97 34.09 8.20
C ARG B 468 -13.40 35.37 8.80
N GLU B 469 -12.90 35.30 10.04
CA GLU B 469 -12.31 36.47 10.66
C GLU B 469 -11.04 36.91 9.94
N ILE B 470 -10.27 35.95 9.42
CA ILE B 470 -9.07 36.29 8.68
C ILE B 470 -9.42 36.90 7.32
N VAL B 471 -10.44 36.35 6.65
CA VAL B 471 -10.89 36.92 5.38
C VAL B 471 -11.35 38.35 5.57
N ASN B 472 -12.03 38.63 6.69
CA ASN B 472 -12.47 39.99 6.96
C ASN B 472 -11.28 40.93 7.12
N ASN B 473 -10.25 40.51 7.85
CA ASN B 473 -9.07 41.35 8.02
C ASN B 473 -8.33 41.55 6.71
N VAL B 474 -8.32 40.55 5.84
CA VAL B 474 -7.72 40.71 4.52
C VAL B 474 -8.48 41.75 3.71
N ARG B 475 -9.82 41.71 3.78
CA ARG B 475 -10.63 42.69 3.07
C ARG B 475 -10.39 44.10 3.62
N ARG B 476 -10.18 44.22 4.93
CA ARG B 476 -9.92 45.53 5.52
C ARG B 476 -8.57 46.08 5.06
N MET B 477 -7.55 45.22 5.01
CA MET B 477 -6.24 45.67 4.57
C MET B 477 -6.22 45.98 3.08
N LEU B 478 -7.12 45.37 2.30
CA LEU B 478 -7.21 45.72 0.89
C LEU B 478 -7.84 47.09 0.69
N ASP B 479 -8.67 47.53 1.63
CA ASP B 479 -9.30 48.84 1.57
C ASP B 479 -8.50 49.92 2.30
N GLY B 480 -7.30 49.59 2.77
CA GLY B 480 -6.47 50.56 3.46
C GLY B 480 -6.79 50.76 4.92
N LEU B 481 -7.59 49.88 5.52
CA LEU B 481 -7.95 50.01 6.92
C LEU B 481 -7.01 49.19 7.80
N ASP B 482 -7.08 49.43 9.11
CA ASP B 482 -6.25 48.68 10.04
C ASP B 482 -6.91 47.35 10.39
N PRO B 483 -6.16 46.26 10.39
CA PRO B 483 -6.75 44.95 10.70
C PRO B 483 -7.10 44.85 12.18
N HIS B 484 -8.22 44.18 12.45
CA HIS B 484 -8.64 43.96 13.82
C HIS B 484 -7.76 42.88 14.48
N PRO B 485 -7.58 42.96 15.80
CA PRO B 485 -6.86 41.90 16.49
C PRO B 485 -7.62 40.59 16.43
N MET B 486 -6.87 39.48 16.46
CA MET B 486 -7.44 38.16 16.31
C MET B 486 -7.09 37.29 17.52
N LEU B 487 -8.09 36.63 18.06
CA LEU B 487 -7.91 35.63 19.10
C LEU B 487 -8.01 34.23 18.51
N PRO B 488 -7.30 33.27 19.09
CA PRO B 488 -7.43 31.87 18.64
C PRO B 488 -8.88 31.44 18.61
N ASN B 489 -9.24 30.69 17.57
CA ASN B 489 -10.60 30.20 17.39
C ASN B 489 -10.55 28.79 16.83
N TYR B 490 -11.26 27.86 17.46
CA TYR B 490 -11.32 26.47 17.03
C TYR B 490 -12.74 26.14 16.61
N LYS B 491 -12.87 25.50 15.45
CA LYS B 491 -14.18 25.17 14.91
C LYS B 491 -14.93 24.22 15.84
N ASN B 492 -16.22 24.48 16.01
CA ASN B 492 -17.13 23.67 16.82
C ASN B 492 -16.76 23.63 18.29
N PHE B 493 -15.88 24.53 18.75
CA PHE B 493 -15.53 24.62 20.15
C PHE B 493 -16.53 25.50 20.87
N LYS B 494 -17.23 24.93 21.85
CA LYS B 494 -18.29 25.64 22.57
C LYS B 494 -17.79 26.39 23.79
N GLY B 495 -16.50 26.35 24.08
CA GLY B 495 -15.93 27.04 25.21
C GLY B 495 -15.57 28.48 24.88
N THR B 496 -14.76 29.07 25.77
CA THR B 496 -14.33 30.45 25.62
C THR B 496 -12.81 30.53 25.64
N ILE B 497 -12.28 31.47 24.86
CA ILE B 497 -10.85 31.73 24.79
C ILE B 497 -10.65 33.21 25.07
N GLN B 498 -10.17 33.53 26.26
CA GLN B 498 -9.96 34.91 26.68
C GLN B 498 -8.48 35.27 26.60
N GLU B 499 -8.21 36.49 26.15
CA GLU B 499 -6.84 36.97 26.04
C GLU B 499 -6.38 37.51 27.39
N LEU B 500 -5.35 36.88 27.96
CA LEU B 500 -4.73 37.39 29.18
C LEU B 500 -3.61 38.38 28.88
N GLY B 501 -3.03 38.30 27.69
CA GLY B 501 -1.93 39.19 27.33
C GLY B 501 -1.44 38.84 25.95
N GLN B 502 -0.30 39.41 25.58
CA GLN B 502 0.29 39.13 24.29
C GLN B 502 0.75 37.67 24.25
N ASN B 503 0.13 36.89 23.35
CA ASN B 503 0.46 35.48 23.15
C ASN B 503 0.20 34.65 24.41
N GLN B 504 -0.78 35.08 25.21
CA GLN B 504 -1.16 34.35 26.43
C GLN B 504 -2.69 34.32 26.50
N TYR B 505 -3.25 33.12 26.58
CA TYR B 505 -4.69 32.96 26.54
C TYR B 505 -5.14 31.96 27.59
N ALA B 506 -6.40 32.08 28.00
CA ALA B 506 -7.03 31.17 28.94
C ALA B 506 -8.15 30.43 28.23
N VAL B 507 -8.00 29.12 28.10
CA VAL B 507 -8.97 28.27 27.41
C VAL B 507 -9.79 27.55 28.46
N SER B 508 -11.11 27.76 28.44
CA SER B 508 -11.99 27.22 29.45
C SER B 508 -13.10 26.41 28.81
N GLY B 509 -13.51 25.34 29.48
CA GLY B 509 -14.64 24.54 29.04
C GLY B 509 -15.95 25.11 29.54
N GLU B 510 -16.96 24.24 29.59
CA GLU B 510 -18.28 24.63 30.04
C GLU B 510 -18.75 23.71 31.15
N ILE B 511 -19.14 24.30 32.29
CA ILE B 511 -19.71 23.56 33.40
C ILE B 511 -20.73 24.45 34.09
N PHE B 512 -21.90 23.90 34.39
CA PHE B 512 -22.95 24.66 35.05
C PHE B 512 -23.70 23.74 36.01
N VAL B 513 -24.33 24.37 37.00
CA VAL B 513 -25.04 23.65 38.06
C VAL B 513 -26.46 23.34 37.58
N VAL B 514 -26.89 22.10 37.77
CA VAL B 514 -28.25 21.69 37.44
C VAL B 514 -29.12 21.83 38.69
N ASP B 515 -28.81 21.06 39.73
CA ASP B 515 -29.48 21.19 41.01
C ASP B 515 -28.46 21.20 42.14
N ARG B 516 -28.94 21.11 43.39
CA ARG B 516 -28.05 21.15 44.54
C ARG B 516 -27.22 19.87 44.69
N ASN B 517 -27.35 18.92 43.77
CA ASN B 517 -26.56 17.70 43.83
C ASN B 517 -26.00 17.27 42.47
N THR B 518 -26.11 18.10 41.44
CA THR B 518 -25.71 17.70 40.10
C THR B 518 -25.07 18.88 39.38
N VAL B 519 -23.95 18.61 38.71
CA VAL B 519 -23.32 19.56 37.79
C VAL B 519 -23.17 18.86 36.44
N GLU B 520 -23.16 19.66 35.38
CA GLU B 520 -23.07 19.14 34.02
C GLU B 520 -21.89 19.77 33.30
N ILE B 521 -21.09 18.92 32.66
CA ILE B 521 -19.92 19.35 31.88
C ILE B 521 -20.24 19.11 30.42
N THR B 522 -20.42 20.19 29.66
CA THR B 522 -20.79 20.10 28.25
C THR B 522 -19.65 20.42 27.29
N GLU B 523 -18.49 20.85 27.79
CA GLU B 523 -17.38 21.17 26.92
C GLU B 523 -16.08 21.11 27.73
N LEU B 524 -15.05 20.53 27.11
CA LEU B 524 -13.69 20.42 27.62
C LEU B 524 -12.79 21.42 26.90
N PRO B 525 -11.70 21.85 27.53
CA PRO B 525 -10.77 22.77 26.84
C PRO B 525 -10.23 22.16 25.56
N VAL B 526 -9.70 23.04 24.69
CA VAL B 526 -9.22 22.61 23.39
C VAL B 526 -8.08 21.61 23.58
N ARG B 527 -8.14 20.51 22.82
CA ARG B 527 -7.15 19.44 22.85
C ARG B 527 -7.09 18.75 24.21
N THR B 528 -8.16 18.85 25.00
CA THR B 528 -8.34 18.03 26.19
C THR B 528 -9.34 16.94 25.81
N TRP B 529 -8.83 15.73 25.62
CA TRP B 529 -9.64 14.65 25.07
C TRP B 529 -10.50 14.01 26.16
N THR B 530 -11.60 13.39 25.72
CA THR B 530 -12.63 12.94 26.65
C THR B 530 -12.13 11.81 27.53
N GLN B 531 -11.49 10.79 26.93
CA GLN B 531 -11.04 9.65 27.71
C GLN B 531 -9.92 10.05 28.67
N VAL B 532 -9.05 10.98 28.26
CA VAL B 532 -7.99 11.44 29.14
C VAL B 532 -8.56 12.22 30.32
N TYR B 533 -9.56 13.06 30.06
CA TYR B 533 -10.20 13.82 31.14
C TYR B 533 -10.96 12.89 32.08
N LYS B 534 -11.55 11.82 31.55
CA LYS B 534 -12.29 10.88 32.40
C LYS B 534 -11.35 10.13 33.34
N GLU B 535 -10.21 9.68 32.85
CA GLU B 535 -9.32 8.84 33.65
C GLU B 535 -8.46 9.66 34.60
N GLN B 536 -8.07 10.87 34.21
CA GLN B 536 -7.12 11.66 34.99
C GLN B 536 -7.79 12.70 35.89
N VAL B 537 -9.08 12.96 35.73
CA VAL B 537 -9.75 13.99 36.53
C VAL B 537 -10.94 13.40 37.26
N LEU B 538 -11.86 12.79 36.52
CA LEU B 538 -13.10 12.33 37.14
C LEU B 538 -12.88 11.08 37.98
N GLU B 539 -12.05 10.16 37.50
CA GLU B 539 -11.77 8.94 38.26
C GLU B 539 -11.08 9.21 39.59
N PRO B 540 -10.04 10.06 39.67
CA PRO B 540 -9.50 10.40 41.00
C PRO B 540 -10.50 11.14 41.88
N MET B 541 -11.41 11.93 41.28
CA MET B 541 -12.46 12.57 42.07
C MET B 541 -13.44 11.55 42.62
N LEU B 542 -13.68 10.47 41.89
CA LEU B 542 -14.64 9.45 42.33
C LEU B 542 -14.03 8.54 43.38
N ASN B 543 -12.77 8.16 43.22
CA ASN B 543 -12.13 7.21 44.11
C ASN B 543 -11.19 7.93 45.09
N GLY B 544 -9.89 7.78 44.88
CA GLY B 544 -8.91 8.33 45.80
C GLY B 544 -7.76 9.04 45.10
N PRO B 549 -8.76 12.72 49.38
CA PRO B 549 -10.06 12.08 49.57
C PRO B 549 -10.96 12.20 48.35
N ALA B 550 -12.12 11.55 48.40
CA ALA B 550 -13.09 11.63 47.32
C ALA B 550 -13.86 12.94 47.38
N LEU B 551 -14.35 13.37 46.21
CA LEU B 551 -15.08 14.62 46.10
C LEU B 551 -16.45 14.45 45.47
N ILE B 552 -16.60 13.55 44.50
CA ILE B 552 -17.87 13.36 43.81
C ILE B 552 -18.43 11.98 44.19
N SER B 553 -19.74 11.84 44.03
CA SER B 553 -20.40 10.59 44.39
C SER B 553 -20.51 9.63 43.21
N ASP B 554 -20.80 10.14 42.02
CA ASP B 554 -20.95 9.33 40.82
C ASP B 554 -21.00 10.25 39.62
N TYR B 555 -20.70 9.69 38.45
CA TYR B 555 -20.77 10.46 37.22
C TYR B 555 -21.22 9.54 36.09
N LYS B 556 -21.99 10.09 35.16
CA LYS B 556 -22.46 9.37 33.98
C LYS B 556 -21.97 10.08 32.73
N GLU B 557 -21.93 9.33 31.63
CA GLU B 557 -21.46 9.84 30.34
C GLU B 557 -22.57 9.77 29.31
N TYR B 558 -22.71 10.84 28.54
CA TYR B 558 -23.70 10.91 27.46
C TYR B 558 -23.07 11.56 26.24
N HIS B 559 -21.87 11.12 25.89
CA HIS B 559 -21.13 11.72 24.80
C HIS B 559 -21.59 11.19 23.46
N THR B 560 -21.29 11.95 22.41
CA THR B 560 -21.38 11.50 21.04
C THR B 560 -19.97 11.43 20.47
N ASP B 561 -19.86 11.25 19.15
CA ASP B 561 -18.55 11.21 18.52
C ASP B 561 -17.92 12.59 18.41
N THR B 562 -18.68 13.67 18.60
CA THR B 562 -18.17 15.02 18.46
C THR B 562 -18.52 15.95 19.62
N THR B 563 -19.28 15.49 20.60
CA THR B 563 -19.69 16.32 21.72
C THR B 563 -19.34 15.63 23.04
N VAL B 564 -19.35 16.42 24.11
CA VAL B 564 -19.00 15.97 25.45
C VAL B 564 -20.15 16.32 26.38
N LYS B 565 -20.56 15.35 27.21
CA LYS B 565 -21.64 15.57 28.17
C LYS B 565 -21.37 14.70 29.39
N PHE B 566 -20.89 15.31 30.46
CA PHE B 566 -20.68 14.64 31.74
C PHE B 566 -21.73 15.13 32.74
N VAL B 567 -22.37 14.19 33.42
CA VAL B 567 -23.31 14.49 34.49
C VAL B 567 -22.72 13.95 35.79
N VAL B 568 -22.34 14.84 36.69
CA VAL B 568 -21.61 14.49 37.90
C VAL B 568 -22.51 14.71 39.10
N LYS B 569 -22.53 13.75 40.02
CA LYS B 569 -23.32 13.82 41.24
C LYS B 569 -22.43 14.16 42.42
N MET B 570 -22.87 15.11 43.26
CA MET B 570 -22.15 15.52 44.44
C MET B 570 -23.14 15.74 45.57
N THR B 571 -22.61 15.83 46.79
CA THR B 571 -23.44 16.21 47.93
C THR B 571 -23.60 17.72 47.98
N GLU B 572 -24.59 18.16 48.77
CA GLU B 572 -24.85 19.60 48.88
C GLU B 572 -23.67 20.33 49.49
N GLU B 573 -23.00 19.70 50.47
CA GLU B 573 -21.86 20.34 51.12
C GLU B 573 -20.67 20.41 50.17
N LYS B 574 -20.36 19.30 49.50
CA LYS B 574 -19.21 19.27 48.59
C LYS B 574 -19.43 20.18 47.39
N LEU B 575 -20.66 20.27 46.90
CA LEU B 575 -20.93 21.14 45.75
C LEU B 575 -20.84 22.61 46.13
N ALA B 576 -21.28 22.96 47.35
CA ALA B 576 -21.20 24.35 47.79
C ALA B 576 -19.75 24.81 47.91
N GLN B 577 -18.87 23.92 48.37
CA GLN B 577 -17.45 24.26 48.47
C GLN B 577 -16.82 24.38 47.09
N ALA B 578 -17.29 23.60 46.12
CA ALA B 578 -16.75 23.68 44.76
C ALA B 578 -17.11 25.00 44.11
N GLU B 579 -18.33 25.50 44.34
CA GLU B 579 -18.73 26.78 43.78
C GLU B 579 -17.92 27.93 44.37
N ALA B 580 -17.54 27.83 45.66
CA ALA B 580 -16.77 28.90 46.28
C ALA B 580 -15.36 28.98 45.70
N ALA B 581 -14.75 27.84 45.40
CA ALA B 581 -13.41 27.81 44.85
C ALA B 581 -13.38 27.98 43.34
N GLY B 582 -14.53 27.85 42.66
CA GLY B 582 -14.58 27.94 41.22
C GLY B 582 -14.73 26.59 40.56
N LEU B 583 -15.86 26.39 39.88
CA LEU B 583 -16.13 25.09 39.25
C LEU B 583 -15.11 24.77 38.17
N HIS B 584 -14.71 25.77 37.38
CA HIS B 584 -13.73 25.52 36.33
C HIS B 584 -12.36 25.20 36.89
N LYS B 585 -12.02 25.76 38.06
CA LYS B 585 -10.73 25.45 38.69
C LYS B 585 -10.73 24.04 39.27
N VAL B 586 -11.80 23.68 39.98
CA VAL B 586 -11.84 22.39 40.67
C VAL B 586 -11.83 21.25 39.66
N PHE B 587 -12.72 21.31 38.67
CA PHE B 587 -12.86 20.23 37.70
C PHE B 587 -11.81 20.29 36.58
N LYS B 588 -10.77 21.10 36.74
CA LYS B 588 -9.65 21.17 35.80
C LYS B 588 -10.13 21.43 34.38
N LEU B 589 -11.00 22.42 34.24
CA LEU B 589 -11.58 22.79 32.95
C LEU B 589 -10.99 24.08 32.38
N GLN B 590 -9.78 24.44 32.80
CA GLN B 590 -9.13 25.64 32.29
C GLN B 590 -7.65 25.34 32.04
N THR B 591 -7.17 25.68 30.85
CA THR B 591 -5.78 25.52 30.49
C THR B 591 -5.26 26.82 29.88
N THR B 592 -3.97 27.06 30.06
CA THR B 592 -3.32 28.26 29.54
C THR B 592 -2.64 27.95 28.21
N LEU B 593 -2.74 28.89 27.27
CA LEU B 593 -2.15 28.76 25.94
C LEU B 593 -1.13 29.88 25.76
N THR B 594 0.15 29.52 25.68
CA THR B 594 1.23 30.47 25.51
C THR B 594 1.92 30.20 24.18
N CYS B 595 2.11 31.25 23.38
CA CYS B 595 2.62 31.13 22.02
C CYS B 595 3.79 32.11 21.83
N ASN B 596 4.89 31.87 22.53
CA ASN B 596 6.09 32.68 22.41
C ASN B 596 7.17 32.00 21.57
N SER B 597 6.79 31.04 20.72
CA SER B 597 7.73 30.32 19.87
C SER B 597 7.14 30.20 18.46
N MET B 598 6.75 31.34 17.90
CA MET B 598 6.17 31.39 16.56
C MET B 598 7.29 31.55 15.53
N VAL B 599 8.02 30.45 15.33
CA VAL B 599 9.17 30.41 14.42
C VAL B 599 8.73 29.76 13.11
N LEU B 600 9.02 30.44 12.00
CA LEU B 600 8.62 29.97 10.68
C LEU B 600 9.72 30.31 9.67
N PHE B 601 9.63 29.68 8.50
CA PHE B 601 10.46 30.05 7.36
C PHE B 601 9.73 31.10 6.52
N ASP B 602 10.44 32.18 6.18
CA ASP B 602 9.85 33.24 5.37
C ASP B 602 9.83 32.81 3.90
N HIS B 603 9.49 33.74 3.01
CA HIS B 603 9.40 33.42 1.59
C HIS B 603 10.77 33.13 0.99
N MET B 604 11.83 33.74 1.53
CA MET B 604 13.19 33.51 1.05
C MET B 604 13.82 32.26 1.65
N GLY B 605 13.09 31.52 2.48
CA GLY B 605 13.64 30.33 3.10
C GLY B 605 14.42 30.57 4.38
N CYS B 606 14.43 31.79 4.89
CA CYS B 606 15.16 32.11 6.11
C CYS B 606 14.30 31.85 7.33
N LEU B 607 14.92 31.33 8.39
CA LEU B 607 14.22 31.08 9.64
C LEU B 607 14.09 32.38 10.43
N LYS B 608 12.86 32.68 10.86
CA LYS B 608 12.60 33.93 11.57
C LYS B 608 11.58 33.69 12.67
N LYS B 609 11.73 34.40 13.78
CA LYS B 609 10.81 34.33 14.91
C LYS B 609 9.84 35.50 14.83
N TYR B 610 8.55 35.21 14.97
CA TYR B 610 7.50 36.21 14.88
C TYR B 610 6.89 36.40 16.27
N GLU B 611 6.70 37.66 16.66
CA GLU B 611 6.24 37.99 18.00
C GLU B 611 4.72 38.05 18.11
N THR B 612 4.03 38.49 17.06
CA THR B 612 2.58 38.59 17.07
C THR B 612 2.01 37.93 15.83
N VAL B 613 0.73 37.56 15.91
CA VAL B 613 0.02 37.02 14.76
C VAL B 613 -0.17 38.10 13.69
N GLN B 614 -0.18 39.38 14.09
CA GLN B 614 -0.33 40.46 13.12
C GLN B 614 0.90 40.58 12.23
N ASP B 615 2.09 40.28 12.76
CA ASP B 615 3.29 40.32 11.94
C ASP B 615 3.27 39.25 10.86
N ILE B 616 2.69 38.08 11.17
CA ILE B 616 2.57 37.03 10.17
C ILE B 616 1.57 37.44 9.08
N LEU B 617 0.45 38.03 9.49
CA LEU B 617 -0.57 38.44 8.53
C LEU B 617 -0.05 39.53 7.60
N LYS B 618 0.77 40.44 8.12
CA LYS B 618 1.27 41.53 7.30
C LYS B 618 2.28 41.03 6.27
N GLU B 619 3.21 40.17 6.69
CA GLU B 619 4.20 39.65 5.76
C GLU B 619 3.56 38.77 4.70
N PHE B 620 2.54 38.01 5.07
CA PHE B 620 1.81 37.22 4.08
C PHE B 620 1.03 38.12 3.13
N PHE B 621 0.47 39.22 3.65
CA PHE B 621 -0.37 40.09 2.82
C PHE B 621 0.43 40.73 1.70
N ASP B 622 1.63 41.24 2.02
CA ASP B 622 2.43 41.91 1.00
C ASP B 622 2.88 40.94 -0.08
N LEU B 623 3.20 39.70 0.29
CA LEU B 623 3.63 38.72 -0.70
C LEU B 623 2.46 38.26 -1.56
N ARG B 624 1.32 37.97 -0.94
CA ARG B 624 0.16 37.51 -1.71
C ARG B 624 -0.38 38.61 -2.61
N LEU B 625 -0.39 39.85 -2.13
CA LEU B 625 -0.83 40.96 -2.98
C LEU B 625 0.10 41.16 -4.16
N SER B 626 1.40 40.96 -3.95
CA SER B 626 2.36 41.07 -5.04
C SER B 626 2.17 39.96 -6.08
N TYR B 627 1.75 38.78 -5.64
CA TYR B 627 1.54 37.67 -6.57
C TYR B 627 0.20 37.75 -7.29
N TYR B 628 -0.78 38.47 -6.75
CA TYR B 628 -1.98 38.74 -7.53
C TYR B 628 -1.69 39.70 -8.67
N GLY B 629 -0.71 40.58 -8.51
CA GLY B 629 -0.22 41.35 -9.64
C GLY B 629 0.53 40.49 -10.64
N LEU B 630 1.23 39.47 -10.15
CA LEU B 630 1.90 38.53 -11.06
C LEU B 630 0.88 37.67 -11.80
N ARG B 631 -0.21 37.31 -11.14
CA ARG B 631 -1.24 36.51 -11.80
C ARG B 631 -1.87 37.28 -12.94
N LYS B 632 -2.25 38.54 -12.69
CA LYS B 632 -2.81 39.37 -13.74
C LYS B 632 -1.80 39.60 -14.86
N GLU B 633 -0.56 39.92 -14.49
CA GLU B 633 0.49 40.11 -15.50
C GLU B 633 0.72 38.85 -16.31
N TRP B 634 0.55 37.67 -15.68
CA TRP B 634 0.67 36.41 -16.41
C TRP B 634 -0.58 36.12 -17.23
N LEU B 635 -1.76 36.40 -16.67
CA LEU B 635 -3.00 36.10 -17.38
C LEU B 635 -3.21 37.03 -18.58
N VAL B 636 -2.74 38.28 -18.49
CA VAL B 636 -2.87 39.20 -19.62
C VAL B 636 -2.07 38.68 -20.81
N GLY B 637 -0.86 38.17 -20.56
CA GLY B 637 -0.06 37.64 -21.64
C GLY B 637 -0.59 36.33 -22.20
N MET B 638 -1.08 35.45 -21.33
CA MET B 638 -1.60 34.17 -21.79
C MET B 638 -2.91 34.35 -22.55
N LEU B 639 -3.88 35.05 -21.94
CA LEU B 639 -5.14 35.30 -22.64
C LEU B 639 -4.94 36.13 -23.90
N GLY B 640 -3.97 37.04 -23.88
CA GLY B 640 -3.64 37.78 -25.10
C GLY B 640 -3.06 36.88 -26.18
N ALA B 641 -2.24 35.90 -25.77
CA ALA B 641 -1.71 34.95 -26.73
C ALA B 641 -2.81 34.05 -27.27
N GLU B 642 -3.74 33.63 -26.41
CA GLU B 642 -4.88 32.85 -26.87
C GLU B 642 -5.78 33.65 -27.80
N SER B 643 -5.90 34.95 -27.55
CA SER B 643 -6.70 35.80 -28.44
C SER B 643 -6.06 35.91 -29.82
N THR B 644 -4.73 36.04 -29.87
CA THR B 644 -4.05 36.09 -31.16
C THR B 644 -4.19 34.77 -31.91
N LYS B 645 -4.15 33.65 -31.17
CA LYS B 645 -4.32 32.34 -31.80
C LYS B 645 -5.70 32.22 -32.45
N LEU B 646 -6.75 32.58 -31.71
CA LEU B 646 -8.10 32.51 -32.26
C LEU B 646 -8.28 33.48 -33.43
N ASN B 647 -7.54 34.59 -33.42
CA ASN B 647 -7.61 35.53 -34.55
C ASN B 647 -7.07 34.89 -35.82
N ASN B 648 -5.95 34.19 -35.73
CA ASN B 648 -5.39 33.52 -36.91
C ASN B 648 -6.25 32.34 -37.34
N GLN B 649 -6.79 31.59 -36.37
CA GLN B 649 -7.65 30.46 -36.70
C GLN B 649 -8.94 30.92 -37.36
N ALA B 650 -9.54 32.00 -36.84
CA ALA B 650 -10.76 32.52 -37.46
C ALA B 650 -10.47 33.12 -38.83
N ARG B 651 -9.32 33.77 -39.00
CA ARG B 651 -8.97 34.33 -40.30
C ARG B 651 -8.76 33.23 -41.33
N PHE B 652 -8.09 32.15 -40.95
CA PHE B 652 -7.84 31.05 -41.90
C PHE B 652 -9.14 30.40 -42.32
N ILE B 653 -10.05 30.17 -41.38
CA ILE B 653 -11.32 29.53 -41.72
C ILE B 653 -12.15 30.43 -42.62
N LEU B 654 -12.18 31.74 -42.34
CA LEU B 654 -12.95 32.66 -43.17
C LEU B 654 -12.33 32.81 -44.56
N GLU B 655 -11.00 32.85 -44.64
CA GLU B 655 -10.35 32.94 -45.94
C GLU B 655 -10.46 31.66 -46.74
N LYS B 656 -10.68 30.52 -46.09
CA LYS B 656 -10.80 29.26 -46.81
C LYS B 656 -12.21 29.06 -47.37
N ILE B 657 -13.24 29.42 -46.60
CA ILE B 657 -14.61 29.26 -47.06
C ILE B 657 -15.00 30.29 -48.10
N GLN B 658 -14.14 31.26 -48.38
CA GLN B 658 -14.40 32.27 -49.40
C GLN B 658 -13.50 32.12 -50.62
N GLY B 659 -12.63 31.12 -50.64
CA GLY B 659 -11.73 30.91 -51.76
C GLY B 659 -10.47 31.73 -51.74
N LYS B 660 -10.25 32.55 -50.70
CA LYS B 660 -9.07 33.40 -50.66
C LYS B 660 -7.79 32.60 -50.44
N ILE B 661 -7.90 31.38 -49.92
CA ILE B 661 -6.73 30.53 -49.70
C ILE B 661 -7.15 29.07 -49.90
N THR B 662 -6.26 28.29 -50.49
CA THR B 662 -6.50 26.87 -50.72
C THR B 662 -5.32 26.06 -50.20
N ILE B 663 -5.62 24.85 -49.71
CA ILE B 663 -4.61 23.94 -49.19
C ILE B 663 -4.67 22.57 -49.85
N GLU B 664 -5.60 22.35 -50.78
CA GLU B 664 -5.80 21.02 -51.35
C GLU B 664 -4.63 20.63 -52.24
N ASN B 665 -4.05 19.46 -51.94
CA ASN B 665 -2.99 18.87 -52.76
C ASN B 665 -1.77 19.78 -52.86
N ARG B 666 -1.54 20.58 -51.83
CA ARG B 666 -0.38 21.47 -51.76
C ARG B 666 0.64 20.89 -50.80
N SER B 667 1.91 20.95 -51.19
CA SER B 667 2.97 20.38 -50.38
CA SER B 667 2.96 20.37 -50.37
C SER B 667 3.10 21.13 -49.06
N LYS B 668 3.74 20.46 -48.09
CA LYS B 668 3.90 21.05 -46.76
C LYS B 668 4.80 22.29 -46.81
N LYS B 669 5.89 22.22 -47.55
CA LYS B 669 6.80 23.37 -47.64
C LYS B 669 6.15 24.55 -48.33
N ASP B 670 5.41 24.30 -49.42
CA ASP B 670 4.75 25.40 -50.12
C ASP B 670 3.62 26.00 -49.29
N LEU B 671 3.00 25.19 -48.42
CA LEU B 671 1.91 25.69 -47.60
C LEU B 671 2.44 26.55 -46.45
N ILE B 672 3.56 26.15 -45.84
CA ILE B 672 4.14 26.95 -44.77
C ILE B 672 4.67 28.26 -45.31
N GLN B 673 5.35 28.22 -46.46
CA GLN B 673 5.87 29.45 -47.06
C GLN B 673 4.75 30.38 -47.50
N MET B 674 3.59 29.83 -47.85
CA MET B 674 2.46 30.65 -48.24
C MET B 674 1.78 31.29 -47.03
N LEU B 675 1.77 30.61 -45.88
CA LEU B 675 1.16 31.19 -44.69
C LEU B 675 2.00 32.32 -44.13
N VAL B 676 3.33 32.18 -44.13
CA VAL B 676 4.18 33.26 -43.65
C VAL B 676 4.13 34.46 -44.59
N GLN B 677 3.90 34.22 -45.88
CA GLN B 677 3.82 35.33 -46.83
C GLN B 677 2.53 36.13 -46.65
N ARG B 678 1.45 35.48 -46.22
CA ARG B 678 0.17 36.13 -46.00
C ARG B 678 0.02 36.66 -44.59
N GLY B 679 1.12 36.82 -43.85
CA GLY B 679 1.05 37.43 -42.53
C GLY B 679 0.47 36.57 -41.44
N TYR B 680 0.49 35.25 -41.59
CA TYR B 680 0.03 34.37 -40.54
C TYR B 680 1.15 34.14 -39.53
N GLU B 681 0.81 34.21 -38.25
CA GLU B 681 1.80 34.13 -37.19
C GLU B 681 1.97 32.70 -36.71
N SER B 682 3.20 32.36 -36.33
CA SER B 682 3.45 31.09 -35.68
C SER B 682 2.69 31.02 -34.36
N ASP B 683 2.59 29.82 -33.81
CA ASP B 683 1.81 29.53 -32.60
C ASP B 683 2.11 30.56 -31.50
N PRO B 684 1.17 31.48 -31.23
CA PRO B 684 1.46 32.53 -30.25
C PRO B 684 1.49 32.02 -28.83
N VAL B 685 0.66 31.03 -28.48
CA VAL B 685 0.70 30.45 -27.14
C VAL B 685 2.04 29.81 -26.88
N LYS B 686 2.55 29.05 -27.86
CA LYS B 686 3.87 28.46 -27.71
C LYS B 686 4.95 29.54 -27.71
N ALA B 687 4.80 30.56 -28.57
CA ALA B 687 5.78 31.64 -28.62
C ALA B 687 5.80 32.43 -27.32
N TRP B 688 4.63 32.61 -26.69
CA TRP B 688 4.57 33.37 -25.44
C TRP B 688 5.19 32.58 -24.30
N LYS B 689 4.98 31.27 -24.25
CA LYS B 689 5.57 30.46 -23.20
C LYS B 689 7.07 30.30 -23.41
N GLU B 690 7.54 30.30 -24.65
CA GLU B 690 8.98 30.28 -24.91
C GLU B 690 9.64 31.59 -24.48
N ALA B 691 8.92 32.70 -24.56
CA ALA B 691 9.47 33.99 -24.15
C ALA B 691 9.66 34.07 -22.64
N GLN B 692 8.96 33.24 -21.88
CA GLN B 692 9.09 33.24 -20.42
C GLN B 692 10.30 32.40 -19.98
N GLY B 717 11.48 26.85 -36.76
CA GLY B 717 10.69 27.33 -37.88
C GLY B 717 9.28 27.72 -37.49
N PRO B 718 8.54 28.27 -38.46
CA PRO B 718 7.14 28.65 -38.17
C PRO B 718 6.29 27.43 -37.81
N ASP B 719 5.43 27.62 -36.82
CA ASP B 719 4.57 26.54 -36.31
C ASP B 719 3.12 26.95 -36.59
N PHE B 720 2.51 26.32 -37.60
CA PHE B 720 1.11 26.54 -37.93
C PHE B 720 0.24 25.32 -37.64
N ASN B 721 0.72 24.41 -36.79
CA ASN B 721 -0.04 23.21 -36.47
C ASN B 721 -1.35 23.54 -35.78
N TYR B 722 -1.40 24.63 -35.01
CA TYR B 722 -2.64 25.02 -34.34
C TYR B 722 -3.73 25.40 -35.33
N ILE B 723 -3.37 25.70 -36.57
CA ILE B 723 -4.36 26.00 -37.60
C ILE B 723 -4.77 24.75 -38.37
N LEU B 724 -3.80 23.95 -38.79
CA LEU B 724 -4.05 22.82 -39.67
C LEU B 724 -4.41 21.53 -38.94
N ASN B 725 -4.25 21.48 -37.61
CA ASN B 725 -4.71 20.33 -36.86
C ASN B 725 -6.21 20.38 -36.55
N MET B 726 -6.88 21.46 -36.95
CA MET B 726 -8.32 21.54 -36.76
C MET B 726 -9.04 20.55 -37.69
N SER B 727 -10.15 20.01 -37.20
CA SER B 727 -10.90 19.03 -37.96
C SER B 727 -11.57 19.69 -39.17
N LEU B 728 -12.02 18.83 -40.10
CA LEU B 728 -12.77 19.32 -41.25
C LEU B 728 -14.12 19.91 -40.84
N TRP B 729 -14.61 19.59 -39.64
CA TRP B 729 -15.82 20.22 -39.14
C TRP B 729 -15.69 21.74 -39.07
N SER B 730 -14.48 22.24 -38.85
CA SER B 730 -14.27 23.69 -38.69
C SER B 730 -14.74 24.49 -39.89
N LEU B 731 -14.81 23.88 -41.08
CA LEU B 731 -15.26 24.57 -42.27
C LEU B 731 -16.77 24.58 -42.42
N THR B 732 -17.50 23.85 -41.56
CA THR B 732 -18.95 23.81 -41.65
C THR B 732 -19.56 25.10 -41.10
N LYS B 733 -20.85 25.26 -41.33
CA LYS B 733 -21.54 26.51 -40.98
C LYS B 733 -21.54 26.73 -39.47
N GLU B 734 -21.98 25.72 -38.70
CA GLU B 734 -22.11 25.90 -37.26
C GLU B 734 -20.76 26.10 -36.58
N LYS B 735 -19.69 25.51 -37.11
CA LYS B 735 -18.38 25.66 -36.50
C LYS B 735 -17.75 27.01 -36.80
N VAL B 736 -18.10 27.63 -37.93
CA VAL B 736 -17.62 28.97 -38.22
C VAL B 736 -18.22 29.97 -37.25
N GLU B 737 -19.52 29.86 -36.98
CA GLU B 737 -20.17 30.76 -36.03
C GLU B 737 -19.64 30.53 -34.62
N GLU B 738 -19.37 29.27 -34.27
CA GLU B 738 -18.85 28.98 -32.93
C GLU B 738 -17.43 29.51 -32.76
N LEU B 739 -16.61 29.41 -33.80
CA LEU B 739 -15.24 29.91 -33.71
C LEU B 739 -15.20 31.43 -33.59
N ILE B 740 -16.12 32.13 -34.28
CA ILE B 740 -16.16 33.58 -34.21
C ILE B 740 -16.59 34.02 -32.81
N LYS B 741 -17.56 33.32 -32.21
CA LYS B 741 -18.00 33.69 -30.87
C LYS B 741 -16.91 33.46 -29.84
N GLN B 742 -16.15 32.36 -29.96
CA GLN B 742 -15.05 32.11 -29.04
C GLN B 742 -13.95 33.15 -29.22
N ARG B 743 -13.70 33.58 -30.44
CA ARG B 743 -12.69 34.62 -30.68
C ARG B 743 -13.11 35.94 -30.05
N ASP B 744 -14.39 36.31 -30.19
CA ASP B 744 -14.86 37.56 -29.60
C ASP B 744 -14.93 37.45 -28.07
N ALA B 745 -15.29 36.28 -27.56
CA ALA B 745 -15.35 36.10 -26.11
C ALA B 745 -13.95 36.16 -25.48
N LYS B 746 -12.95 35.59 -26.17
CA LYS B 746 -11.59 35.68 -25.67
C LYS B 746 -11.08 37.10 -25.69
N GLY B 747 -11.44 37.86 -26.73
CA GLY B 747 -11.04 39.27 -26.77
C GLY B 747 -11.64 40.08 -25.65
N ARG B 748 -12.92 39.87 -25.36
CA ARG B 748 -13.55 40.57 -24.24
C ARG B 748 -13.00 40.10 -22.90
N GLU B 749 -12.50 38.86 -22.83
CA GLU B 749 -11.94 38.35 -21.58
C GLU B 749 -10.62 39.03 -21.27
N VAL B 750 -9.83 39.37 -22.29
CA VAL B 750 -8.58 40.09 -22.05
C VAL B 750 -8.84 41.51 -21.60
N ASN B 751 -9.80 42.19 -22.25
CA ASN B 751 -10.10 43.58 -21.89
C ASN B 751 -10.69 43.68 -20.50
N ASP B 752 -11.60 42.77 -20.14
CA ASP B 752 -12.20 42.79 -18.81
C ASP B 752 -11.16 42.53 -17.73
N LEU B 753 -10.07 41.83 -18.06
CA LEU B 753 -9.04 41.54 -17.09
C LEU B 753 -8.10 42.72 -16.85
N LYS B 754 -7.75 43.45 -17.92
CA LYS B 754 -6.86 44.59 -17.76
C LYS B 754 -7.49 45.70 -16.92
N ARG B 755 -8.82 45.81 -16.96
CA ARG B 755 -9.51 46.84 -16.19
C ARG B 755 -9.57 46.53 -14.70
N LYS B 756 -9.35 45.27 -14.31
CA LYS B 756 -9.40 44.86 -12.91
C LYS B 756 -8.05 45.06 -12.24
N SER B 757 -8.08 45.27 -10.93
CA SER B 757 -6.89 45.41 -10.13
C SER B 757 -6.55 44.10 -9.44
N PRO B 758 -5.30 43.93 -9.00
CA PRO B 758 -4.97 42.74 -8.19
C PRO B 758 -5.84 42.58 -6.97
N SER B 759 -6.31 43.68 -6.38
CA SER B 759 -7.23 43.57 -5.25
C SER B 759 -8.60 43.05 -5.68
N ASP B 760 -9.04 43.40 -6.89
CA ASP B 760 -10.31 42.88 -7.39
C ASP B 760 -10.25 41.37 -7.58
N LEU B 761 -9.16 40.86 -8.15
CA LEU B 761 -9.01 39.42 -8.33
C LEU B 761 -8.95 38.70 -6.99
N TRP B 762 -8.36 39.32 -5.98
CA TRP B 762 -8.29 38.70 -4.66
C TRP B 762 -9.67 38.63 -4.01
N LYS B 763 -10.44 39.71 -4.11
CA LYS B 763 -11.79 39.71 -3.53
C LYS B 763 -12.70 38.71 -4.23
N GLU B 764 -12.48 38.46 -5.52
CA GLU B 764 -13.26 37.45 -6.23
C GLU B 764 -12.97 36.06 -5.67
N ASP B 765 -11.69 35.76 -5.42
CA ASP B 765 -11.35 34.46 -4.84
C ASP B 765 -11.84 34.34 -3.41
N LEU B 766 -11.81 35.44 -2.66
CA LEU B 766 -12.30 35.40 -1.28
C LEU B 766 -13.80 35.17 -1.22
N ALA B 767 -14.55 35.82 -2.12
CA ALA B 767 -16.00 35.63 -2.13
C ALA B 767 -16.37 34.21 -2.54
N ALA B 768 -15.66 33.65 -3.53
CA ALA B 768 -15.92 32.28 -3.96
C ALA B 768 -15.56 31.28 -2.87
N PHE B 769 -14.55 31.58 -2.07
CA PHE B 769 -14.17 30.68 -0.99
C PHE B 769 -15.19 30.72 0.15
N VAL B 770 -15.66 31.91 0.51
CA VAL B 770 -16.63 32.03 1.60
C VAL B 770 -17.95 31.37 1.23
N GLU B 771 -18.34 31.47 -0.04
CA GLU B 771 -19.60 30.87 -0.48
C GLU B 771 -19.57 29.35 -0.31
N GLU B 772 -18.47 28.72 -0.71
CA GLU B 772 -18.35 27.27 -0.55
C GLU B 772 -18.09 26.88 0.90
N LEU B 773 -17.40 27.73 1.66
CA LEU B 773 -17.19 27.45 3.08
C LEU B 773 -18.50 27.41 3.83
N ASP B 774 -19.46 28.26 3.47
CA ASP B 774 -20.76 28.24 4.11
C ASP B 774 -21.52 26.97 3.76
N LYS B 775 -21.44 26.53 2.50
CA LYS B 775 -22.15 25.33 2.08
C LYS B 775 -21.56 24.08 2.71
N VAL B 776 -20.23 23.96 2.72
CA VAL B 776 -19.58 22.76 3.25
C VAL B 776 -19.84 22.64 4.75
N GLU B 777 -19.65 23.73 5.49
CA GLU B 777 -19.86 23.69 6.93
C GLU B 777 -21.32 23.50 7.30
N SER B 778 -22.26 23.90 6.42
CA SER B 778 -23.66 23.65 6.69
C SER B 778 -24.01 22.18 6.50
N GLN B 779 -23.44 21.55 5.46
CA GLN B 779 -23.66 20.13 5.27
C GLN B 779 -23.03 19.29 6.37
N GLU B 780 -21.93 19.78 6.97
CA GLU B 780 -21.29 19.04 8.06
C GLU B 780 -22.18 19.01 9.30
N ARG B 781 -22.90 20.10 9.57
CA ARG B 781 -23.79 20.12 10.72
C ARG B 781 -24.99 19.21 10.53
N GLU B 782 -25.43 19.02 9.28
CA GLU B 782 -26.56 18.15 9.01
C GLU B 782 -26.16 16.68 9.04
N ASP B 783 -25.02 16.34 8.42
CA ASP B 783 -24.54 14.97 8.37
C ASP B 783 -24.16 14.47 9.76
CL1 N2R G . 1.90 -10.01 3.27
CL2 N2R G . 3.81 -12.43 1.60
PT N2R G . 3.13 -11.89 3.73
C01 N2R G . -3.18 -9.61 14.55
C02 N2R G . 3.53 -12.49 6.54
O02 N2R G . -4.01 -9.05 13.55
C03 N2R G . -4.81 -9.99 12.90
C04 N2R G . -4.23 -11.06 12.21
C05 N2R G . -5.03 -11.98 11.56
C06 N2R G . -4.43 -13.11 10.83
C07 N2R G . -3.12 -13.62 11.62
C08 N2R G . -3.33 -14.13 13.01
C09 N2R G . -2.14 -14.61 13.79
N09 N2R G . 4.21 -13.51 4.26
C10 N2R G . 3.90 -13.80 5.70
O10 N2R G . -2.03 -15.14 15.08
C11 N2R G . -0.66 -15.28 15.36
O12 N2R G . 0.05 -15.08 14.17
C13 N2R G . -0.86 -14.57 13.22
N13 N2R G . 2.62 -11.53 5.64
C14 N2R G . -0.67 -14.05 11.82
C15 N2R G . -1.85 -13.57 11.04
C16 N2R G . -1.68 -13.04 9.65
N17 N2R G . -0.44 -12.42 9.55
C18 N2R G . 0.35 -12.56 8.33
O19 N2R G . -0.07 -13.20 7.43
C20 N2R G . 1.71 -11.88 8.22
C21 N2R G . 2.80 -12.88 7.83
C29 N2R G . -2.76 -12.08 9.26
C30 N2R G . -2.81 -11.36 7.94
O31 N2R G . -4.24 -11.13 7.60
C32 N2R G . -5.07 -12.00 8.51
O33 N2R G . -6.26 -12.10 8.51
C34 N2R G . -4.11 -12.72 9.41
C35 N2R G . -6.41 -11.86 11.60
C36 N2R G . -7.00 -10.80 12.30
O37 N2R G . -8.39 -10.69 12.32
C38 N2R G . -8.95 -10.25 11.12
C39 N2R G . -6.20 -9.88 12.94
O40 N2R G . -6.78 -8.81 13.63
C01 N2N H . -3.18 -9.62 14.56
O02 N2N H . -4.02 -9.07 13.57
C03 N2N H . -4.83 -10.02 12.93
C04 N2N H . -4.25 -11.08 12.25
C05 N2N H . -5.05 -12.01 11.61
C06 N2N H . -4.45 -13.14 10.89
C07 N2N H . -3.15 -13.63 11.69
C08 N2N H . -3.34 -14.18 13.06
C09 N2N H . -2.15 -14.64 13.85
O10 N2N H . -2.04 -15.19 15.13
C11 N2N H . -0.68 -15.30 15.41
O12 N2N H . 0.04 -15.07 14.22
C13 N2N H . -0.88 -14.57 13.29
C14 N2N H . -0.68 -14.02 11.91
C15 N2N H . -1.87 -13.55 11.12
C16 N2N H . -1.69 -12.99 9.73
N17 N2N H . -0.49 -12.29 9.68
C18 N2N H . 0.33 -12.38 8.48
O19 N2N H . -0.04 -13.03 7.57
C20 N2N H . 1.66 -11.61 8.40
C21 N2N H . 2.78 -12.45 7.78
C29 N2N H . -2.80 -12.09 9.30
C30 N2N H . -2.86 -11.40 7.97
O31 N2N H . -4.31 -11.23 7.63
C32 N2N H . -5.11 -12.09 8.55
O33 N2N H . -6.31 -12.22 8.55
C34 N2N H . -4.13 -12.76 9.47
C35 N2N H . -6.43 -11.88 11.64
C36 N2N H . -7.02 -10.82 12.32
O37 N2N H . -8.41 -10.70 12.34
C38 N2N H . -8.96 -10.29 11.12
C39 N2N H . -6.21 -9.88 12.96
O40 N2N H . -6.80 -8.81 13.64
CL1 N2N H . 1.89 -10.19 2.87
CL2 N2N H . 4.17 -12.59 1.69
PT1 N2N H . 3.27 -11.84 3.67
C02 N2N H . 2.57 -12.71 6.29
N09 N2N H . 4.43 -13.23 4.53
C10 N2N H . 3.66 -13.73 5.72
N13 N2N H . 2.57 -11.33 5.47
MG MG I . -14.24 -10.82 5.41
MG MG J . 3.28 -23.40 -8.10
CL1 N2R K . 1.16 4.50 9.81
CL2 N2R K . -1.10 6.57 11.52
PT N2R K . 0.39 4.86 11.94
C01 N2R K . 9.49 -3.35 14.37
C02 N2R K . 1.04 2.77 13.80
O02 N2R K . 9.89 -2.91 13.10
C03 N2R K . 10.55 -1.67 13.12
C04 N2R K . 9.94 -0.56 13.70
C05 N2R K . 10.58 0.67 13.70
C06 N2R K . 9.96 1.85 14.32
C07 N2R K . 9.11 1.40 15.59
C08 N2R K . 9.87 0.83 16.76
C09 N2R K . 9.13 0.40 17.98
N09 N2R K . -0.22 5.07 13.84
C10 N2R K . 0.33 3.92 14.64
O10 N2R K . 9.57 -0.16 19.19
C11 N2R K . 8.43 -0.44 19.96
O12 N2R K . 7.31 0.06 19.28
C13 N2R K . 7.73 0.53 18.04
N13 N2R K . 1.65 3.40 12.46
C14 N2R K . 6.99 1.11 16.88
C15 N2R K . 7.72 1.55 15.65
C16 N2R K . 6.97 2.13 14.47
N17 N2R K . 5.76 1.47 14.35
C18 N2R K . 4.56 2.19 13.95
O19 N2R K . 4.61 3.35 13.73
C20 N2R K . 3.22 1.45 13.81
C21 N2R K . 2.12 2.09 14.65
C29 N2R K . 7.72 2.01 13.18
C30 N2R K . 7.20 2.53 11.87
O31 N2R K . 8.39 2.87 11.03
C32 N2R K . 9.59 2.95 11.93
O33 N2R K . 10.70 3.25 11.62
C34 N2R K . 9.11 2.57 13.31
C35 N2R K . 11.84 0.78 13.12
C36 N2R K . 12.44 -0.32 12.54
O37 N2R K . 13.71 -0.18 11.96
C38 N2R K . 13.70 0.54 10.76
C39 N2R K . 11.80 -1.55 12.53
O40 N2R K . 12.41 -2.66 11.94
MG MG L . 16.63 5.73 5.99
C01 N2N M . 9.50 -3.39 14.37
O02 N2N M . 9.91 -2.94 13.10
C03 N2N M . 10.57 -1.70 13.12
C04 N2N M . 9.97 -0.60 13.71
C05 N2N M . 10.61 0.63 13.73
C06 N2N M . 10.00 1.80 14.35
C07 N2N M . 9.15 1.36 15.64
C08 N2N M . 9.91 0.78 16.79
C09 N2N M . 9.17 0.33 18.01
O10 N2N M . 9.62 -0.23 19.22
C11 N2N M . 8.48 -0.48 20.01
O12 N2N M . 7.35 -0.02 19.31
C13 N2N M . 7.78 0.46 18.08
C14 N2N M . 7.02 1.04 16.91
C15 N2N M . 7.76 1.49 15.68
C16 N2N M . 7.00 2.06 14.52
N17 N2N M . 5.80 1.39 14.37
C18 N2N M . 4.61 2.13 13.99
O19 N2N M . 4.68 3.29 13.80
C20 N2N M . 3.27 1.40 13.83
C21 N2N M . 2.10 2.16 14.45
C29 N2N M . 7.76 1.99 13.22
C30 N2N M . 7.24 2.51 11.92
O31 N2N M . 8.43 2.88 11.08
C32 N2N M . 9.62 2.93 12.00
O33 N2N M . 10.74 3.24 11.68
C34 N2N M . 9.14 2.54 13.36
C35 N2N M . 11.87 0.75 13.14
C36 N2N M . 12.47 -0.35 12.55
O37 N2N M . 13.73 -0.21 11.95
C38 N2N M . 13.72 0.56 10.78
C39 N2N M . 11.82 -1.58 12.53
O40 N2N M . 12.43 -2.69 11.92
CL1 N2N M . 0.77 4.45 9.65
CL2 N2N M . -1.31 6.55 11.57
PT1 N2N M . 0.06 4.73 11.82
C02 N2N M . 1.78 3.45 13.70
N09 N2N M . -0.46 4.82 13.74
C10 N2N M . 0.74 4.36 14.52
N13 N2N M . 1.22 3.15 12.23
MG MG N . 11.69 15.77 26.86
MG MG O . -3.10 20.00 13.69
MG MG P . -4.29 -31.36 8.48
#